data_6KJ9
#
_entry.id   6KJ9
#
_cell.length_a   81.758
_cell.length_b   96.729
_cell.length_c   121.694
_cell.angle_alpha   90.000
_cell.angle_beta   94.161
_cell.angle_gamma   90.000
#
_symmetry.space_group_name_H-M   'P 1 21 1'
#
loop_
_entity.id
_entity.type
_entity.pdbx_description
1 polymer 'Aspartate carbamoyltransferase catalytic subunit'
2 water water
#
_entity_poly.entity_id   1
_entity_poly.type   'polypeptide(L)'
_entity_poly.pdbx_seq_one_letter_code
;ANPLYQKHIISINDLSRDDLNLVLATAAKLKANPQPELLKHKVIASCFFEASTRTRLSFETSMHRLGASVVGFSDSANTS
LGKKGETLADTISVISTYVDAIVMRHPQEGAARLATEFSGNVPVLNAADASNQHPTQTLLDLFTIQETQGRLDNLHVAMV
GDLKYGRTVHSLTQALAKFDGNRFYFIAPDALAMPQYILDMLDEKGIAWSLHSSIEEVMAEVDILYMTRVQKERLDPSEY
ANVKAQFVLRASDLHNAKANMKVLHPLPRVDEIATDVDKTPHAWYFQQAGNGIFARQALLALVLNRDLVL
;
_entity_poly.pdbx_strand_id   A,B,C,D,E,F
#
# COMPACT_ATOMS: atom_id res chain seq x y z
N ASN A 2 32.57 -8.53 -37.75
CA ASN A 2 32.52 -7.12 -37.39
C ASN A 2 33.21 -6.88 -36.05
N PRO A 3 33.52 -5.62 -35.73
CA PRO A 3 34.27 -5.35 -34.49
C PRO A 3 33.46 -5.53 -33.21
N LEU A 4 32.13 -5.64 -33.30
CA LEU A 4 31.25 -5.73 -32.15
C LEU A 4 30.77 -7.15 -31.85
N TYR A 5 31.19 -8.14 -32.62
CA TYR A 5 30.69 -9.50 -32.43
C TYR A 5 30.96 -9.97 -31.00
N GLN A 6 29.90 -10.46 -30.34
CA GLN A 6 29.97 -10.95 -28.96
C GLN A 6 30.51 -9.91 -27.99
N LYS A 7 30.30 -8.64 -28.29
CA LYS A 7 30.69 -7.57 -27.39
C LYS A 7 29.56 -7.25 -26.41
N HIS A 8 29.93 -6.94 -25.18
CA HIS A 8 28.97 -6.39 -24.24
C HIS A 8 28.71 -4.93 -24.58
N ILE A 9 27.47 -4.50 -24.41
CA ILE A 9 27.10 -3.10 -24.60
C ILE A 9 26.53 -2.64 -23.26
N ILE A 10 27.42 -2.19 -22.37
CA ILE A 10 27.02 -1.72 -21.05
C ILE A 10 27.01 -0.20 -20.97
N SER A 11 27.96 0.44 -21.64
CA SER A 11 28.07 1.88 -21.65
C SER A 11 28.33 2.33 -23.08
N ILE A 12 27.83 3.54 -23.40
CA ILE A 12 28.15 4.11 -24.71
C ILE A 12 29.66 4.32 -24.82
N ASN A 13 30.35 4.52 -23.69
CA ASN A 13 31.78 4.76 -23.71
C ASN A 13 32.58 3.52 -24.08
N ASP A 14 31.97 2.34 -24.03
CA ASP A 14 32.63 1.13 -24.50
C ASP A 14 32.77 1.09 -26.02
N LEU A 15 32.24 2.09 -26.72
CA LEU A 15 32.26 2.15 -28.17
C LEU A 15 33.22 3.24 -28.62
N SER A 16 34.13 2.89 -29.52
CA SER A 16 34.96 3.90 -30.18
C SER A 16 34.10 4.70 -31.15
N ARG A 17 34.66 5.79 -31.67
CA ARG A 17 33.98 6.52 -32.75
C ARG A 17 33.66 5.60 -33.93
N ASP A 18 34.59 4.70 -34.27
CA ASP A 18 34.33 3.75 -35.35
C ASP A 18 33.24 2.76 -34.98
N ASP A 19 33.28 2.21 -33.75
CA ASP A 19 32.18 1.35 -33.29
C ASP A 19 30.85 2.07 -33.39
N LEU A 20 30.83 3.33 -32.95
CA LEU A 20 29.60 4.13 -32.96
C LEU A 20 29.10 4.35 -34.38
N ASN A 21 30.02 4.67 -35.30
CA ASN A 21 29.64 4.84 -36.70
C ASN A 21 29.07 3.55 -37.26
N LEU A 22 29.65 2.40 -36.88
CA LEU A 22 29.15 1.12 -37.35
C LEU A 22 27.74 0.87 -36.86
N VAL A 23 27.48 1.13 -35.57
CA VAL A 23 26.14 0.95 -35.03
C VAL A 23 25.13 1.84 -35.75
N LEU A 24 25.51 3.10 -35.99
CA LEU A 24 24.56 4.01 -36.64
C LEU A 24 24.31 3.60 -38.09
N ALA A 25 25.38 3.21 -38.81
CA ALA A 25 25.22 2.76 -40.19
C ALA A 25 24.37 1.51 -40.27
N THR A 26 24.60 0.56 -39.35
CA THR A 26 23.78 -0.65 -39.31
C THR A 26 22.32 -0.33 -39.03
N ALA A 27 22.07 0.63 -38.13
CA ALA A 27 20.70 1.04 -37.88
C ALA A 27 20.05 1.56 -39.15
N ALA A 28 20.77 2.42 -39.89
CA ALA A 28 20.20 2.96 -41.13
C ALA A 28 19.93 1.85 -42.15
N LYS A 29 20.84 0.86 -42.22
CA LYS A 29 20.68 -0.25 -43.16
C LYS A 29 19.48 -1.12 -42.80
N LEU A 30 19.27 -1.38 -41.51
CA LEU A 30 18.15 -2.20 -41.09
C LEU A 30 16.83 -1.46 -41.24
N LYS A 31 16.83 -0.13 -41.05
CA LYS A 31 15.63 0.63 -41.34
C LYS A 31 15.28 0.56 -42.82
N ALA A 32 16.30 0.64 -43.69
CA ALA A 32 16.01 0.65 -45.13
C ALA A 32 15.68 -0.75 -45.68
N ASN A 33 16.49 -1.74 -45.34
CA ASN A 33 16.29 -3.10 -45.84
C ASN A 33 16.25 -4.04 -44.64
N PRO A 34 15.07 -4.37 -44.14
CA PRO A 34 14.98 -5.24 -42.96
C PRO A 34 15.58 -6.59 -43.23
N GLN A 35 16.15 -7.18 -42.18
CA GLN A 35 16.72 -8.51 -42.24
C GLN A 35 15.93 -9.39 -41.28
N PRO A 36 14.70 -9.75 -41.66
CA PRO A 36 13.81 -10.38 -40.69
C PRO A 36 14.22 -11.79 -40.32
N GLU A 37 15.26 -12.39 -40.91
CA GLU A 37 15.61 -13.68 -40.33
C GLU A 37 17.07 -13.77 -39.93
N LEU A 38 17.71 -12.63 -39.69
CA LEU A 38 19.13 -12.63 -39.39
C LEU A 38 19.43 -13.47 -38.16
N LEU A 39 18.55 -13.43 -37.15
CA LEU A 39 18.71 -14.17 -35.89
C LEU A 39 17.66 -15.26 -35.71
N LYS A 40 17.34 -15.99 -36.78
CA LYS A 40 16.25 -16.98 -36.73
C LYS A 40 16.41 -17.98 -35.59
N HIS A 41 17.61 -18.51 -35.39
CA HIS A 41 17.83 -19.57 -34.42
C HIS A 41 18.40 -19.06 -33.10
N LYS A 42 18.36 -17.75 -32.85
CA LYS A 42 18.80 -17.19 -31.59
C LYS A 42 17.66 -17.09 -30.59
N VAL A 43 18.00 -17.27 -29.31
CA VAL A 43 17.09 -17.09 -28.21
C VAL A 43 17.70 -16.02 -27.30
N ILE A 44 16.92 -14.99 -26.99
CA ILE A 44 17.38 -13.83 -26.25
C ILE A 44 16.55 -13.69 -25.00
N ALA A 45 17.21 -13.45 -23.88
CA ALA A 45 16.53 -13.21 -22.60
C ALA A 45 16.32 -11.72 -22.42
N SER A 46 15.07 -11.34 -22.21
CA SER A 46 14.66 -9.99 -21.88
C SER A 46 14.44 -9.99 -20.37
N CYS A 47 15.45 -9.53 -19.64
CA CYS A 47 15.44 -9.65 -18.18
C CYS A 47 15.26 -8.27 -17.59
N PHE A 48 14.02 -7.91 -17.30
CA PHE A 48 13.74 -6.61 -16.71
C PHE A 48 13.53 -6.81 -15.20
N PHE A 49 14.67 -6.91 -14.49
CA PHE A 49 14.64 -6.90 -13.03
C PHE A 49 13.91 -5.67 -12.54
N GLU A 50 14.02 -4.57 -13.28
CA GLU A 50 13.23 -3.39 -13.07
C GLU A 50 12.27 -3.25 -14.24
N ALA A 51 10.98 -3.10 -13.94
CA ALA A 51 9.97 -3.00 -14.98
C ALA A 51 10.16 -1.74 -15.82
N SER A 52 9.91 -1.87 -17.12
CA SER A 52 9.84 -0.70 -17.99
C SER A 52 9.16 -1.11 -19.30
N THR A 53 7.84 -0.91 -19.35
CA THR A 53 7.06 -1.35 -20.50
C THR A 53 7.57 -0.70 -21.78
N ARG A 54 7.84 0.61 -21.74
CA ARG A 54 8.37 1.33 -22.88
C ARG A 54 9.53 0.57 -23.52
N THR A 55 10.59 0.41 -22.73
CA THR A 55 11.84 -0.11 -23.23
C THR A 55 11.72 -1.58 -23.57
N ARG A 56 10.99 -2.36 -22.76
CA ARG A 56 10.87 -3.78 -23.04
C ARG A 56 10.14 -4.01 -24.35
N LEU A 57 9.03 -3.30 -24.58
CA LEU A 57 8.31 -3.51 -25.83
C LEU A 57 9.19 -3.12 -27.02
N SER A 58 9.96 -2.03 -26.89
CA SER A 58 10.86 -1.64 -27.98
C SER A 58 11.94 -2.69 -28.24
N PHE A 59 12.65 -3.08 -27.18
CA PHE A 59 13.73 -4.07 -27.30
C PHE A 59 13.22 -5.40 -27.84
N GLU A 60 12.08 -5.88 -27.30
CA GLU A 60 11.56 -7.16 -27.72
C GLU A 60 11.08 -7.10 -29.17
N THR A 61 10.53 -5.96 -29.59
CA THR A 61 10.20 -5.79 -30.99
C THR A 61 11.46 -5.86 -31.86
N SER A 62 12.55 -5.23 -31.43
CA SER A 62 13.82 -5.38 -32.17
C SER A 62 14.19 -6.85 -32.32
N MET A 63 14.09 -7.59 -31.21
CA MET A 63 14.41 -9.01 -31.24
C MET A 63 13.56 -9.72 -32.30
N HIS A 64 12.25 -9.47 -32.30
CA HIS A 64 11.40 -10.18 -33.28
C HIS A 64 11.62 -9.70 -34.71
N ARG A 65 11.89 -8.40 -34.91
CA ARG A 65 12.15 -7.94 -36.26
C ARG A 65 13.41 -8.58 -36.82
N LEU A 66 14.31 -9.06 -35.95
CA LEU A 66 15.43 -9.83 -36.45
C LEU A 66 15.18 -11.34 -36.48
N GLY A 67 13.98 -11.79 -36.11
CA GLY A 67 13.65 -13.20 -36.17
C GLY A 67 14.03 -14.01 -34.96
N ALA A 68 14.49 -13.37 -33.89
CA ALA A 68 14.90 -14.10 -32.70
C ALA A 68 13.68 -14.46 -31.85
N SER A 69 13.84 -15.47 -31.02
CA SER A 69 12.86 -15.81 -29.99
C SER A 69 13.27 -15.14 -28.69
N VAL A 70 12.28 -14.95 -27.81
CA VAL A 70 12.45 -14.17 -26.59
C VAL A 70 11.92 -14.98 -25.43
N VAL A 71 12.70 -15.07 -24.36
CA VAL A 71 12.19 -15.50 -23.07
C VAL A 71 12.58 -14.43 -22.06
N GLY A 72 11.78 -14.26 -21.02
CA GLY A 72 12.15 -13.22 -20.08
C GLY A 72 11.11 -12.96 -19.02
N PHE A 73 11.33 -11.85 -18.31
CA PHE A 73 10.44 -11.44 -17.23
C PHE A 73 10.45 -9.92 -17.17
N SER A 74 9.36 -9.37 -16.62
CA SER A 74 9.08 -7.94 -16.70
C SER A 74 9.29 -7.23 -15.38
N ASP A 75 9.50 -7.96 -14.29
CA ASP A 75 9.70 -7.33 -12.99
C ASP A 75 10.31 -8.37 -12.06
N SER A 76 10.85 -7.89 -10.95
CA SER A 76 11.48 -8.74 -9.93
C SER A 76 12.71 -9.41 -10.50
N LYS A 84 13.83 -15.56 -1.43
CA LYS A 84 14.64 -16.76 -1.54
C LYS A 84 16.11 -16.43 -1.71
N GLY A 85 16.99 -17.37 -1.34
CA GLY A 85 18.42 -17.14 -1.40
C GLY A 85 19.02 -17.08 -2.79
N GLU A 86 18.38 -16.35 -3.71
CA GLU A 86 18.88 -16.21 -5.07
C GLU A 86 19.83 -15.02 -5.18
N THR A 87 20.81 -15.13 -6.08
CA THR A 87 21.83 -14.11 -6.28
C THR A 87 21.86 -13.66 -7.74
N LEU A 88 22.26 -12.40 -7.96
CA LEU A 88 22.40 -11.89 -9.32
C LEU A 88 23.49 -12.64 -10.10
N ALA A 89 24.64 -12.88 -9.46
CA ALA A 89 25.71 -13.62 -10.11
C ALA A 89 25.26 -15.04 -10.45
N ASP A 90 24.59 -15.72 -9.51
CA ASP A 90 24.10 -17.07 -9.77
C ASP A 90 23.01 -17.05 -10.83
N THR A 91 22.13 -16.05 -10.78
CA THR A 91 21.07 -15.94 -11.78
C THR A 91 21.65 -15.80 -13.17
N ILE A 92 22.70 -14.97 -13.32
CA ILE A 92 23.33 -14.80 -14.61
C ILE A 92 24.10 -16.05 -15.00
N SER A 93 24.79 -16.67 -14.04
CA SER A 93 25.50 -17.92 -14.31
C SER A 93 24.56 -18.98 -14.88
N VAL A 94 23.32 -19.01 -14.39
CA VAL A 94 22.36 -19.98 -14.90
C VAL A 94 21.84 -19.55 -16.27
N ILE A 95 21.34 -18.30 -16.36
CA ILE A 95 20.66 -17.85 -17.57
C ILE A 95 21.61 -17.88 -18.77
N SER A 96 22.87 -17.53 -18.56
CA SER A 96 23.82 -17.54 -19.68
C SER A 96 24.08 -18.94 -20.23
N THR A 97 23.61 -20.01 -19.57
CA THR A 97 23.65 -21.33 -20.20
C THR A 97 22.44 -21.61 -21.08
N TYR A 98 21.35 -20.84 -20.97
CA TYR A 98 20.14 -21.04 -21.77
C TYR A 98 20.17 -20.35 -23.14
N VAL A 99 20.55 -19.08 -23.17
CA VAL A 99 20.22 -18.13 -24.23
C VAL A 99 21.49 -17.69 -24.93
N ASP A 100 21.32 -16.95 -26.04
CA ASP A 100 22.47 -16.50 -26.82
C ASP A 100 22.88 -15.07 -26.52
N ALA A 101 22.00 -14.29 -25.91
CA ALA A 101 22.29 -12.92 -25.49
C ALA A 101 21.36 -12.57 -24.34
N ILE A 102 21.81 -11.66 -23.49
CA ILE A 102 21.05 -11.23 -22.33
C ILE A 102 20.83 -9.73 -22.43
N VAL A 103 19.57 -9.31 -22.58
CA VAL A 103 19.19 -7.90 -22.51
C VAL A 103 18.65 -7.63 -21.12
N MET A 104 19.27 -6.72 -20.38
CA MET A 104 18.89 -6.56 -18.98
C MET A 104 18.77 -5.10 -18.58
N ARG A 105 17.73 -4.82 -17.79
CA ARG A 105 17.52 -3.55 -17.09
C ARG A 105 17.39 -3.88 -15.62
N HIS A 106 18.23 -3.25 -14.79
CA HIS A 106 18.35 -3.55 -13.37
C HIS A 106 18.39 -2.26 -12.57
N PRO A 107 17.70 -2.20 -11.43
CA PRO A 107 17.63 -0.92 -10.68
C PRO A 107 18.97 -0.43 -10.14
N GLN A 108 19.93 -1.31 -9.85
CA GLN A 108 21.21 -0.85 -9.34
C GLN A 108 22.18 -0.58 -10.49
N GLU A 109 22.79 0.60 -10.48
CA GLU A 109 23.83 0.92 -11.43
C GLU A 109 25.03 -0.01 -11.22
N GLY A 110 25.65 -0.43 -12.30
CA GLY A 110 26.73 -1.40 -12.21
C GLY A 110 26.28 -2.85 -12.26
N ALA A 111 24.98 -3.13 -12.16
CA ALA A 111 24.53 -4.51 -12.15
C ALA A 111 24.78 -5.19 -13.49
N ALA A 112 24.50 -4.50 -14.60
CA ALA A 112 24.73 -5.08 -15.92
C ALA A 112 26.21 -5.37 -16.14
N ARG A 113 27.07 -4.41 -15.76
CA ARG A 113 28.51 -4.62 -15.84
C ARG A 113 28.93 -5.82 -15.01
N LEU A 114 28.37 -5.95 -13.80
CA LEU A 114 28.68 -7.11 -12.97
C LEU A 114 28.24 -8.39 -13.65
N ALA A 115 27.10 -8.36 -14.33
CA ALA A 115 26.58 -9.55 -15.00
C ALA A 115 27.53 -10.03 -16.09
N THR A 116 28.19 -9.09 -16.80
CA THR A 116 29.12 -9.54 -17.83
C THR A 116 30.26 -10.41 -17.24
N GLU A 117 30.50 -10.33 -15.93
CA GLU A 117 31.54 -11.14 -15.31
C GLU A 117 31.15 -12.60 -15.13
N PHE A 118 29.86 -12.93 -15.24
CA PHE A 118 29.41 -14.30 -15.01
C PHE A 118 28.69 -14.88 -16.23
N SER A 119 28.67 -14.18 -17.36
CA SER A 119 27.90 -14.59 -18.52
C SER A 119 28.71 -15.42 -19.52
N GLY A 120 30.01 -15.58 -19.30
CA GLY A 120 30.80 -16.32 -20.26
C GLY A 120 30.80 -15.63 -21.61
N ASN A 121 30.59 -16.40 -22.66
CA ASN A 121 30.55 -15.85 -24.01
C ASN A 121 29.19 -15.23 -24.36
N VAL A 122 28.24 -15.22 -23.45
CA VAL A 122 26.93 -14.67 -23.77
C VAL A 122 26.99 -13.15 -23.58
N PRO A 123 26.79 -12.38 -24.63
CA PRO A 123 26.87 -10.92 -24.49
C PRO A 123 25.68 -10.36 -23.71
N VAL A 124 25.96 -9.34 -22.91
CA VAL A 124 24.97 -8.64 -22.09
C VAL A 124 24.77 -7.25 -22.68
N LEU A 125 23.51 -6.85 -22.84
CA LEU A 125 23.17 -5.52 -23.33
C LEU A 125 22.38 -4.78 -22.27
N ASN A 126 22.86 -3.61 -21.88
CA ASN A 126 22.23 -2.82 -20.84
C ASN A 126 21.01 -2.11 -21.42
N ALA A 127 19.85 -2.37 -20.84
CA ALA A 127 18.59 -1.84 -21.35
C ALA A 127 18.09 -0.66 -20.55
N ALA A 128 18.96 0.00 -19.80
CA ALA A 128 18.52 1.17 -19.05
C ALA A 128 18.23 2.33 -20.00
N ASP A 129 17.29 3.18 -19.60
CA ASP A 129 16.98 4.38 -20.37
C ASP A 129 17.26 5.68 -19.63
N ALA A 130 17.58 5.65 -18.32
CA ALA A 130 17.79 6.94 -17.66
C ALA A 130 18.85 7.01 -16.56
N SER A 131 19.54 5.93 -16.19
CA SER A 131 20.49 6.16 -15.09
C SER A 131 21.79 6.76 -15.62
N ASN A 132 22.91 6.46 -14.97
CA ASN A 132 24.16 7.05 -15.43
C ASN A 132 24.63 6.44 -16.74
N GLN A 133 24.08 5.29 -17.11
CA GLN A 133 24.48 4.58 -18.32
C GLN A 133 23.19 4.08 -18.93
N HIS A 134 22.84 4.63 -20.10
CA HIS A 134 21.66 4.25 -20.86
C HIS A 134 22.03 4.17 -22.34
N PRO A 135 22.92 3.25 -22.71
CA PRO A 135 23.55 3.33 -24.04
C PRO A 135 22.57 3.33 -25.21
N THR A 136 21.50 2.53 -25.15
CA THR A 136 20.58 2.48 -26.29
C THR A 136 19.76 3.76 -26.40
N GLN A 137 19.54 4.46 -25.29
CA GLN A 137 18.88 5.75 -25.36
C GLN A 137 19.74 6.78 -26.07
N THR A 138 21.03 6.86 -25.70
CA THR A 138 21.92 7.78 -26.40
C THR A 138 22.05 7.39 -27.86
N LEU A 139 22.10 6.09 -28.15
CA LEU A 139 22.26 5.66 -29.53
C LEU A 139 21.05 6.04 -30.36
N LEU A 140 19.83 5.87 -29.83
CA LEU A 140 18.66 6.27 -30.61
C LEU A 140 18.57 7.80 -30.74
N ASP A 141 18.99 8.56 -29.70
CA ASP A 141 19.06 10.02 -29.83
C ASP A 141 19.99 10.42 -30.98
N LEU A 142 21.23 9.91 -30.96
CA LEU A 142 22.19 10.22 -32.00
C LEU A 142 21.66 9.81 -33.38
N PHE A 143 21.04 8.63 -33.46
CA PHE A 143 20.52 8.15 -34.74
C PHE A 143 19.45 9.09 -35.26
N THR A 144 18.55 9.55 -34.39
CA THR A 144 17.51 10.48 -34.83
C THR A 144 18.11 11.80 -35.30
N ILE A 145 19.10 12.31 -34.56
CA ILE A 145 19.73 13.56 -34.96
C ILE A 145 20.36 13.41 -36.34
N GLN A 146 21.12 12.33 -36.54
CA GLN A 146 21.81 12.16 -37.81
C GLN A 146 20.84 11.93 -38.96
N GLU A 147 19.74 11.20 -38.72
CA GLU A 147 18.80 10.96 -39.79
C GLU A 147 18.09 12.25 -40.21
N THR A 148 17.70 13.08 -39.25
CA THR A 148 16.94 14.27 -39.62
C THR A 148 17.82 15.44 -40.04
N GLN A 149 19.08 15.48 -39.63
CA GLN A 149 19.97 16.58 -39.95
C GLN A 149 21.03 16.26 -40.99
N GLY A 150 21.21 14.98 -41.33
CA GLY A 150 22.20 14.56 -42.30
C GLY A 150 23.59 14.37 -41.75
N ARG A 151 23.81 14.63 -40.46
CA ARG A 151 25.15 14.64 -39.88
C ARG A 151 25.06 14.70 -38.37
N LEU A 152 26.20 14.47 -37.73
CA LEU A 152 26.37 14.70 -36.29
C LEU A 152 27.39 15.80 -36.02
N ASP A 153 27.91 16.45 -37.07
CA ASP A 153 28.85 17.55 -36.99
C ASP A 153 28.14 18.86 -37.30
N ASN A 154 28.73 19.96 -36.85
CA ASN A 154 28.29 21.32 -37.18
C ASN A 154 26.80 21.51 -36.94
N LEU A 155 26.36 21.18 -35.74
CA LEU A 155 24.95 21.29 -35.42
C LEU A 155 24.74 22.29 -34.30
N HIS A 156 23.53 22.84 -34.26
CA HIS A 156 23.04 23.69 -33.18
C HIS A 156 21.99 22.89 -32.43
N VAL A 157 22.33 22.54 -31.18
CA VAL A 157 21.53 21.65 -30.35
C VAL A 157 21.25 22.38 -29.05
N ALA A 158 19.97 22.50 -28.71
CA ALA A 158 19.54 23.10 -27.46
C ALA A 158 19.04 22.00 -26.52
N MET A 159 19.43 22.12 -25.25
CA MET A 159 19.01 21.20 -24.20
C MET A 159 18.19 22.01 -23.20
N VAL A 160 16.96 21.56 -22.94
CA VAL A 160 15.99 22.35 -22.17
C VAL A 160 15.50 21.53 -20.98
N GLY A 161 15.44 22.16 -19.81
CA GLY A 161 14.79 21.56 -18.66
C GLY A 161 15.74 21.40 -17.49
N ASP A 162 15.55 20.30 -16.75
CA ASP A 162 16.40 19.98 -15.60
C ASP A 162 17.69 19.36 -16.13
N LEU A 163 18.68 20.20 -16.36
CA LEU A 163 19.94 19.73 -16.91
C LEU A 163 20.91 19.22 -15.86
N LYS A 164 20.58 19.39 -14.58
CA LYS A 164 21.42 18.85 -13.53
C LYS A 164 21.22 17.35 -13.38
N TYR A 165 19.97 16.90 -13.46
CA TYR A 165 19.64 15.49 -13.32
C TYR A 165 19.09 14.86 -14.60
N GLY A 166 18.91 15.64 -15.68
CA GLY A 166 18.54 15.04 -16.94
C GLY A 166 19.74 14.31 -17.53
N ARG A 167 19.87 13.03 -17.19
CA ARG A 167 21.08 12.30 -17.53
C ARG A 167 21.16 11.96 -19.02
N THR A 168 20.03 11.90 -19.71
CA THR A 168 20.11 11.63 -21.14
C THR A 168 20.71 12.80 -21.87
N VAL A 169 20.51 14.01 -21.32
CA VAL A 169 21.20 15.20 -21.84
C VAL A 169 22.70 15.09 -21.61
N HIS A 170 23.10 14.59 -20.43
CA HIS A 170 24.52 14.41 -20.14
C HIS A 170 25.16 13.49 -21.17
N SER A 171 24.59 12.29 -21.36
CA SER A 171 25.12 11.36 -22.33
C SER A 171 25.11 11.94 -23.74
N LEU A 172 24.01 12.60 -24.13
CA LEU A 172 23.90 13.12 -25.49
C LEU A 172 24.92 14.22 -25.76
N THR A 173 25.12 15.14 -24.80
CA THR A 173 26.14 16.17 -24.96
C THR A 173 27.53 15.55 -25.07
N GLN A 174 27.83 14.57 -24.21
CA GLN A 174 29.17 13.98 -24.29
C GLN A 174 29.37 13.26 -25.63
N ALA A 175 28.32 12.63 -26.15
CA ALA A 175 28.44 11.92 -27.42
C ALA A 175 28.59 12.91 -28.58
N LEU A 176 27.83 14.01 -28.54
CA LEU A 176 27.93 15.02 -29.59
C LEU A 176 29.29 15.73 -29.55
N ALA A 177 29.88 15.87 -28.37
CA ALA A 177 31.18 16.53 -28.23
C ALA A 177 32.30 15.75 -28.91
N LYS A 178 32.10 14.47 -29.19
CA LYS A 178 33.11 13.70 -29.92
C LYS A 178 33.13 14.02 -31.40
N PHE A 179 32.18 14.82 -31.88
CA PHE A 179 32.14 15.28 -33.26
C PHE A 179 32.54 16.76 -33.33
N ASP A 180 32.76 17.24 -34.55
CA ASP A 180 33.32 18.56 -34.77
C ASP A 180 32.25 19.60 -35.03
N GLY A 181 32.48 20.81 -34.51
CA GLY A 181 31.73 21.99 -34.87
C GLY A 181 30.37 22.13 -34.26
N ASN A 182 30.02 21.34 -33.24
CA ASN A 182 28.72 21.45 -32.63
C ASN A 182 28.66 22.61 -31.65
N ARG A 183 27.50 23.24 -31.56
CA ARG A 183 27.26 24.34 -30.64
C ARG A 183 26.02 24.05 -29.80
N PHE A 184 26.15 24.21 -28.48
CA PHE A 184 25.12 23.81 -27.53
C PHE A 184 24.50 25.03 -26.87
N TYR A 185 23.20 24.95 -26.61
CA TYR A 185 22.47 25.98 -25.88
C TYR A 185 21.79 25.30 -24.71
N PHE A 186 22.11 25.73 -23.49
CA PHE A 186 21.62 25.13 -22.27
C PHE A 186 20.58 26.04 -21.64
N ILE A 187 19.33 25.60 -21.64
CA ILE A 187 18.21 26.36 -21.11
C ILE A 187 17.71 25.65 -19.85
N ALA A 188 17.95 26.24 -18.69
CA ALA A 188 17.64 25.57 -17.44
C ALA A 188 17.45 26.61 -16.35
N PRO A 189 16.67 26.31 -15.31
CA PRO A 189 16.74 27.12 -14.08
C PRO A 189 18.16 27.08 -13.54
N ASP A 190 18.54 28.14 -12.84
CA ASP A 190 19.92 28.24 -12.38
C ASP A 190 20.28 27.11 -11.40
N ALA A 191 19.32 26.64 -10.62
CA ALA A 191 19.57 25.52 -9.71
C ALA A 191 19.71 24.19 -10.44
N LEU A 192 19.32 24.12 -11.72
CA LEU A 192 19.36 22.88 -12.49
C LEU A 192 20.20 23.02 -13.76
N ALA A 193 21.40 23.60 -13.63
CA ALA A 193 22.30 23.81 -14.76
C ALA A 193 23.09 22.53 -15.08
N MET A 194 23.72 22.54 -16.26
CA MET A 194 24.56 21.42 -16.67
C MET A 194 25.67 21.16 -15.66
N PRO A 195 26.03 19.91 -15.41
CA PRO A 195 27.13 19.63 -14.47
C PRO A 195 28.41 20.32 -14.93
N GLN A 196 29.17 20.79 -13.95
CA GLN A 196 30.35 21.59 -14.26
C GLN A 196 31.39 20.79 -15.02
N TYR A 197 31.52 19.49 -14.72
CA TYR A 197 32.55 18.70 -15.39
C TYR A 197 32.29 18.57 -16.88
N ILE A 198 31.02 18.62 -17.29
CA ILE A 198 30.70 18.54 -18.71
C ILE A 198 31.02 19.86 -19.41
N LEU A 199 30.64 20.98 -18.81
CA LEU A 199 31.02 22.27 -19.37
C LEU A 199 32.54 22.39 -19.47
N ASP A 200 33.25 21.91 -18.45
CA ASP A 200 34.70 21.97 -18.50
C ASP A 200 35.24 21.10 -19.63
N MET A 201 34.65 19.90 -19.82
CA MET A 201 35.02 19.07 -20.95
C MET A 201 34.80 19.79 -22.28
N LEU A 202 33.70 20.55 -22.39
CA LEU A 202 33.42 21.25 -23.64
C LEU A 202 34.43 22.35 -23.89
N ASP A 203 34.80 23.07 -22.84
CA ASP A 203 35.87 24.05 -22.98
C ASP A 203 37.20 23.35 -23.27
N GLU A 204 37.45 22.19 -22.66
CA GLU A 204 38.76 21.56 -22.79
C GLU A 204 38.96 21.07 -24.22
N LYS A 205 37.86 20.79 -24.94
CA LYS A 205 37.87 20.47 -26.37
C LYS A 205 37.61 21.68 -27.25
N GLY A 206 37.45 22.86 -26.65
CA GLY A 206 37.13 24.06 -27.42
C GLY A 206 35.81 24.04 -28.14
N ILE A 207 34.75 23.58 -27.48
CA ILE A 207 33.40 23.57 -28.03
C ILE A 207 32.65 24.79 -27.54
N ALA A 208 31.93 25.45 -28.45
CA ALA A 208 31.23 26.67 -28.08
C ALA A 208 29.89 26.34 -27.45
N TRP A 209 29.57 27.03 -26.35
CA TRP A 209 28.29 26.84 -25.68
C TRP A 209 27.89 28.14 -24.99
N SER A 210 26.59 28.26 -24.73
CA SER A 210 26.04 29.43 -24.05
C SER A 210 24.89 29.01 -23.15
N LEU A 211 24.62 29.82 -22.12
CA LEU A 211 23.51 29.62 -21.21
C LEU A 211 22.36 30.58 -21.53
N HIS A 212 21.14 30.08 -21.33
CA HIS A 212 19.93 30.85 -21.60
C HIS A 212 18.87 30.44 -20.60
N SER A 213 17.89 31.33 -20.41
CA SER A 213 16.83 31.11 -19.44
C SER A 213 15.50 30.72 -20.06
N SER A 214 15.36 30.81 -21.38
CA SER A 214 14.09 30.52 -22.03
C SER A 214 14.31 30.07 -23.47
N ILE A 215 13.33 29.33 -23.99
CA ILE A 215 13.37 28.78 -25.35
C ILE A 215 13.28 29.89 -26.39
N GLU A 216 12.66 31.02 -26.03
CA GLU A 216 12.56 32.13 -26.96
C GLU A 216 13.90 32.63 -27.42
N GLU A 217 14.88 32.64 -26.53
CA GLU A 217 16.16 33.21 -26.87
C GLU A 217 16.80 32.50 -28.05
N VAL A 218 16.69 31.18 -28.08
CA VAL A 218 17.46 30.37 -29.03
C VAL A 218 16.62 29.82 -30.18
N MET A 219 15.28 29.93 -30.14
CA MET A 219 14.46 29.15 -31.08
C MET A 219 14.90 29.30 -32.53
N ALA A 220 15.38 30.48 -32.93
CA ALA A 220 15.73 30.74 -34.31
C ALA A 220 17.06 30.14 -34.74
N GLU A 221 17.89 29.69 -33.79
CA GLU A 221 19.23 29.22 -34.08
C GLU A 221 19.38 27.70 -34.09
N VAL A 222 18.40 26.96 -33.55
CA VAL A 222 18.59 25.56 -33.19
C VAL A 222 18.18 24.63 -34.32
N ASP A 223 18.97 23.58 -34.52
CA ASP A 223 18.60 22.47 -35.38
C ASP A 223 17.92 21.34 -34.61
N ILE A 224 18.25 21.17 -33.32
CA ILE A 224 17.65 20.13 -32.50
C ILE A 224 17.22 20.75 -31.18
N LEU A 225 15.98 20.50 -30.76
CA LEU A 225 15.48 20.98 -29.48
C LEU A 225 15.14 19.78 -28.60
N TYR A 226 16.04 19.42 -27.69
CA TYR A 226 15.90 18.25 -26.83
C TYR A 226 15.30 18.70 -25.51
N MET A 227 14.06 18.28 -25.25
CA MET A 227 13.28 18.72 -24.10
C MET A 227 13.39 17.71 -22.95
N THR A 228 13.34 18.25 -21.74
CA THR A 228 13.32 17.49 -20.50
C THR A 228 12.28 18.13 -19.59
N ARG A 229 11.79 17.37 -18.62
CA ARG A 229 10.84 17.91 -17.65
C ARG A 229 11.57 18.59 -16.49
N VAL A 230 10.88 19.50 -15.83
CA VAL A 230 11.33 20.15 -14.61
C VAL A 230 10.33 19.77 -13.54
N GLN A 231 10.70 18.83 -12.65
CA GLN A 231 9.82 18.42 -11.58
C GLN A 231 9.79 19.47 -10.48
N LYS A 232 8.60 19.68 -9.89
CA LYS A 232 8.46 20.70 -8.87
C LYS A 232 9.30 20.37 -7.62
N GLU A 233 9.47 19.08 -7.30
CA GLU A 233 10.27 18.68 -6.15
C GLU A 233 11.74 19.04 -6.27
N ARG A 234 12.18 19.55 -7.42
CA ARG A 234 13.57 19.97 -7.61
C ARG A 234 13.83 21.37 -7.10
N LEU A 235 12.78 22.15 -6.83
CA LEU A 235 12.89 23.58 -6.62
C LEU A 235 12.00 24.00 -5.46
N ASP A 236 12.29 25.18 -4.92
CA ASP A 236 11.35 25.81 -4.01
C ASP A 236 10.08 26.13 -4.79
N PRO A 237 8.89 25.91 -4.21
CA PRO A 237 7.65 26.24 -4.93
C PRO A 237 7.61 27.67 -5.45
N SER A 238 8.22 28.60 -4.71
CA SER A 238 8.49 29.95 -5.19
C SER A 238 9.05 29.96 -6.60
N GLU A 239 10.30 29.48 -6.73
CA GLU A 239 10.95 29.46 -8.04
C GLU A 239 10.15 28.66 -9.05
N TYR A 240 9.48 27.58 -8.65
CA TYR A 240 8.80 26.76 -9.63
C TYR A 240 7.61 27.49 -10.24
N ALA A 241 6.78 28.13 -9.41
CA ALA A 241 5.75 29.01 -9.95
C ALA A 241 6.38 30.05 -10.87
N ASN A 242 7.47 30.68 -10.43
CA ASN A 242 8.09 31.74 -11.21
C ASN A 242 8.56 31.26 -12.58
N VAL A 243 9.01 30.01 -12.70
CA VAL A 243 9.78 29.59 -13.86
C VAL A 243 9.15 28.45 -14.65
N LYS A 244 7.98 27.94 -14.26
CA LYS A 244 7.50 26.71 -14.89
C LYS A 244 7.07 26.94 -16.34
N ALA A 245 6.22 27.93 -16.60
CA ALA A 245 5.77 28.19 -17.96
C ALA A 245 6.92 28.60 -18.87
N GLN A 246 8.09 28.86 -18.31
CA GLN A 246 9.27 29.26 -19.05
C GLN A 246 9.94 28.11 -19.78
N PHE A 247 9.74 26.85 -19.34
CA PHE A 247 10.39 25.72 -19.97
C PHE A 247 9.39 24.74 -20.59
N VAL A 248 8.21 25.24 -20.96
CA VAL A 248 7.20 24.43 -21.63
C VAL A 248 7.12 24.87 -23.08
N LEU A 249 7.18 23.90 -24.00
CA LEU A 249 7.18 24.18 -25.42
C LEU A 249 5.76 24.08 -25.95
N ARG A 250 5.29 25.16 -26.57
CA ARG A 250 4.02 25.19 -27.25
C ARG A 250 4.22 25.53 -28.72
N ALA A 251 3.18 25.29 -29.52
CA ALA A 251 3.29 25.54 -30.96
C ALA A 251 3.63 27.00 -31.24
N SER A 252 3.05 27.93 -30.47
CA SER A 252 3.35 29.36 -30.63
C SER A 252 4.84 29.64 -30.62
N ASP A 253 5.59 28.95 -29.75
CA ASP A 253 7.02 29.24 -29.60
C ASP A 253 7.82 28.93 -30.86
N LEU A 254 7.26 28.18 -31.81
CA LEU A 254 8.00 27.74 -32.98
C LEU A 254 7.83 28.67 -34.17
N HIS A 255 7.34 29.89 -33.95
CA HIS A 255 7.03 30.78 -35.06
C HIS A 255 8.26 31.09 -35.91
N ASN A 256 9.42 31.22 -35.28
CA ASN A 256 10.66 31.56 -35.98
C ASN A 256 11.65 30.39 -36.01
N ALA A 257 11.15 29.15 -35.93
CA ALA A 257 12.05 28.00 -35.91
C ALA A 257 12.57 27.69 -37.31
N LYS A 258 13.80 27.19 -37.37
CA LYS A 258 14.37 26.77 -38.64
C LYS A 258 13.55 25.63 -39.22
N ALA A 259 13.50 25.56 -40.55
CA ALA A 259 12.68 24.57 -41.22
C ALA A 259 13.12 23.15 -40.87
N ASN A 260 14.42 22.94 -40.70
CA ASN A 260 15.01 21.63 -40.44
C ASN A 260 14.87 21.18 -38.99
N MET A 261 14.43 22.08 -38.10
CA MET A 261 14.44 21.83 -36.67
C MET A 261 13.55 20.64 -36.30
N LYS A 262 14.05 19.83 -35.36
CA LYS A 262 13.32 18.69 -34.80
C LYS A 262 13.26 18.83 -33.30
N VAL A 263 12.08 18.57 -32.73
CA VAL A 263 11.88 18.53 -31.29
C VAL A 263 12.04 17.09 -30.82
N LEU A 264 12.99 16.85 -29.93
CA LEU A 264 13.23 15.51 -29.38
C LEU A 264 12.89 15.50 -27.89
N HIS A 265 12.58 14.30 -27.40
CA HIS A 265 12.25 14.09 -26.00
C HIS A 265 12.39 12.60 -25.70
N PRO A 266 13.17 12.24 -24.67
CA PRO A 266 13.37 10.80 -24.40
C PRO A 266 12.09 10.07 -24.03
N LEU A 267 11.09 10.77 -23.46
CA LEU A 267 9.77 10.28 -23.08
C LEU A 267 9.88 9.41 -21.84
N PRO A 268 8.85 9.38 -20.98
CA PRO A 268 7.56 10.06 -21.17
C PRO A 268 7.59 11.55 -20.85
N ARG A 269 6.61 12.26 -21.39
CA ARG A 269 6.40 13.68 -21.12
C ARG A 269 5.19 13.84 -20.21
N VAL A 270 5.12 14.98 -19.52
CA VAL A 270 3.92 15.37 -18.80
C VAL A 270 3.40 16.66 -19.42
N ASP A 271 3.85 17.80 -18.90
CA ASP A 271 3.40 19.09 -19.42
C ASP A 271 4.45 19.82 -20.24
N GLU A 272 5.73 19.41 -20.16
CA GLU A 272 6.81 20.21 -20.73
C GLU A 272 6.71 20.38 -22.24
N ILE A 273 5.88 19.58 -22.92
CA ILE A 273 5.55 19.80 -24.33
C ILE A 273 4.04 19.72 -24.47
N ALA A 274 3.42 20.83 -24.86
CA ALA A 274 1.97 20.85 -25.04
C ALA A 274 1.59 20.06 -26.29
N THR A 275 0.36 19.53 -26.29
CA THR A 275 -0.08 18.66 -27.38
C THR A 275 -0.21 19.40 -28.71
N ASP A 276 -0.34 20.73 -28.70
CA ASP A 276 -0.40 21.47 -29.96
C ASP A 276 0.91 21.41 -30.73
N VAL A 277 1.99 20.93 -30.11
CA VAL A 277 3.24 20.71 -30.82
C VAL A 277 3.14 19.46 -31.71
N ASP A 278 2.34 18.46 -31.32
CA ASP A 278 2.33 17.16 -31.98
C ASP A 278 2.02 17.30 -33.46
N LYS A 279 1.13 18.23 -33.75
CA LYS A 279 0.60 18.59 -35.04
C LYS A 279 1.54 19.42 -35.89
N THR A 280 2.60 20.00 -35.33
CA THR A 280 3.58 20.76 -36.10
C THR A 280 4.59 19.83 -36.76
N PRO A 281 5.24 20.26 -37.86
CA PRO A 281 6.26 19.40 -38.51
C PRO A 281 7.51 19.17 -37.68
N HIS A 282 7.73 19.97 -36.63
CA HIS A 282 8.92 19.85 -35.81
C HIS A 282 8.83 18.76 -34.74
N ALA A 283 7.61 18.36 -34.32
CA ALA A 283 7.46 17.29 -33.35
C ALA A 283 8.03 15.98 -33.90
N TRP A 284 9.05 15.45 -33.23
CA TRP A 284 9.72 14.26 -33.73
C TRP A 284 10.04 13.28 -32.61
N TYR A 285 9.38 13.41 -31.45
CA TYR A 285 9.71 12.56 -30.32
C TYR A 285 9.19 11.14 -30.52
N PHE A 286 8.07 10.99 -31.20
CA PHE A 286 7.54 9.64 -31.44
C PHE A 286 8.38 8.93 -32.50
N GLN A 287 8.78 9.65 -33.56
CA GLN A 287 9.71 9.09 -34.53
C GLN A 287 11.04 8.73 -33.85
N GLN A 288 11.49 9.55 -32.90
CA GLN A 288 12.67 9.23 -32.10
C GLN A 288 12.51 7.88 -31.39
N ALA A 289 11.41 7.74 -30.64
CA ALA A 289 11.11 6.47 -29.98
C ALA A 289 11.10 5.32 -30.99
N GLY A 290 10.50 5.54 -32.17
CA GLY A 290 10.49 4.51 -33.19
C GLY A 290 11.87 4.14 -33.69
N ASN A 291 12.78 5.12 -33.76
CA ASN A 291 14.16 4.85 -34.14
C ASN A 291 14.88 4.01 -33.10
N GLY A 292 14.37 4.04 -31.87
CA GLY A 292 14.86 3.09 -30.87
C GLY A 292 14.87 1.65 -31.38
N ILE A 293 13.87 1.28 -32.19
CA ILE A 293 13.81 -0.06 -32.78
C ILE A 293 15.08 -0.35 -33.56
N PHE A 294 15.51 0.60 -34.38
CA PHE A 294 16.62 0.30 -35.28
C PHE A 294 17.97 0.42 -34.59
N ALA A 295 18.09 1.31 -33.60
CA ALA A 295 19.31 1.32 -32.79
C ALA A 295 19.48 -0.02 -32.06
N ARG A 296 18.40 -0.52 -31.46
CA ARG A 296 18.52 -1.75 -30.69
C ARG A 296 18.69 -2.96 -31.61
N GLN A 297 18.01 -2.95 -32.76
CA GLN A 297 18.25 -3.96 -33.78
C GLN A 297 19.71 -3.98 -34.19
N ALA A 298 20.31 -2.81 -34.46
CA ALA A 298 21.70 -2.76 -34.89
C ALA A 298 22.61 -3.36 -33.84
N LEU A 299 22.37 -3.05 -32.57
CA LEU A 299 23.16 -3.66 -31.51
C LEU A 299 23.02 -5.18 -31.52
N LEU A 300 21.78 -5.69 -31.54
CA LEU A 300 21.59 -7.14 -31.54
C LEU A 300 22.24 -7.79 -32.76
N ALA A 301 22.06 -7.19 -33.93
CA ALA A 301 22.60 -7.75 -35.17
C ALA A 301 24.12 -7.82 -35.14
N LEU A 302 24.77 -6.73 -34.69
CA LEU A 302 26.23 -6.72 -34.68
C LEU A 302 26.78 -7.65 -33.61
N VAL A 303 26.10 -7.73 -32.47
CA VAL A 303 26.61 -8.53 -31.38
C VAL A 303 26.43 -10.03 -31.63
N LEU A 304 25.37 -10.43 -32.34
CA LEU A 304 25.08 -11.85 -32.49
C LEU A 304 25.39 -12.42 -33.87
N ASN A 305 25.71 -11.59 -34.86
CA ASN A 305 26.01 -12.10 -36.21
C ASN A 305 27.37 -11.56 -36.69
N ARG A 306 28.28 -12.47 -37.05
CA ARG A 306 29.66 -12.13 -37.35
C ARG A 306 29.81 -11.30 -38.63
N ASP A 307 29.25 -11.80 -39.75
CA ASP A 307 29.56 -11.28 -41.08
C ASP A 307 28.44 -10.37 -41.54
N LEU A 308 28.81 -9.31 -42.23
CA LEU A 308 27.91 -8.21 -42.50
C LEU A 308 27.19 -8.41 -43.83
N VAL A 309 25.93 -8.01 -43.85
CA VAL A 309 25.07 -8.19 -45.00
C VAL A 309 25.11 -6.97 -45.91
N ALA B 1 7.96 -45.13 -33.76
CA ALA B 1 7.02 -44.43 -32.88
C ALA B 1 7.29 -44.69 -31.41
N ASN B 2 7.38 -43.54 -30.58
CA ASN B 2 7.98 -43.53 -29.25
C ASN B 2 6.93 -43.74 -28.16
N PRO B 3 7.35 -44.33 -27.03
CA PRO B 3 6.39 -44.70 -25.99
C PRO B 3 5.82 -43.55 -25.16
N LEU B 4 6.36 -42.34 -25.26
CA LEU B 4 5.89 -41.23 -24.45
C LEU B 4 4.90 -40.35 -25.19
N TYR B 5 4.60 -40.68 -26.46
CA TYR B 5 3.80 -39.81 -27.32
C TYR B 5 2.44 -39.48 -26.71
N GLN B 6 2.15 -38.19 -26.62
CA GLN B 6 0.91 -37.66 -26.07
C GLN B 6 0.63 -38.19 -24.66
N LYS B 7 1.67 -38.54 -23.92
CA LYS B 7 1.51 -38.94 -22.54
C LYS B 7 1.64 -37.73 -21.62
N HIS B 8 0.84 -37.72 -20.56
CA HIS B 8 1.05 -36.73 -19.51
C HIS B 8 2.31 -37.09 -18.74
N ILE B 9 3.06 -36.08 -18.32
CA ILE B 9 4.24 -36.26 -17.48
C ILE B 9 3.98 -35.46 -16.21
N ILE B 10 3.39 -36.11 -15.20
CA ILE B 10 3.03 -35.47 -13.94
C ILE B 10 3.99 -35.85 -12.82
N SER B 11 4.47 -37.10 -12.81
CA SER B 11 5.38 -37.59 -11.78
C SER B 11 6.53 -38.34 -12.43
N ILE B 12 7.70 -38.27 -11.79
CA ILE B 12 8.85 -39.03 -12.26
C ILE B 12 8.61 -40.53 -12.11
N ASN B 13 7.81 -40.95 -11.13
CA ASN B 13 7.55 -42.37 -10.92
C ASN B 13 6.67 -42.99 -11.99
N ASP B 14 6.03 -42.18 -12.82
CA ASP B 14 5.28 -42.74 -13.95
C ASP B 14 6.20 -43.27 -15.05
N LEU B 15 7.52 -43.13 -14.89
CA LEU B 15 8.50 -43.56 -15.88
C LEU B 15 9.32 -44.73 -15.34
N SER B 16 9.37 -45.80 -16.11
CA SER B 16 10.24 -46.92 -15.80
C SER B 16 11.71 -46.55 -16.03
N ARG B 17 12.60 -47.44 -15.60
CA ARG B 17 14.02 -47.29 -15.91
C ARG B 17 14.25 -47.16 -17.42
N ASP B 18 13.57 -47.99 -18.20
CA ASP B 18 13.73 -47.93 -19.66
C ASP B 18 13.26 -46.58 -20.20
N ASP B 19 12.12 -46.07 -19.71
CA ASP B 19 11.64 -44.75 -20.11
C ASP B 19 12.68 -43.67 -19.83
N LEU B 20 13.29 -43.69 -18.64
CA LEU B 20 14.30 -42.68 -18.32
C LEU B 20 15.48 -42.78 -19.27
N ASN B 21 15.93 -44.01 -19.55
CA ASN B 21 17.05 -44.17 -20.48
C ASN B 21 16.71 -43.64 -21.86
N LEU B 22 15.46 -43.82 -22.30
CA LEU B 22 15.06 -43.26 -23.58
C LEU B 22 15.06 -41.73 -23.56
N VAL B 23 14.48 -41.14 -22.51
CA VAL B 23 14.43 -39.68 -22.40
C VAL B 23 15.83 -39.11 -22.38
N LEU B 24 16.74 -39.73 -21.61
CA LEU B 24 18.10 -39.23 -21.51
C LEU B 24 18.86 -39.38 -22.83
N ALA B 25 18.68 -40.52 -23.51
CA ALA B 25 19.32 -40.65 -24.82
C ALA B 25 18.82 -39.58 -25.77
N THR B 26 17.51 -39.31 -25.74
CA THR B 26 16.94 -38.27 -26.58
C THR B 26 17.52 -36.90 -26.24
N ALA B 27 17.63 -36.59 -24.95
CA ALA B 27 18.24 -35.33 -24.54
C ALA B 27 19.67 -35.22 -25.07
N ALA B 28 20.44 -36.30 -24.96
CA ALA B 28 21.82 -36.28 -25.45
C ALA B 28 21.86 -36.06 -26.95
N LYS B 29 20.94 -36.69 -27.68
CA LYS B 29 20.86 -36.54 -29.13
C LYS B 29 20.48 -35.11 -29.53
N LEU B 30 19.58 -34.48 -28.79
CA LEU B 30 19.21 -33.10 -29.09
C LEU B 30 20.32 -32.10 -28.71
N LYS B 31 21.07 -32.40 -27.65
CA LYS B 31 22.22 -31.59 -27.28
C LYS B 31 23.30 -31.66 -28.37
N ALA B 32 23.53 -32.85 -28.92
CA ALA B 32 24.58 -33.00 -29.92
C ALA B 32 24.17 -32.44 -31.28
N ASN B 33 22.92 -32.70 -31.70
CA ASN B 33 22.41 -32.23 -32.98
C ASN B 33 21.13 -31.44 -32.73
N PRO B 34 21.20 -30.12 -32.64
CA PRO B 34 19.99 -29.35 -32.38
C PRO B 34 18.97 -29.54 -33.49
N GLN B 35 17.69 -29.57 -33.11
CA GLN B 35 16.58 -29.73 -34.04
C GLN B 35 15.72 -28.49 -33.96
N PRO B 36 16.18 -27.36 -34.51
CA PRO B 36 15.50 -26.12 -34.22
C PRO B 36 14.14 -26.03 -34.81
N GLU B 37 13.71 -26.98 -35.67
CA GLU B 37 12.38 -26.86 -36.26
C GLU B 37 11.51 -28.09 -36.10
N LEU B 38 11.87 -28.89 -35.12
CA LEU B 38 11.18 -30.13 -34.83
C LEU B 38 9.73 -29.89 -34.41
N LEU B 39 9.49 -28.83 -33.63
CA LEU B 39 8.15 -28.53 -33.13
C LEU B 39 7.54 -27.30 -33.78
N LYS B 40 7.93 -27.02 -35.02
CA LYS B 40 7.36 -25.91 -35.75
C LYS B 40 5.85 -26.12 -35.91
N HIS B 41 5.11 -25.02 -35.85
CA HIS B 41 3.64 -24.99 -35.88
C HIS B 41 3.01 -25.55 -34.62
N LYS B 42 3.78 -25.83 -33.58
CA LYS B 42 3.20 -26.17 -32.30
C LYS B 42 3.08 -24.91 -31.45
N VAL B 43 2.00 -24.85 -30.67
CA VAL B 43 1.78 -23.78 -29.70
C VAL B 43 1.68 -24.42 -28.34
N ILE B 44 2.48 -23.94 -27.40
CA ILE B 44 2.59 -24.51 -26.06
C ILE B 44 2.22 -23.45 -25.04
N ALA B 45 1.40 -23.83 -24.07
CA ALA B 45 1.01 -22.96 -22.97
C ALA B 45 1.98 -23.14 -21.79
N SER B 46 2.57 -22.05 -21.35
CA SER B 46 3.44 -21.98 -20.17
C SER B 46 2.64 -21.35 -19.03
N CYS B 47 2.07 -22.20 -18.17
CA CYS B 47 1.11 -21.79 -17.15
C CYS B 47 1.79 -21.87 -15.78
N PHE B 48 2.40 -20.77 -15.35
CA PHE B 48 3.03 -20.75 -14.03
C PHE B 48 2.09 -19.99 -13.10
N PHE B 49 1.10 -20.73 -12.57
CA PHE B 49 0.24 -20.16 -11.55
C PHE B 49 1.06 -19.67 -10.37
N GLU B 50 2.17 -20.33 -10.11
CA GLU B 50 3.16 -19.92 -9.13
C GLU B 50 4.43 -19.52 -9.87
N ALA B 51 4.97 -18.35 -9.54
CA ALA B 51 6.15 -17.87 -10.24
C ALA B 51 7.33 -18.80 -10.00
N SER B 52 8.12 -18.99 -11.06
CA SER B 52 9.41 -19.67 -10.93
C SER B 52 10.20 -19.28 -12.17
N THR B 53 10.92 -18.16 -12.07
CA THR B 53 11.64 -17.61 -13.20
C THR B 53 12.66 -18.62 -13.73
N ARG B 54 13.32 -19.31 -12.83
CA ARG B 54 14.31 -20.33 -13.16
C ARG B 54 13.76 -21.32 -14.18
N THR B 55 12.74 -22.06 -13.72
CA THR B 55 12.17 -23.18 -14.45
C THR B 55 11.39 -22.70 -15.66
N ARG B 56 10.69 -21.57 -15.52
CA ARG B 56 9.93 -21.05 -16.64
C ARG B 56 10.85 -20.66 -17.78
N LEU B 57 11.94 -19.94 -17.46
CA LEU B 57 12.87 -19.52 -18.50
C LEU B 57 13.51 -20.73 -19.17
N SER B 58 13.84 -21.74 -18.38
CA SER B 58 14.39 -22.97 -18.95
C SER B 58 13.40 -23.66 -19.88
N PHE B 59 12.16 -23.85 -19.40
CA PHE B 59 11.15 -24.56 -20.19
C PHE B 59 10.86 -23.83 -21.48
N GLU B 60 10.64 -22.51 -21.39
CA GLU B 60 10.30 -21.73 -22.57
C GLU B 60 11.46 -21.65 -23.54
N THR B 61 12.70 -21.59 -23.04
CA THR B 61 13.84 -21.67 -23.94
C THR B 61 13.86 -22.99 -24.68
N SER B 62 13.56 -24.09 -23.98
CA SER B 62 13.43 -25.39 -24.64
C SER B 62 12.39 -25.34 -25.76
N MET B 63 11.22 -24.78 -25.46
CA MET B 63 10.17 -24.70 -26.48
C MET B 63 10.68 -23.95 -27.71
N HIS B 64 11.31 -22.80 -27.49
CA HIS B 64 11.80 -22.00 -28.61
C HIS B 64 12.94 -22.69 -29.35
N ARG B 65 13.80 -23.41 -28.63
CA ARG B 65 14.88 -24.15 -29.29
C ARG B 65 14.32 -25.24 -30.19
N LEU B 66 13.12 -25.72 -29.92
CA LEU B 66 12.52 -26.69 -30.83
C LEU B 66 11.61 -26.04 -31.88
N GLY B 67 11.50 -24.72 -31.90
CA GLY B 67 10.69 -24.02 -32.87
C GLY B 67 9.25 -23.80 -32.48
N ALA B 68 8.88 -24.10 -31.25
CA ALA B 68 7.49 -23.93 -30.85
C ALA B 68 7.21 -22.47 -30.50
N SER B 69 5.94 -22.12 -30.55
CA SER B 69 5.48 -20.84 -30.06
C SER B 69 4.99 -21.00 -28.64
N VAL B 70 5.00 -19.91 -27.88
CA VAL B 70 4.72 -19.98 -26.45
C VAL B 70 3.70 -18.90 -26.11
N VAL B 71 2.63 -19.30 -25.44
CA VAL B 71 1.71 -18.36 -24.78
C VAL B 71 1.60 -18.80 -23.34
N GLY B 72 1.37 -17.87 -22.42
CA GLY B 72 1.30 -18.28 -21.04
C GLY B 72 1.23 -17.10 -20.10
N PHE B 73 1.45 -17.41 -18.81
CA PHE B 73 1.43 -16.43 -17.76
C PHE B 73 2.33 -16.89 -16.62
N SER B 74 2.80 -15.94 -15.83
CA SER B 74 3.43 -16.20 -14.53
C SER B 74 2.65 -15.42 -13.47
N ASP B 75 1.67 -16.05 -12.86
CA ASP B 75 0.75 -15.39 -11.94
C ASP B 75 1.38 -15.21 -10.56
N SER B 76 0.85 -14.23 -9.82
CA SER B 76 1.05 -14.07 -8.37
C SER B 76 0.09 -13.02 -7.84
N GLU B 86 -13.26 -18.38 -11.55
CA GLU B 86 -13.25 -19.52 -12.46
C GLU B 86 -12.45 -20.66 -11.84
N THR B 87 -12.85 -21.89 -12.14
CA THR B 87 -12.19 -23.07 -11.57
C THR B 87 -11.00 -23.45 -12.44
N LEU B 88 -10.04 -24.11 -11.80
CA LEU B 88 -8.90 -24.62 -12.54
C LEU B 88 -9.33 -25.58 -13.63
N ALA B 89 -10.30 -26.45 -13.34
CA ALA B 89 -10.78 -27.41 -14.35
C ALA B 89 -11.30 -26.67 -15.58
N ASP B 90 -12.12 -25.63 -15.38
CA ASP B 90 -12.62 -24.86 -16.53
C ASP B 90 -11.49 -24.15 -17.26
N THR B 91 -10.52 -23.62 -16.51
CA THR B 91 -9.38 -22.97 -17.13
C THR B 91 -8.64 -23.94 -18.05
N ILE B 92 -8.45 -25.19 -17.59
CA ILE B 92 -7.78 -26.19 -18.41
C ILE B 92 -8.69 -26.60 -19.58
N SER B 93 -9.99 -26.78 -19.33
CA SER B 93 -10.93 -27.15 -20.38
C SER B 93 -10.88 -26.14 -21.52
N VAL B 94 -10.71 -24.86 -21.17
CA VAL B 94 -10.62 -23.82 -22.19
C VAL B 94 -9.26 -23.84 -22.85
N ILE B 95 -8.19 -23.79 -22.07
CA ILE B 95 -6.85 -23.66 -22.63
C ILE B 95 -6.50 -24.84 -23.52
N SER B 96 -6.89 -26.04 -23.13
CA SER B 96 -6.60 -27.22 -23.94
C SER B 96 -7.31 -27.20 -25.30
N THR B 97 -8.23 -26.26 -25.53
CA THR B 97 -8.77 -26.09 -26.88
C THR B 97 -7.87 -25.20 -27.75
N TYR B 98 -6.98 -24.41 -27.16
CA TYR B 98 -6.07 -23.50 -27.85
C TYR B 98 -4.76 -24.16 -28.27
N VAL B 99 -4.14 -24.89 -27.35
CA VAL B 99 -2.71 -25.20 -27.43
C VAL B 99 -2.54 -26.71 -27.63
N ASP B 100 -1.29 -27.10 -27.91
CA ASP B 100 -0.95 -28.48 -28.18
C ASP B 100 -0.33 -29.20 -27.00
N ALA B 101 0.14 -28.45 -26.00
CA ALA B 101 0.64 -29.01 -24.76
C ALA B 101 0.53 -27.95 -23.69
N ILE B 102 0.44 -28.39 -22.44
CA ILE B 102 0.34 -27.49 -21.30
C ILE B 102 1.51 -27.79 -20.36
N VAL B 103 2.40 -26.82 -20.19
CA VAL B 103 3.46 -26.89 -19.19
C VAL B 103 2.97 -26.09 -17.98
N MET B 104 2.95 -26.74 -16.82
CA MET B 104 2.16 -26.24 -15.72
C MET B 104 2.91 -26.28 -14.40
N ARG B 105 2.86 -25.19 -13.64
CA ARG B 105 3.33 -25.17 -12.26
C ARG B 105 2.23 -24.56 -11.40
N HIS B 106 1.79 -25.30 -10.40
CA HIS B 106 0.69 -24.89 -9.57
C HIS B 106 1.03 -25.20 -8.11
N PRO B 107 0.70 -24.29 -7.19
CA PRO B 107 1.07 -24.54 -5.76
C PRO B 107 0.37 -25.76 -5.13
N GLN B 108 -0.81 -26.16 -5.59
CA GLN B 108 -1.54 -27.27 -4.98
C GLN B 108 -1.06 -28.60 -5.56
N GLU B 109 -0.83 -29.58 -4.69
CA GLU B 109 -0.25 -30.84 -5.12
C GLU B 109 -1.10 -31.57 -6.15
N GLY B 110 -2.42 -31.46 -6.08
CA GLY B 110 -3.21 -32.24 -7.01
C GLY B 110 -3.47 -31.59 -8.36
N ALA B 111 -3.05 -30.33 -8.54
CA ALA B 111 -3.49 -29.53 -9.68
C ALA B 111 -3.07 -30.11 -11.04
N ALA B 112 -1.83 -30.56 -11.16
CA ALA B 112 -1.41 -31.14 -12.43
C ALA B 112 -2.20 -32.43 -12.76
N ARG B 113 -2.41 -33.32 -11.78
CA ARG B 113 -3.18 -34.51 -12.17
C ARG B 113 -4.59 -34.09 -12.56
N LEU B 114 -5.17 -33.17 -11.79
CA LEU B 114 -6.52 -32.72 -12.05
C LEU B 114 -6.62 -32.14 -13.46
N ALA B 115 -5.62 -31.35 -13.85
CA ALA B 115 -5.66 -30.77 -15.17
C ALA B 115 -5.66 -31.86 -16.23
N THR B 116 -4.92 -32.95 -15.99
CA THR B 116 -4.94 -34.04 -16.97
C THR B 116 -6.34 -34.60 -17.17
N GLU B 117 -7.24 -34.41 -16.21
CA GLU B 117 -8.60 -34.93 -16.39
C GLU B 117 -9.44 -34.09 -17.35
N PHE B 118 -9.03 -32.84 -17.62
CA PHE B 118 -9.82 -31.95 -18.44
C PHE B 118 -9.08 -31.46 -19.67
N SER B 119 -7.88 -31.94 -19.94
CA SER B 119 -7.10 -31.43 -21.05
C SER B 119 -7.34 -32.22 -22.34
N GLY B 120 -8.19 -33.26 -22.29
CA GLY B 120 -8.45 -34.06 -23.48
C GLY B 120 -7.17 -34.73 -23.96
N ASN B 121 -6.94 -34.65 -25.27
CA ASN B 121 -5.73 -35.20 -25.88
C ASN B 121 -4.52 -34.27 -25.73
N VAL B 122 -4.66 -33.14 -25.04
CA VAL B 122 -3.56 -32.20 -24.90
C VAL B 122 -2.70 -32.64 -23.72
N PRO B 123 -1.42 -32.94 -23.95
CA PRO B 123 -0.57 -33.41 -22.86
C PRO B 123 -0.26 -32.34 -21.83
N VAL B 124 -0.20 -32.76 -20.57
CA VAL B 124 0.15 -31.89 -19.46
C VAL B 124 1.51 -32.31 -18.93
N LEU B 125 2.42 -31.35 -18.82
CA LEU B 125 3.75 -31.56 -18.26
C LEU B 125 3.86 -30.71 -17.01
N ASN B 126 4.17 -31.35 -15.89
CA ASN B 126 4.25 -30.70 -14.59
C ASN B 126 5.61 -30.05 -14.33
N ALA B 127 5.61 -28.76 -14.04
CA ALA B 127 6.82 -28.02 -13.71
C ALA B 127 6.85 -27.58 -12.23
N ALA B 128 6.07 -28.25 -11.38
CA ALA B 128 5.97 -27.98 -9.94
C ALA B 128 7.21 -28.45 -9.20
N ASP B 129 7.34 -27.99 -7.95
CA ASP B 129 8.38 -28.43 -7.03
C ASP B 129 7.77 -29.13 -5.80
N ALA B 130 6.68 -29.87 -6.01
CA ALA B 130 5.97 -30.54 -4.93
C ALA B 130 6.72 -31.77 -4.43
N SER B 131 5.99 -32.78 -3.95
CA SER B 131 6.63 -33.97 -3.36
C SER B 131 7.24 -34.86 -4.44
N ASN B 132 6.41 -35.48 -5.27
CA ASN B 132 6.90 -36.30 -6.36
C ASN B 132 6.48 -35.61 -7.65
N GLN B 133 6.66 -34.31 -7.75
CA GLN B 133 6.04 -33.57 -8.84
C GLN B 133 7.00 -32.55 -9.45
N HIS B 134 8.25 -32.94 -9.67
CA HIS B 134 9.20 -32.08 -10.36
C HIS B 134 9.99 -32.92 -11.35
N PRO B 135 9.29 -33.57 -12.29
CA PRO B 135 9.98 -34.58 -13.10
C PRO B 135 11.15 -34.05 -13.89
N THR B 136 11.04 -32.84 -14.43
CA THR B 136 12.15 -32.34 -15.25
C THR B 136 13.36 -32.00 -14.39
N GLN B 137 13.16 -31.68 -13.11
CA GLN B 137 14.30 -31.47 -12.22
C GLN B 137 15.04 -32.79 -11.99
N THR B 138 14.30 -33.86 -11.70
CA THR B 138 14.91 -35.19 -11.58
C THR B 138 15.55 -35.62 -12.89
N LEU B 139 14.93 -35.29 -14.02
CA LEU B 139 15.49 -35.67 -15.31
C LEU B 139 16.80 -34.95 -15.59
N LEU B 140 16.88 -33.64 -15.32
CA LEU B 140 18.14 -32.95 -15.56
C LEU B 140 19.21 -33.40 -14.59
N ASP B 141 18.84 -33.70 -13.33
CA ASP B 141 19.78 -34.32 -12.40
C ASP B 141 20.32 -35.64 -12.95
N LEU B 142 19.42 -36.55 -13.32
CA LEU B 142 19.85 -37.85 -13.84
C LEU B 142 20.70 -37.68 -15.09
N PHE B 143 20.30 -36.78 -15.98
CA PHE B 143 21.04 -36.57 -17.22
C PHE B 143 22.44 -36.05 -16.94
N THR B 144 22.57 -35.09 -16.01
CA THR B 144 23.89 -34.56 -15.66
C THR B 144 24.77 -35.63 -15.03
N ILE B 145 24.19 -36.45 -14.15
CA ILE B 145 24.95 -37.54 -13.55
C ILE B 145 25.45 -38.50 -14.64
N GLN B 146 24.55 -38.87 -15.56
CA GLN B 146 24.92 -39.80 -16.62
C GLN B 146 25.96 -39.21 -17.56
N GLU B 147 25.85 -37.91 -17.83
CA GLU B 147 26.79 -37.27 -18.75
C GLU B 147 28.19 -37.21 -18.14
N THR B 148 28.29 -36.85 -16.87
CA THR B 148 29.61 -36.65 -16.26
C THR B 148 30.22 -37.96 -15.75
N GLN B 149 29.42 -38.95 -15.40
CA GLN B 149 29.94 -40.19 -14.87
C GLN B 149 29.92 -41.32 -15.89
N GLY B 150 29.22 -41.14 -17.01
CA GLY B 150 29.16 -42.17 -18.03
C GLY B 150 28.11 -43.23 -17.81
N ARG B 151 27.36 -43.18 -16.71
CA ARG B 151 26.42 -44.24 -16.38
C ARG B 151 25.50 -43.76 -15.26
N LEU B 152 24.45 -44.53 -15.01
CA LEU B 152 23.58 -44.35 -13.85
C LEU B 152 23.61 -45.58 -12.94
N ASP B 153 24.46 -46.55 -13.24
CA ASP B 153 24.67 -47.75 -12.47
C ASP B 153 25.97 -47.63 -11.68
N ASN B 154 26.05 -48.39 -10.59
CA ASN B 154 27.29 -48.58 -9.83
C ASN B 154 27.98 -47.25 -9.50
N LEU B 155 27.22 -46.33 -8.91
CA LEU B 155 27.77 -45.05 -8.54
C LEU B 155 27.79 -44.92 -7.03
N HIS B 156 28.66 -44.04 -6.55
CA HIS B 156 28.70 -43.66 -5.15
C HIS B 156 28.18 -42.22 -5.09
N VAL B 157 27.02 -42.05 -4.47
CA VAL B 157 26.25 -40.81 -4.51
C VAL B 157 26.01 -40.35 -3.08
N ALA B 158 26.48 -39.15 -2.75
CA ALA B 158 26.24 -38.58 -1.44
C ALA B 158 25.25 -37.44 -1.59
N MET B 159 24.30 -37.38 -0.67
CA MET B 159 23.34 -36.29 -0.63
C MET B 159 23.48 -35.57 0.70
N VAL B 160 23.65 -34.26 0.63
CA VAL B 160 24.05 -33.44 1.77
C VAL B 160 23.00 -32.38 2.01
N GLY B 161 22.61 -32.18 3.27
CA GLY B 161 21.78 -31.04 3.65
C GLY B 161 20.47 -31.47 4.28
N ASP B 162 19.41 -30.75 3.97
CA ASP B 162 18.06 -31.06 4.47
C ASP B 162 17.48 -32.17 3.61
N LEU B 163 17.64 -33.41 4.06
CA LEU B 163 17.08 -34.55 3.34
C LEU B 163 15.66 -34.87 3.75
N LYS B 164 15.15 -34.25 4.83
CA LYS B 164 13.76 -34.49 5.22
C LYS B 164 12.78 -33.72 4.37
N TYR B 165 13.08 -32.46 4.07
CA TYR B 165 12.17 -31.61 3.30
C TYR B 165 12.69 -31.27 1.92
N GLY B 166 13.90 -31.70 1.57
CA GLY B 166 14.39 -31.57 0.21
C GLY B 166 13.77 -32.58 -0.73
N ARG B 167 12.69 -32.20 -1.43
CA ARG B 167 11.94 -33.20 -2.19
C ARG B 167 12.70 -33.71 -3.41
N THR B 168 13.65 -32.93 -3.95
CA THR B 168 14.41 -33.38 -5.11
C THR B 168 15.42 -34.47 -4.76
N VAL B 169 15.95 -34.50 -3.53
CA VAL B 169 16.77 -35.66 -3.17
C VAL B 169 15.89 -36.91 -3.08
N HIS B 170 14.64 -36.76 -2.61
CA HIS B 170 13.72 -37.90 -2.65
C HIS B 170 13.56 -38.43 -4.07
N SER B 171 13.19 -37.54 -5.00
CA SER B 171 13.01 -37.99 -6.38
C SER B 171 14.26 -38.65 -6.93
N LEU B 172 15.40 -38.03 -6.71
CA LEU B 172 16.63 -38.53 -7.30
C LEU B 172 17.02 -39.88 -6.71
N THR B 173 16.87 -40.04 -5.39
CA THR B 173 17.17 -41.32 -4.76
C THR B 173 16.26 -42.41 -5.28
N GLN B 174 14.97 -42.09 -5.45
CA GLN B 174 14.04 -43.08 -5.99
C GLN B 174 14.38 -43.45 -7.42
N ALA B 175 14.81 -42.47 -8.22
CA ALA B 175 15.14 -42.77 -9.62
C ALA B 175 16.42 -43.57 -9.75
N LEU B 176 17.46 -43.21 -8.97
CA LEU B 176 18.70 -43.98 -9.01
C LEU B 176 18.49 -45.37 -8.44
N ALA B 177 17.56 -45.53 -7.49
CA ALA B 177 17.24 -46.87 -6.98
C ALA B 177 16.62 -47.76 -8.05
N LYS B 178 16.16 -47.20 -9.18
CA LYS B 178 15.70 -48.02 -10.28
C LYS B 178 16.83 -48.64 -11.09
N PHE B 179 18.08 -48.24 -10.84
CA PHE B 179 19.28 -48.79 -11.47
C PHE B 179 20.01 -49.69 -10.49
N ASP B 180 21.01 -50.42 -10.97
CA ASP B 180 21.67 -51.46 -10.20
C ASP B 180 22.95 -50.93 -9.53
N GLY B 181 23.19 -51.40 -8.31
CA GLY B 181 24.50 -51.23 -7.70
C GLY B 181 24.83 -49.85 -7.16
N ASN B 182 23.85 -48.96 -7.03
CA ASN B 182 24.20 -47.65 -6.54
C ASN B 182 24.39 -47.70 -5.03
N ARG B 183 25.30 -46.89 -4.54
CA ARG B 183 25.66 -46.83 -3.12
C ARG B 183 25.41 -45.40 -2.66
N PHE B 184 24.68 -45.26 -1.56
CA PHE B 184 24.19 -43.96 -1.12
C PHE B 184 24.84 -43.51 0.17
N TYR B 185 25.11 -42.22 0.26
CA TYR B 185 25.62 -41.60 1.47
C TYR B 185 24.69 -40.46 1.86
N PHE B 186 24.06 -40.57 3.02
CA PHE B 186 23.11 -39.56 3.49
C PHE B 186 23.79 -38.80 4.62
N ILE B 187 24.11 -37.53 4.35
CA ILE B 187 24.82 -36.67 5.30
C ILE B 187 23.87 -35.54 5.67
N ALA B 188 23.29 -35.61 6.85
CA ALA B 188 22.26 -34.65 7.24
C ALA B 188 22.23 -34.56 8.76
N PRO B 189 21.74 -33.44 9.30
CA PRO B 189 21.41 -33.41 10.73
C PRO B 189 20.37 -34.47 11.08
N ASP B 190 20.41 -34.93 12.33
CA ASP B 190 19.48 -35.98 12.74
C ASP B 190 18.03 -35.49 12.62
N ALA B 191 17.80 -34.20 12.86
CA ALA B 191 16.46 -33.65 12.78
C ALA B 191 15.96 -33.54 11.35
N LEU B 192 16.86 -33.55 10.36
CA LEU B 192 16.50 -33.43 8.95
C LEU B 192 17.03 -34.61 8.16
N ALA B 193 16.88 -35.82 8.72
CA ALA B 193 17.45 -37.00 8.10
C ALA B 193 16.57 -37.46 6.94
N MET B 194 17.14 -38.33 6.10
CA MET B 194 16.35 -38.88 5.01
C MET B 194 15.17 -39.65 5.60
N PRO B 195 13.95 -39.45 5.11
CA PRO B 195 12.78 -40.13 5.71
C PRO B 195 12.87 -41.63 5.65
N GLN B 196 12.21 -42.27 6.63
CA GLN B 196 12.30 -43.72 6.78
C GLN B 196 11.71 -44.46 5.58
N TYR B 197 10.68 -43.92 4.93
CA TYR B 197 10.06 -44.66 3.83
C TYR B 197 11.03 -44.83 2.66
N ILE B 198 11.95 -43.89 2.46
CA ILE B 198 12.94 -44.05 1.40
C ILE B 198 13.97 -45.10 1.77
N LEU B 199 14.45 -45.06 3.02
CA LEU B 199 15.36 -46.10 3.49
C LEU B 199 14.71 -47.47 3.40
N ASP B 200 13.40 -47.56 3.69
CA ASP B 200 12.71 -48.83 3.59
C ASP B 200 12.61 -49.30 2.15
N MET B 201 12.31 -48.38 1.24
CA MET B 201 12.33 -48.74 -0.17
C MET B 201 13.71 -49.26 -0.58
N LEU B 202 14.77 -48.63 -0.09
CA LEU B 202 16.13 -49.06 -0.44
C LEU B 202 16.46 -50.41 0.17
N ASP B 203 16.02 -50.67 1.41
CA ASP B 203 16.26 -51.96 2.04
C ASP B 203 15.53 -53.03 1.27
N GLU B 204 14.36 -52.70 0.79
CA GLU B 204 13.67 -53.71 0.03
C GLU B 204 14.29 -54.06 -1.31
N LYS B 205 14.98 -53.16 -1.93
CA LYS B 205 15.71 -53.56 -3.11
C LYS B 205 17.16 -53.85 -2.78
N GLY B 206 17.43 -54.47 -1.64
CA GLY B 206 18.77 -54.58 -1.11
C GLY B 206 19.81 -53.58 -1.58
N ILE B 207 19.47 -52.29 -1.55
CA ILE B 207 20.37 -51.21 -1.98
C ILE B 207 21.08 -50.66 -0.75
N ALA B 208 22.40 -50.49 -0.85
CA ALA B 208 23.20 -50.08 0.29
C ALA B 208 23.20 -48.57 0.50
N TRP B 209 23.04 -48.17 1.75
CA TRP B 209 23.06 -46.78 2.14
C TRP B 209 23.65 -46.70 3.53
N SER B 210 24.22 -45.54 3.86
CA SER B 210 24.76 -45.33 5.19
C SER B 210 24.63 -43.86 5.55
N LEU B 211 24.65 -43.59 6.86
CA LEU B 211 24.61 -42.23 7.38
C LEU B 211 26.01 -41.79 7.79
N HIS B 212 26.31 -40.51 7.56
CA HIS B 212 27.60 -39.95 7.89
C HIS B 212 27.39 -38.50 8.33
N SER B 213 28.34 -38.00 9.13
CA SER B 213 28.18 -36.71 9.80
C SER B 213 28.93 -35.58 9.12
N SER B 214 29.74 -35.90 8.12
CA SER B 214 30.56 -34.87 7.51
C SER B 214 30.82 -35.23 6.06
N ILE B 215 31.07 -34.20 5.26
CA ILE B 215 31.40 -34.43 3.87
C ILE B 215 32.76 -35.10 3.79
N GLU B 216 33.67 -34.79 4.72
CA GLU B 216 35.02 -35.32 4.65
C GLU B 216 35.03 -36.84 4.73
N GLU B 217 34.05 -37.43 5.44
CA GLU B 217 34.00 -38.88 5.58
C GLU B 217 33.85 -39.57 4.22
N VAL B 218 33.04 -38.99 3.32
CA VAL B 218 32.73 -39.63 2.06
C VAL B 218 33.49 -39.06 0.89
N MET B 219 34.22 -37.94 1.07
CA MET B 219 34.75 -37.19 -0.07
C MET B 219 35.58 -38.07 -1.01
N ALA B 220 36.32 -39.03 -0.45
CA ALA B 220 37.25 -39.80 -1.25
C ALA B 220 36.58 -40.87 -2.09
N GLU B 221 35.32 -41.21 -1.79
CA GLU B 221 34.66 -42.30 -2.48
C GLU B 221 33.61 -41.88 -3.49
N VAL B 222 33.13 -40.66 -3.41
CA VAL B 222 31.87 -40.34 -4.09
C VAL B 222 32.16 -39.90 -5.50
N ASP B 223 31.26 -40.31 -6.40
CA ASP B 223 31.23 -39.78 -7.75
C ASP B 223 30.32 -38.58 -7.85
N ILE B 224 29.30 -38.52 -6.98
CA ILE B 224 28.36 -37.41 -7.02
C ILE B 224 28.20 -36.89 -5.60
N LEU B 225 28.32 -35.57 -5.47
CA LEU B 225 28.05 -34.86 -4.21
C LEU B 225 26.88 -33.93 -4.50
N TYR B 226 25.67 -34.33 -4.12
CA TYR B 226 24.47 -33.55 -4.39
C TYR B 226 24.15 -32.70 -3.15
N MET B 227 24.34 -31.38 -3.27
CA MET B 227 24.18 -30.47 -2.15
C MET B 227 22.81 -29.81 -2.13
N THR B 228 22.31 -29.59 -0.92
CA THR B 228 21.11 -28.80 -0.65
C THR B 228 21.41 -27.94 0.57
N ARG B 229 20.56 -26.95 0.83
CA ARG B 229 20.82 -26.08 1.95
C ARG B 229 20.10 -26.61 3.20
N VAL B 230 20.66 -26.28 4.36
CA VAL B 230 20.03 -26.52 5.65
C VAL B 230 19.51 -25.18 6.16
N GLN B 231 18.19 -25.01 6.16
CA GLN B 231 17.56 -23.84 6.78
C GLN B 231 17.39 -24.11 8.26
N LYS B 232 18.20 -23.45 9.09
CA LYS B 232 18.21 -23.71 10.53
C LYS B 232 16.86 -23.41 11.18
N GLU B 233 16.03 -22.57 10.55
CA GLU B 233 14.67 -22.34 11.05
C GLU B 233 13.89 -23.63 11.19
N ARG B 234 14.13 -24.62 10.32
CA ARG B 234 13.45 -25.91 10.39
C ARG B 234 13.85 -26.72 11.62
N LEU B 235 14.69 -26.18 12.48
CA LEU B 235 15.24 -26.89 13.62
C LEU B 235 14.80 -26.22 14.92
N ASP B 236 14.90 -26.99 15.98
CA ASP B 236 14.88 -26.41 17.30
C ASP B 236 16.16 -25.61 17.53
N PRO B 237 16.08 -24.48 18.23
CA PRO B 237 17.33 -23.79 18.64
C PRO B 237 18.30 -24.71 19.36
N SER B 238 17.81 -25.72 20.08
CA SER B 238 18.68 -26.69 20.73
C SER B 238 19.42 -27.57 19.73
N GLU B 239 19.03 -27.53 18.46
CA GLU B 239 19.72 -28.24 17.40
C GLU B 239 20.56 -27.31 16.51
N TYR B 240 20.57 -26.00 16.80
CA TYR B 240 21.36 -25.10 15.95
C TYR B 240 22.83 -25.49 15.91
N ALA B 241 23.36 -25.98 17.04
CA ALA B 241 24.75 -26.37 17.13
C ALA B 241 25.07 -27.63 16.33
N ASN B 242 24.06 -28.39 15.89
CA ASN B 242 24.31 -29.55 15.04
C ASN B 242 24.54 -29.18 13.57
N VAL B 243 24.45 -27.88 13.25
CA VAL B 243 24.65 -27.37 11.89
C VAL B 243 25.77 -26.34 12.00
N LYS B 244 27.01 -26.79 11.81
CA LYS B 244 28.15 -25.91 11.97
C LYS B 244 28.81 -25.77 10.60
N ALA B 245 29.91 -26.47 10.34
CA ALA B 245 30.59 -26.36 9.05
C ALA B 245 30.52 -27.64 8.25
N GLN B 246 30.02 -28.74 8.82
CA GLN B 246 30.09 -30.05 8.18
C GLN B 246 29.11 -30.23 7.03
N PHE B 247 28.16 -29.31 6.82
CA PHE B 247 27.28 -29.41 5.66
C PHE B 247 27.48 -28.27 4.67
N VAL B 248 28.70 -27.73 4.61
CA VAL B 248 29.05 -26.68 3.67
C VAL B 248 30.37 -27.05 3.03
N LEU B 249 30.40 -26.97 1.70
CA LEU B 249 31.56 -27.37 0.91
C LEU B 249 32.44 -26.17 0.59
N ARG B 250 33.74 -26.34 0.87
CA ARG B 250 34.79 -25.41 0.51
C ARG B 250 35.70 -26.02 -0.53
N ALA B 251 36.44 -25.16 -1.24
CA ALA B 251 37.40 -25.70 -2.18
C ALA B 251 38.40 -26.58 -1.45
N SER B 252 38.83 -26.16 -0.25
CA SER B 252 39.78 -26.92 0.56
C SER B 252 39.32 -28.36 0.76
N ASP B 253 38.01 -28.58 0.90
CA ASP B 253 37.46 -29.91 1.14
C ASP B 253 37.68 -30.89 -0.01
N LEU B 254 38.08 -30.41 -1.19
CA LEU B 254 38.17 -31.28 -2.35
C LEU B 254 39.56 -31.88 -2.54
N HIS B 255 40.44 -31.80 -1.53
CA HIS B 255 41.82 -32.21 -1.71
C HIS B 255 41.95 -33.68 -2.07
N ASN B 256 41.09 -34.52 -1.50
CA ASN B 256 41.14 -35.97 -1.72
C ASN B 256 39.96 -36.48 -2.55
N ALA B 257 39.36 -35.61 -3.35
CA ALA B 257 38.24 -36.04 -4.18
C ALA B 257 38.74 -36.79 -5.40
N LYS B 258 37.94 -37.74 -5.87
CA LYS B 258 38.21 -38.45 -7.11
C LYS B 258 38.13 -37.51 -8.31
N ALA B 259 38.88 -37.86 -9.37
CA ALA B 259 38.97 -37.02 -10.55
C ALA B 259 37.61 -36.82 -11.21
N ASN B 260 36.77 -37.87 -11.23
CA ASN B 260 35.46 -37.80 -11.88
C ASN B 260 34.37 -37.14 -11.03
N MET B 261 34.64 -36.87 -9.76
CA MET B 261 33.59 -36.39 -8.87
C MET B 261 33.02 -35.06 -9.36
N LYS B 262 31.70 -34.93 -9.25
CA LYS B 262 31.00 -33.70 -9.60
C LYS B 262 30.15 -33.24 -8.44
N VAL B 263 30.18 -31.94 -8.16
CA VAL B 263 29.32 -31.31 -7.16
C VAL B 263 28.08 -30.78 -7.87
N LEU B 264 26.91 -31.29 -7.46
CA LEU B 264 25.62 -30.89 -8.00
C LEU B 264 24.83 -30.13 -6.94
N HIS B 265 23.84 -29.34 -7.40
CA HIS B 265 22.96 -28.55 -6.53
C HIS B 265 21.73 -28.13 -7.32
N PRO B 266 20.52 -28.42 -6.84
CA PRO B 266 19.31 -28.05 -7.59
C PRO B 266 19.14 -26.54 -7.72
N LEU B 267 19.72 -25.76 -6.78
CA LEU B 267 19.70 -24.30 -6.80
C LEU B 267 18.33 -23.75 -6.41
N PRO B 268 18.27 -22.56 -5.79
CA PRO B 268 19.42 -21.68 -5.55
C PRO B 268 20.26 -22.18 -4.41
N ARG B 269 21.50 -21.70 -4.34
CA ARG B 269 22.39 -22.00 -3.24
C ARG B 269 22.48 -20.77 -2.34
N VAL B 270 22.89 -21.00 -1.11
CA VAL B 270 23.18 -19.84 -0.27
C VAL B 270 24.65 -19.85 0.13
N ASP B 271 24.96 -20.47 1.27
CA ASP B 271 26.35 -20.55 1.72
C ASP B 271 26.93 -21.95 1.64
N GLU B 272 26.09 -22.98 1.46
CA GLU B 272 26.54 -24.37 1.57
C GLU B 272 27.55 -24.75 0.49
N ILE B 273 27.71 -23.96 -0.57
CA ILE B 273 28.80 -24.13 -1.51
C ILE B 273 29.51 -22.80 -1.59
N ALA B 274 30.74 -22.75 -1.11
CA ALA B 274 31.49 -21.49 -1.18
C ALA B 274 31.90 -21.21 -2.61
N THR B 275 32.01 -19.92 -2.94
CA THR B 275 32.28 -19.56 -4.33
C THR B 275 33.64 -20.04 -4.81
N ASP B 276 34.57 -20.32 -3.90
CA ASP B 276 35.86 -20.86 -4.33
C ASP B 276 35.72 -22.26 -4.91
N VAL B 277 34.57 -22.91 -4.71
CA VAL B 277 34.30 -24.18 -5.37
C VAL B 277 34.03 -23.95 -6.85
N ASP B 278 33.53 -22.77 -7.21
CA ASP B 278 33.03 -22.51 -8.57
C ASP B 278 34.11 -22.71 -9.63
N LYS B 279 35.36 -22.27 -9.36
CA LYS B 279 36.40 -22.38 -10.37
C LYS B 279 37.02 -23.78 -10.41
N THR B 280 36.73 -24.64 -9.43
CA THR B 280 37.29 -25.98 -9.43
C THR B 280 36.62 -26.86 -10.50
N PRO B 281 37.30 -27.89 -10.97
CA PRO B 281 36.68 -28.76 -11.98
C PRO B 281 35.51 -29.57 -11.47
N HIS B 282 35.34 -29.70 -10.16
CA HIS B 282 34.25 -30.51 -9.61
C HIS B 282 32.92 -29.75 -9.58
N ALA B 283 32.96 -28.42 -9.59
CA ALA B 283 31.74 -27.60 -9.62
C ALA B 283 30.97 -27.85 -10.90
N TRP B 284 29.72 -28.31 -10.76
CA TRP B 284 28.94 -28.64 -11.94
C TRP B 284 27.47 -28.25 -11.81
N TYR B 285 27.14 -27.35 -10.88
CA TYR B 285 25.73 -27.01 -10.67
C TYR B 285 25.18 -26.11 -11.79
N PHE B 286 26.02 -25.27 -12.38
CA PHE B 286 25.54 -24.44 -13.48
C PHE B 286 25.40 -25.23 -14.78
N GLN B 287 26.35 -26.12 -15.09
CA GLN B 287 26.17 -27.02 -16.23
C GLN B 287 24.92 -27.89 -16.05
N GLN B 288 24.67 -28.33 -14.81
CA GLN B 288 23.46 -29.07 -14.49
C GLN B 288 22.20 -28.28 -14.85
N ALA B 289 22.11 -27.06 -14.32
CA ALA B 289 20.98 -26.19 -14.64
C ALA B 289 20.83 -26.05 -16.15
N GLY B 290 21.96 -25.88 -16.86
CA GLY B 290 21.93 -25.79 -18.30
C GLY B 290 21.41 -27.04 -18.98
N ASN B 291 21.69 -28.21 -18.40
CA ASN B 291 21.17 -29.47 -18.93
C ASN B 291 19.66 -29.55 -18.81
N GLY B 292 19.09 -28.75 -17.90
CA GLY B 292 17.64 -28.61 -17.87
C GLY B 292 17.04 -28.39 -19.26
N ILE B 293 17.76 -27.65 -20.10
CA ILE B 293 17.31 -27.38 -21.48
C ILE B 293 17.07 -28.68 -22.23
N PHE B 294 18.01 -29.61 -22.13
CA PHE B 294 17.92 -30.81 -22.96
C PHE B 294 17.00 -31.84 -22.36
N ALA B 295 16.89 -31.89 -21.02
CA ALA B 295 15.88 -32.75 -20.42
C ALA B 295 14.48 -32.32 -20.84
N ARG B 296 14.21 -31.01 -20.79
CA ARG B 296 12.87 -30.51 -21.11
C ARG B 296 12.59 -30.55 -22.61
N GLN B 297 13.60 -30.26 -23.44
CA GLN B 297 13.48 -30.44 -24.89
C GLN B 297 13.12 -31.88 -25.22
N ALA B 298 13.82 -32.84 -24.60
CA ALA B 298 13.56 -34.25 -24.87
C ALA B 298 12.12 -34.63 -24.50
N LEU B 299 11.65 -34.16 -23.33
CA LEU B 299 10.29 -34.48 -22.95
C LEU B 299 9.29 -33.92 -23.95
N LEU B 300 9.43 -32.65 -24.30
CA LEU B 300 8.49 -32.04 -25.23
C LEU B 300 8.52 -32.74 -26.59
N ALA B 301 9.72 -33.06 -27.07
CA ALA B 301 9.85 -33.72 -28.36
C ALA B 301 9.17 -35.09 -28.35
N LEU B 302 9.37 -35.87 -27.28
CA LEU B 302 8.79 -37.21 -27.22
C LEU B 302 7.28 -37.13 -27.04
N VAL B 303 6.80 -36.15 -26.28
CA VAL B 303 5.38 -36.09 -26.01
C VAL B 303 4.59 -35.55 -27.20
N LEU B 304 5.18 -34.67 -28.02
CA LEU B 304 4.41 -34.02 -29.06
C LEU B 304 4.66 -34.59 -30.46
N ASN B 305 5.68 -35.42 -30.65
CA ASN B 305 5.98 -35.99 -31.95
C ASN B 305 6.03 -37.50 -31.84
N ARG B 306 5.16 -38.17 -32.61
CA ARG B 306 5.09 -39.63 -32.58
C ARG B 306 6.33 -40.24 -33.19
N ASP B 307 6.66 -39.85 -34.42
CA ASP B 307 7.77 -40.39 -35.18
C ASP B 307 8.90 -39.38 -35.17
N LEU B 308 9.94 -39.67 -34.40
CA LEU B 308 11.04 -38.76 -34.11
C LEU B 308 12.30 -39.19 -34.88
N VAL B 309 12.53 -38.63 -36.07
CA VAL B 309 13.64 -39.11 -36.90
C VAL B 309 14.98 -38.38 -36.70
N LEU B 310 14.97 -37.11 -36.26
CA LEU B 310 16.20 -36.33 -36.14
C LEU B 310 17.02 -36.30 -37.44
N ALA C 1 -15.51 25.38 -9.55
CA ALA C 1 -16.69 24.97 -8.80
C ALA C 1 -16.40 24.87 -7.29
N ASN C 2 -15.35 24.11 -6.94
CA ASN C 2 -14.74 24.19 -5.61
C ASN C 2 -13.28 24.60 -5.83
N PRO C 3 -13.02 25.91 -5.91
CA PRO C 3 -11.65 26.36 -6.17
C PRO C 3 -10.73 26.21 -4.97
N LEU C 4 -11.26 25.81 -3.81
CA LEU C 4 -10.45 25.71 -2.61
C LEU C 4 -9.87 24.31 -2.40
N TYR C 5 -10.17 23.38 -3.30
CA TYR C 5 -9.68 22.01 -3.16
C TYR C 5 -8.16 21.99 -3.08
N GLN C 6 -7.65 21.37 -2.01
CA GLN C 6 -6.21 21.26 -1.70
C GLN C 6 -5.52 22.61 -1.65
N LYS C 7 -6.27 23.68 -1.38
CA LYS C 7 -5.69 24.99 -1.20
C LYS C 7 -5.38 25.21 0.27
N HIS C 8 -4.26 25.87 0.55
CA HIS C 8 -3.96 26.31 1.89
C HIS C 8 -4.83 27.51 2.24
N ILE C 9 -5.28 27.58 3.49
CA ILE C 9 -6.00 28.76 4.00
C ILE C 9 -5.18 29.27 5.17
N ILE C 10 -4.27 30.19 4.90
CA ILE C 10 -3.36 30.74 5.89
C ILE C 10 -3.85 32.13 6.28
N SER C 11 -4.43 32.84 5.32
CA SER C 11 -4.90 34.19 5.54
C SER C 11 -6.32 34.35 4.99
N ILE C 12 -7.11 35.18 5.68
CA ILE C 12 -8.44 35.50 5.18
C ILE C 12 -8.34 36.23 3.84
N ASN C 13 -7.24 36.95 3.61
CA ASN C 13 -7.02 37.65 2.36
C ASN C 13 -6.71 36.74 1.19
N ASP C 14 -6.39 35.46 1.45
CA ASP C 14 -6.22 34.50 0.36
C ASP C 14 -7.55 34.08 -0.26
N LEU C 15 -8.67 34.55 0.28
CA LEU C 15 -9.98 34.17 -0.21
C LEU C 15 -10.64 35.37 -0.85
N SER C 16 -11.07 35.21 -2.10
CA SER C 16 -11.84 36.27 -2.71
C SER C 16 -13.21 36.34 -2.05
N ARG C 17 -13.92 37.43 -2.35
CA ARG C 17 -15.34 37.56 -2.00
C ARG C 17 -16.16 36.35 -2.47
N ASP C 18 -15.87 35.84 -3.67
CA ASP C 18 -16.54 34.62 -4.14
C ASP C 18 -16.20 33.42 -3.27
N ASP C 19 -14.91 33.27 -2.93
CA ASP C 19 -14.49 32.23 -1.98
C ASP C 19 -15.27 32.36 -0.67
N LEU C 20 -15.43 33.59 -0.18
CA LEU C 20 -16.13 33.81 1.08
C LEU C 20 -17.58 33.34 0.96
N ASN C 21 -18.24 33.69 -0.14
CA ASN C 21 -19.62 33.24 -0.31
C ASN C 21 -19.70 31.72 -0.37
N LEU C 22 -18.73 31.09 -1.03
CA LEU C 22 -18.72 29.64 -1.11
C LEU C 22 -18.57 29.02 0.28
N VAL C 23 -17.63 29.53 1.08
CA VAL C 23 -17.42 29.01 2.42
C VAL C 23 -18.66 29.20 3.28
N LEU C 24 -19.27 30.39 3.24
CA LEU C 24 -20.43 30.65 4.09
C LEU C 24 -21.63 29.81 3.70
N ALA C 25 -21.90 29.69 2.38
CA ALA C 25 -22.99 28.84 1.92
C ALA C 25 -22.74 27.38 2.29
N THR C 26 -21.50 26.90 2.17
CA THR C 26 -21.22 25.54 2.60
C THR C 26 -21.45 25.36 4.09
N ALA C 27 -21.04 26.36 4.90
CA ALA C 27 -21.31 26.29 6.34
C ALA C 27 -22.80 26.20 6.61
N ALA C 28 -23.61 27.01 5.92
CA ALA C 28 -25.05 26.97 6.15
C ALA C 28 -25.64 25.64 5.72
N LYS C 29 -25.17 25.08 4.60
CA LYS C 29 -25.69 23.81 4.13
C LYS C 29 -25.33 22.68 5.09
N LEU C 30 -24.11 22.71 5.66
CA LEU C 30 -23.69 21.69 6.59
C LEU C 30 -24.37 21.84 7.95
N LYS C 31 -24.68 23.06 8.37
CA LYS C 31 -25.47 23.25 9.58
C LYS C 31 -26.87 22.69 9.40
N ALA C 32 -27.47 22.89 8.22
CA ALA C 32 -28.83 22.41 7.99
C ALA C 32 -28.85 20.90 7.75
N ASN C 33 -27.96 20.39 6.91
CA ASN C 33 -27.96 18.97 6.56
C ASN C 33 -26.58 18.43 6.87
N PRO C 34 -26.38 17.87 8.06
CA PRO C 34 -25.05 17.36 8.41
C PRO C 34 -24.63 16.23 7.48
N GLN C 35 -23.33 16.19 7.21
CA GLN C 35 -22.72 15.16 6.37
C GLN C 35 -21.74 14.38 7.23
N PRO C 36 -22.22 13.50 8.10
CA PRO C 36 -21.32 12.93 9.10
C PRO C 36 -20.28 12.00 8.50
N GLU C 37 -20.37 11.68 7.19
CA GLU C 37 -19.38 10.77 6.63
C GLU C 37 -18.69 11.32 5.40
N LEU C 38 -18.74 12.63 5.24
CA LEU C 38 -18.14 13.27 4.08
C LEU C 38 -16.63 13.03 4.07
N LEU C 39 -16.00 13.03 5.24
CA LEU C 39 -14.55 12.88 5.31
C LEU C 39 -14.10 11.56 5.94
N LYS C 40 -14.93 10.52 5.93
CA LYS C 40 -14.45 9.27 6.47
C LYS C 40 -13.30 8.77 5.62
N HIS C 41 -12.29 8.20 6.27
CA HIS C 41 -11.01 7.76 5.71
C HIS C 41 -10.06 8.93 5.49
N LYS C 42 -10.40 10.13 5.97
CA LYS C 42 -9.44 11.22 6.03
C LYS C 42 -8.81 11.21 7.41
N VAL C 43 -7.52 11.52 7.46
CA VAL C 43 -6.77 11.66 8.69
C VAL C 43 -6.20 13.06 8.73
N ILE C 44 -6.48 13.80 9.79
CA ILE C 44 -6.12 15.21 9.89
C ILE C 44 -5.19 15.39 11.08
N ALA C 45 -4.10 16.13 10.87
CA ALA C 45 -3.15 16.44 11.93
C ALA C 45 -3.57 17.75 12.57
N SER C 46 -3.81 17.71 13.87
CA SER C 46 -4.18 18.86 14.69
C SER C 46 -2.89 19.30 15.39
N CYS C 47 -2.24 20.32 14.85
CA CYS C 47 -0.88 20.68 15.30
C CYS C 47 -0.93 22.02 16.04
N PHE C 48 -1.10 21.98 17.36
CA PHE C 48 -1.14 23.18 18.17
C PHE C 48 0.22 23.29 18.83
N PHE C 49 1.18 23.79 18.04
CA PHE C 49 2.48 24.17 18.57
C PHE C 49 2.32 25.16 19.72
N GLU C 50 1.29 25.98 19.64
CA GLU C 50 0.87 26.85 20.72
C GLU C 50 -0.46 26.32 21.23
N ALA C 51 -0.54 26.06 22.54
CA ALA C 51 -1.74 25.51 23.12
C ALA C 51 -2.91 26.48 22.97
N SER C 52 -4.10 25.94 22.69
CA SER C 52 -5.33 26.72 22.70
C SER C 52 -6.48 25.71 22.72
N THR C 53 -6.89 25.34 23.94
CA THR C 53 -7.90 24.30 24.10
C THR C 53 -9.19 24.67 23.38
N ARG C 54 -9.59 25.92 23.51
CA ARG C 54 -10.78 26.49 22.91
C ARG C 54 -10.82 26.17 21.41
N THR C 55 -9.83 26.70 20.65
CA THR C 55 -9.82 26.56 19.19
C THR C 55 -9.59 25.11 18.81
N ARG C 56 -8.74 24.40 19.57
CA ARG C 56 -8.47 23.01 19.24
C ARG C 56 -9.73 22.17 19.36
N LEU C 57 -10.48 22.35 20.46
CA LEU C 57 -11.71 21.59 20.65
C LEU C 57 -12.71 21.91 19.55
N SER C 58 -12.78 23.19 19.14
CA SER C 58 -13.69 23.54 18.05
C SER C 58 -13.30 22.85 16.75
N PHE C 59 -12.04 22.98 16.36
CA PHE C 59 -11.56 22.40 15.11
C PHE C 59 -11.73 20.89 15.10
N GLU C 60 -11.32 20.22 16.17
CA GLU C 60 -11.39 18.77 16.20
C GLU C 60 -12.83 18.30 16.19
N THR C 61 -13.72 19.06 16.83
CA THR C 61 -15.14 18.72 16.75
C THR C 61 -15.63 18.78 15.31
N SER C 62 -15.26 19.86 14.60
CA SER C 62 -15.59 19.95 13.17
C SER C 62 -15.13 18.73 12.40
N MET C 63 -13.87 18.34 12.64
CA MET C 63 -13.29 17.18 11.95
C MET C 63 -14.13 15.93 12.20
N HIS C 64 -14.45 15.65 13.46
CA HIS C 64 -15.22 14.46 13.81
C HIS C 64 -16.65 14.55 13.28
N ARG C 65 -17.23 15.75 13.26
CA ARG C 65 -18.57 15.90 12.71
C ARG C 65 -18.60 15.55 11.24
N LEU C 66 -17.46 15.68 10.55
CA LEU C 66 -17.42 15.18 9.17
C LEU C 66 -16.90 13.75 9.05
N GLY C 67 -16.60 13.09 10.17
CA GLY C 67 -16.18 11.71 10.09
C GLY C 67 -14.69 11.48 9.91
N ALA C 68 -13.88 12.52 10.00
CA ALA C 68 -12.44 12.35 9.85
C ALA C 68 -11.82 11.82 11.13
N SER C 69 -10.63 11.23 10.99
CA SER C 69 -9.82 10.85 12.13
C SER C 69 -8.86 11.98 12.46
N VAL C 70 -8.43 12.02 13.72
CA VAL C 70 -7.63 13.12 14.22
C VAL C 70 -6.42 12.57 14.94
N VAL C 71 -5.25 13.06 14.57
CA VAL C 71 -4.05 12.86 15.37
C VAL C 71 -3.50 14.25 15.62
N GLY C 72 -2.82 14.46 16.74
CA GLY C 72 -2.28 15.79 16.97
C GLY C 72 -1.59 15.92 18.31
N PHE C 73 -1.23 17.17 18.60
CA PHE C 73 -0.48 17.52 19.82
C PHE C 73 -0.74 18.96 20.22
N SER C 74 -0.50 19.24 21.50
CA SER C 74 -0.42 20.60 22.04
C SER C 74 0.97 20.80 22.64
N ASP C 75 1.67 21.83 22.19
CA ASP C 75 3.08 22.11 22.54
C ASP C 75 4.03 21.09 21.94
N GLU C 86 14.42 19.82 16.39
CA GLU C 86 13.99 19.68 15.00
C GLU C 86 13.48 21.00 14.47
N THR C 87 13.67 21.26 13.19
CA THR C 87 13.19 22.52 12.63
C THR C 87 11.72 22.37 12.28
N LEU C 88 11.02 23.50 12.26
CA LEU C 88 9.62 23.47 11.88
C LEU C 88 9.44 22.90 10.49
N ALA C 89 10.35 23.27 9.57
CA ALA C 89 10.28 22.77 8.21
C ALA C 89 10.36 21.24 8.19
N ASP C 90 11.28 20.66 8.95
CA ASP C 90 11.39 19.21 9.01
C ASP C 90 10.15 18.59 9.66
N THR C 91 9.62 19.22 10.71
CA THR C 91 8.41 18.67 11.34
C THR C 91 7.27 18.58 10.34
N ILE C 92 7.09 19.62 9.53
CA ILE C 92 6.02 19.61 8.52
C ILE C 92 6.35 18.64 7.40
N SER C 93 7.60 18.61 6.95
CA SER C 93 7.99 17.69 5.89
C SER C 93 7.67 16.26 6.29
N VAL C 94 7.81 15.94 7.58
CA VAL C 94 7.49 14.60 8.01
C VAL C 94 5.98 14.41 8.11
N ILE C 95 5.31 15.30 8.85
CA ILE C 95 3.89 15.09 9.14
C ILE C 95 3.08 15.03 7.85
N SER C 96 3.41 15.88 6.87
CA SER C 96 2.70 15.92 5.60
C SER C 96 2.87 14.63 4.78
N THR C 97 3.73 13.70 5.20
CA THR C 97 3.75 12.40 4.55
C THR C 97 2.71 11.43 5.10
N TYR C 98 2.20 11.67 6.32
CA TYR C 98 1.21 10.82 6.99
C TYR C 98 -0.22 11.20 6.65
N VAL C 99 -0.54 12.49 6.65
CA VAL C 99 -1.90 12.97 6.86
C VAL C 99 -2.42 13.67 5.61
N ASP C 100 -3.72 13.95 5.64
CA ASP C 100 -4.41 14.54 4.51
C ASP C 100 -4.60 16.04 4.66
N ALA C 101 -4.49 16.57 5.87
CA ALA C 101 -4.50 18.01 6.10
C ALA C 101 -3.78 18.30 7.39
N ILE C 102 -3.24 19.50 7.49
CA ILE C 102 -2.56 19.98 8.68
C ILE C 102 -3.30 21.21 9.14
N VAL C 103 -3.92 21.13 10.31
CA VAL C 103 -4.50 22.28 10.99
C VAL C 103 -3.49 22.75 12.03
N MET C 104 -3.02 23.98 11.92
CA MET C 104 -1.86 24.34 12.73
C MET C 104 -2.04 25.71 13.38
N ARG C 105 -1.65 25.78 14.65
CA ARG C 105 -1.54 27.02 15.40
C ARG C 105 -0.12 27.09 15.94
N HIS C 106 0.59 28.16 15.59
CA HIS C 106 1.99 28.32 15.93
C HIS C 106 2.20 29.70 16.54
N PRO C 107 3.05 29.83 17.56
CA PRO C 107 3.25 31.15 18.18
C PRO C 107 3.79 32.22 17.22
N GLN C 108 4.52 31.85 16.17
CA GLN C 108 5.08 32.82 15.24
C GLN C 108 4.16 33.09 14.05
N GLU C 109 3.96 34.37 13.69
CA GLU C 109 3.26 34.77 12.46
C GLU C 109 3.41 33.80 11.28
N GLY C 110 4.55 33.91 10.57
CA GLY C 110 4.81 33.27 9.30
C GLY C 110 4.90 31.76 9.33
N ALA C 111 4.86 31.14 10.51
CA ALA C 111 5.09 29.71 10.58
C ALA C 111 4.11 28.97 9.69
N ALA C 112 2.83 29.35 9.73
CA ALA C 112 1.84 28.68 8.90
C ALA C 112 2.19 28.83 7.43
N ARG C 113 2.50 30.05 6.99
CA ARG C 113 2.91 30.24 5.60
C ARG C 113 4.17 29.44 5.32
N LEU C 114 5.08 29.44 6.29
CA LEU C 114 6.31 28.68 6.17
C LEU C 114 6.00 27.21 5.93
N ALA C 115 5.00 26.70 6.66
CA ALA C 115 4.65 25.30 6.57
C ALA C 115 4.15 24.94 5.19
N THR C 116 3.41 25.85 4.54
CA THR C 116 2.95 25.53 3.19
C THR C 116 4.12 25.27 2.26
N GLU C 117 5.32 25.77 2.59
CA GLU C 117 6.51 25.57 1.73
C GLU C 117 6.97 24.12 1.75
N PHE C 118 6.63 23.31 2.76
CA PHE C 118 7.17 21.96 2.89
C PHE C 118 6.11 20.85 2.98
N SER C 119 4.82 21.19 2.79
CA SER C 119 3.74 20.24 2.97
C SER C 119 3.36 19.52 1.69
N GLY C 120 3.96 19.88 0.56
CA GLY C 120 3.62 19.21 -0.69
C GLY C 120 2.17 19.43 -1.05
N ASN C 121 1.48 18.37 -1.43
CA ASN C 121 0.07 18.47 -1.79
C ASN C 121 -0.87 18.52 -0.58
N VAL C 122 -0.35 18.46 0.63
CA VAL C 122 -1.17 18.43 1.84
C VAL C 122 -1.54 19.85 2.22
N PRO C 123 -2.82 20.20 2.26
CA PRO C 123 -3.21 21.57 2.63
C PRO C 123 -2.98 21.88 4.09
N VAL C 124 -2.62 23.14 4.35
CA VAL C 124 -2.42 23.69 5.69
C VAL C 124 -3.53 24.70 5.93
N LEU C 125 -4.18 24.60 7.10
CA LEU C 125 -5.18 25.56 7.53
C LEU C 125 -4.69 26.22 8.81
N ASN C 126 -4.65 27.54 8.81
CA ASN C 126 -4.14 28.32 9.93
C ASN C 126 -5.20 28.40 11.02
N ALA C 127 -4.83 27.99 12.24
CA ALA C 127 -5.73 27.93 13.39
C ALA C 127 -5.46 29.02 14.41
N ALA C 128 -4.83 30.13 14.00
CA ALA C 128 -4.56 31.23 14.92
C ALA C 128 -5.86 31.95 15.32
N ASP C 129 -5.77 32.68 16.44
CA ASP C 129 -6.89 33.36 17.08
C ASP C 129 -6.85 34.87 16.95
N ALA C 130 -5.70 35.50 17.23
CA ALA C 130 -5.62 36.95 17.30
C ALA C 130 -4.38 37.49 16.61
N SER C 131 -3.61 36.65 15.93
CA SER C 131 -2.45 37.12 15.20
C SER C 131 -2.95 37.84 13.95
N ASN C 132 -2.05 38.15 13.02
CA ASN C 132 -2.49 38.86 11.82
C ASN C 132 -3.32 38.00 10.90
N GLN C 133 -3.39 36.70 11.13
CA GLN C 133 -4.08 35.77 10.25
C GLN C 133 -4.84 34.80 11.15
N HIS C 134 -6.17 34.94 11.16
CA HIS C 134 -7.05 34.06 11.92
C HIS C 134 -8.28 33.74 11.07
N PRO C 135 -8.07 33.06 9.93
CA PRO C 135 -9.15 32.97 8.93
C PRO C 135 -10.44 32.38 9.47
N THR C 136 -10.38 31.34 10.30
CA THR C 136 -11.63 30.73 10.72
C THR C 136 -12.38 31.61 11.71
N GLN C 137 -11.66 32.46 12.46
CA GLN C 137 -12.37 33.39 13.34
C GLN C 137 -13.15 34.42 12.52
N THR C 138 -12.51 35.03 11.51
CA THR C 138 -13.20 35.97 10.65
C THR C 138 -14.34 35.27 9.92
N LEU C 139 -14.13 34.01 9.55
CA LEU C 139 -15.17 33.29 8.83
C LEU C 139 -16.38 33.02 9.71
N LEU C 140 -16.17 32.58 10.95
CA LEU C 140 -17.31 32.34 11.83
C LEU C 140 -17.97 33.65 12.25
N ASP C 141 -17.18 34.72 12.38
CA ASP C 141 -17.75 36.04 12.63
C ASP C 141 -18.73 36.43 11.52
N LEU C 142 -18.26 36.39 10.27
CA LEU C 142 -19.12 36.72 9.13
C LEU C 142 -20.32 35.80 9.06
N PHE C 143 -20.12 34.51 9.29
CA PHE C 143 -21.22 33.56 9.19
C PHE C 143 -22.30 33.86 10.22
N THR C 144 -21.89 34.17 11.45
CA THR C 144 -22.84 34.51 12.50
C THR C 144 -23.61 35.79 12.14
N ILE C 145 -22.91 36.79 11.59
CA ILE C 145 -23.59 38.00 11.15
C ILE C 145 -24.62 37.66 10.09
N GLN C 146 -24.23 36.84 9.10
CA GLN C 146 -25.14 36.53 8.00
C GLN C 146 -26.35 35.75 8.47
N GLU C 147 -26.14 34.80 9.39
CA GLU C 147 -27.25 33.98 9.87
C GLU C 147 -28.24 34.80 10.69
N THR C 148 -27.76 35.69 11.56
CA THR C 148 -28.66 36.42 12.44
C THR C 148 -29.27 37.66 11.77
N GLN C 149 -28.61 38.23 10.76
CA GLN C 149 -29.13 39.42 10.10
C GLN C 149 -29.75 39.13 8.73
N GLY C 150 -29.54 37.93 8.17
CA GLY C 150 -30.09 37.60 6.87
C GLY C 150 -29.27 38.05 5.69
N ARG C 151 -28.16 38.75 5.91
CA ARG C 151 -27.36 39.32 4.83
C ARG C 151 -26.03 39.81 5.40
N LEU C 152 -25.11 40.18 4.49
CA LEU C 152 -23.86 40.86 4.89
C LEU C 152 -23.69 42.27 4.30
N ASP C 153 -24.66 42.78 3.54
CA ASP C 153 -24.70 44.16 3.07
C ASP C 153 -25.70 45.01 3.82
N ASN C 154 -25.44 46.31 3.77
CA ASN C 154 -26.31 47.37 4.30
C ASN C 154 -26.63 47.12 5.76
N LEU C 155 -25.58 46.96 6.57
CA LEU C 155 -25.71 46.72 7.98
C LEU C 155 -25.09 47.86 8.79
N HIS C 156 -25.51 47.97 10.04
CA HIS C 156 -24.91 48.88 11.00
C HIS C 156 -24.14 48.03 12.03
N VAL C 157 -22.82 48.13 11.97
CA VAL C 157 -21.93 47.27 12.73
C VAL C 157 -21.03 48.15 13.58
N ALA C 158 -21.10 47.98 14.89
CA ALA C 158 -20.28 48.71 15.84
C ALA C 158 -19.23 47.76 16.39
N MET C 159 -18.00 48.25 16.49
CA MET C 159 -16.87 47.52 17.03
C MET C 159 -16.30 48.25 18.25
N VAL C 160 -16.18 47.53 19.37
CA VAL C 160 -15.91 48.13 20.68
C VAL C 160 -14.65 47.51 21.29
N GLY C 161 -13.82 48.35 21.91
CA GLY C 161 -12.70 47.90 22.72
C GLY C 161 -11.38 48.45 22.23
N ASP C 162 -10.34 47.62 22.28
CA ASP C 162 -9.01 47.98 21.78
C ASP C 162 -9.04 47.79 20.28
N LEU C 163 -9.32 48.87 19.56
CA LEU C 163 -9.37 48.81 18.11
C LEU C 163 -8.01 49.02 17.48
N LYS C 164 -7.02 49.43 18.27
CA LYS C 164 -5.68 49.62 17.74
C LYS C 164 -4.93 48.29 17.58
N TYR C 165 -5.03 47.41 18.58
CA TYR C 165 -4.36 46.11 18.54
C TYR C 165 -5.32 44.94 18.46
N GLY C 166 -6.63 45.20 18.44
CA GLY C 166 -7.59 44.14 18.24
C GLY C 166 -7.55 43.65 16.81
N ARG C 167 -6.77 42.60 16.55
CA ARG C 167 -6.55 42.20 15.16
C ARG C 167 -7.80 41.56 14.54
N THR C 168 -8.65 40.92 15.35
CA THR C 168 -9.86 40.33 14.78
C THR C 168 -10.88 41.41 14.40
N VAL C 169 -10.84 42.56 15.06
CA VAL C 169 -11.65 43.70 14.61
C VAL C 169 -11.15 44.21 13.26
N HIS C 170 -9.83 44.27 13.09
CA HIS C 170 -9.27 44.69 11.80
C HIS C 170 -9.72 43.75 10.69
N SER C 171 -9.47 42.45 10.85
CA SER C 171 -9.82 41.50 9.81
C SER C 171 -11.31 41.52 9.53
N LEU C 172 -12.14 41.59 10.56
CA LEU C 172 -13.59 41.59 10.31
C LEU C 172 -14.00 42.84 9.55
N THR C 173 -13.41 44.00 9.89
CA THR C 173 -13.73 45.23 9.16
C THR C 173 -13.34 45.11 7.69
N GLN C 174 -12.16 44.55 7.42
CA GLN C 174 -11.74 44.39 6.03
C GLN C 174 -12.63 43.42 5.28
N ALA C 175 -13.08 42.37 5.95
CA ALA C 175 -13.94 41.40 5.28
C ALA C 175 -15.32 41.99 5.02
N LEU C 176 -15.87 42.73 5.99
CA LEU C 176 -17.17 43.36 5.78
C LEU C 176 -17.09 44.47 4.75
N ALA C 177 -15.93 45.13 4.67
CA ALA C 177 -15.72 46.14 3.63
C ALA C 177 -15.76 45.55 2.23
N LYS C 178 -15.62 44.23 2.06
CA LYS C 178 -15.75 43.73 0.71
C LYS C 178 -17.19 43.79 0.23
N PHE C 179 -18.15 44.06 1.12
CA PHE C 179 -19.56 44.08 0.77
C PHE C 179 -20.10 45.53 0.66
N ASP C 180 -21.34 45.67 0.19
CA ASP C 180 -21.96 46.98 0.00
C ASP C 180 -22.66 47.58 1.20
N GLY C 181 -22.57 48.89 1.28
CA GLY C 181 -23.50 49.65 2.03
C GLY C 181 -23.37 49.51 3.51
N ASN C 182 -22.32 48.89 4.01
CA ASN C 182 -22.18 48.75 5.45
C ASN C 182 -21.67 50.07 6.03
N ARG C 183 -22.08 50.35 7.26
CA ARG C 183 -21.67 51.52 7.99
C ARG C 183 -21.07 51.07 9.31
N PHE C 184 -19.90 51.61 9.65
CA PHE C 184 -19.14 51.14 10.78
C PHE C 184 -19.17 52.19 11.89
N TYR C 185 -19.22 51.72 13.13
CA TYR C 185 -19.13 52.58 14.30
C TYR C 185 -17.99 52.05 15.15
N PHE C 186 -16.97 52.87 15.35
CA PHE C 186 -15.77 52.46 16.07
C PHE C 186 -15.79 53.14 17.44
N ILE C 187 -16.01 52.33 18.48
CA ILE C 187 -16.15 52.81 19.85
C ILE C 187 -14.93 52.34 20.60
N ALA C 188 -14.04 53.27 20.92
CA ALA C 188 -12.78 52.97 21.55
C ALA C 188 -12.30 54.22 22.27
N PRO C 189 -11.48 54.08 23.31
CA PRO C 189 -10.75 55.26 23.77
C PRO C 189 -9.95 55.78 22.59
N ASP C 190 -9.77 57.09 22.54
CA ASP C 190 -9.11 57.64 21.36
C ASP C 190 -7.66 57.17 21.25
N ALA C 191 -7.02 56.81 22.37
CA ALA C 191 -5.68 56.26 22.33
C ALA C 191 -5.63 54.87 21.70
N LEU C 192 -6.77 54.20 21.57
CA LEU C 192 -6.85 52.85 21.01
C LEU C 192 -7.79 52.82 19.81
N ALA C 193 -7.70 53.81 18.93
CA ALA C 193 -8.59 53.89 17.79
C ALA C 193 -8.15 52.94 16.68
N MET C 194 -9.07 52.70 15.76
CA MET C 194 -8.77 51.88 14.61
C MET C 194 -7.63 52.52 13.82
N PRO C 195 -6.67 51.74 13.34
CA PRO C 195 -5.53 52.32 12.62
C PRO C 195 -5.97 53.12 11.39
N GLN C 196 -5.16 54.14 11.07
CA GLN C 196 -5.52 55.05 9.98
C GLN C 196 -5.61 54.32 8.65
N TYR C 197 -4.80 53.29 8.42
CA TYR C 197 -4.82 52.63 7.12
C TYR C 197 -6.15 51.92 6.87
N ILE C 198 -6.82 51.46 7.91
CA ILE C 198 -8.12 50.83 7.71
C ILE C 198 -9.17 51.88 7.34
N LEU C 199 -9.17 53.00 8.06
CA LEU C 199 -10.06 54.10 7.70
C LEU C 199 -9.81 54.57 6.28
N ASP C 200 -8.55 54.59 5.84
CA ASP C 200 -8.24 54.97 4.47
C ASP C 200 -8.78 53.97 3.47
N MET C 201 -8.64 52.68 3.78
CA MET C 201 -9.24 51.66 2.93
C MET C 201 -10.75 51.85 2.83
N LEU C 202 -11.39 52.20 3.94
CA LEU C 202 -12.83 52.42 3.93
C LEU C 202 -13.18 53.69 3.15
N ASP C 203 -12.33 54.71 3.20
CA ASP C 203 -12.57 55.92 2.42
C ASP C 203 -12.47 55.63 0.93
N GLU C 204 -11.52 54.80 0.52
CA GLU C 204 -11.29 54.52 -0.89
C GLU C 204 -12.42 53.73 -1.51
N LYS C 205 -13.19 53.00 -0.71
CA LYS C 205 -14.39 52.33 -1.18
C LYS C 205 -15.65 53.16 -0.94
N GLY C 206 -15.52 54.36 -0.40
CA GLY C 206 -16.68 55.15 -0.04
C GLY C 206 -17.59 54.48 0.96
N ILE C 207 -17.01 53.85 1.99
CA ILE C 207 -17.77 53.20 3.05
C ILE C 207 -17.84 54.17 4.22
N ALA C 208 -19.04 54.34 4.79
CA ALA C 208 -19.25 55.32 5.84
C ALA C 208 -18.85 54.76 7.20
N TRP C 209 -18.16 55.58 7.99
CA TRP C 209 -17.76 55.19 9.34
C TRP C 209 -17.69 56.41 10.24
N SER C 210 -17.87 56.18 11.54
CA SER C 210 -17.81 57.26 12.53
C SER C 210 -17.16 56.75 13.81
N LEU C 211 -16.62 57.68 14.58
CA LEU C 211 -16.02 57.39 15.87
C LEU C 211 -16.95 57.79 17.01
N HIS C 212 -16.89 57.05 18.11
CA HIS C 212 -17.75 57.31 19.25
C HIS C 212 -17.01 56.95 20.53
N SER C 213 -17.48 57.54 21.63
CA SER C 213 -16.85 57.42 22.94
C SER C 213 -17.59 56.51 23.90
N SER C 214 -18.77 56.01 23.53
CA SER C 214 -19.55 55.19 24.44
C SER C 214 -20.43 54.23 23.65
N ILE C 215 -20.79 53.11 24.29
CA ILE C 215 -21.70 52.18 23.63
C ILE C 215 -23.10 52.76 23.56
N GLU C 216 -23.50 53.56 24.58
CA GLU C 216 -24.85 54.12 24.62
C GLU C 216 -25.11 55.07 23.47
N GLU C 217 -24.07 55.77 23.01
CA GLU C 217 -24.24 56.75 21.95
C GLU C 217 -24.78 56.08 20.68
N VAL C 218 -24.32 54.86 20.39
CA VAL C 218 -24.68 54.17 19.16
C VAL C 218 -25.71 53.07 19.37
N MET C 219 -26.04 52.72 20.62
CA MET C 219 -26.77 51.48 20.89
C MET C 219 -28.03 51.35 20.04
N ALA C 220 -28.72 52.45 19.78
CA ALA C 220 -29.99 52.40 19.08
C ALA C 220 -29.85 52.18 17.58
N GLU C 221 -28.63 52.32 17.04
CA GLU C 221 -28.46 52.29 15.60
C GLU C 221 -27.92 50.98 15.06
N VAL C 222 -27.34 50.13 15.91
CA VAL C 222 -26.49 49.04 15.46
C VAL C 222 -27.28 47.74 15.29
N ASP C 223 -26.90 46.98 14.28
CA ASP C 223 -27.35 45.60 14.11
C ASP C 223 -26.39 44.61 14.75
N ILE C 224 -25.10 44.95 14.82
CA ILE C 224 -24.12 44.07 15.44
C ILE C 224 -23.28 44.90 16.38
N LEU C 225 -23.08 44.40 17.61
CA LEU C 225 -22.17 45.01 18.57
C LEU C 225 -21.07 44.01 18.85
N TYR C 226 -19.91 44.19 18.21
CA TYR C 226 -18.80 43.26 18.33
C TYR C 226 -17.88 43.77 19.43
N MET C 227 -17.81 43.04 20.54
CA MET C 227 -17.08 43.46 21.72
C MET C 227 -15.70 42.86 21.82
N THR C 228 -14.76 43.67 22.33
CA THR C 228 -13.45 43.21 22.77
C THR C 228 -13.15 43.94 24.07
N ARG C 229 -12.00 43.61 24.66
CA ARG C 229 -11.61 44.21 25.93
C ARG C 229 -10.75 45.45 25.69
N VAL C 230 -10.83 46.39 26.63
CA VAL C 230 -9.87 47.48 26.74
C VAL C 230 -8.96 47.14 27.92
N GLN C 231 -7.66 47.00 27.65
CA GLN C 231 -6.70 46.72 28.70
C GLN C 231 -6.01 48.01 29.12
N LYS C 232 -5.96 48.26 30.44
CA LYS C 232 -5.34 49.46 31.00
C LYS C 232 -3.94 49.70 30.42
N GLU C 233 -3.90 50.19 29.19
CA GLU C 233 -2.73 50.76 28.53
C GLU C 233 -3.14 52.02 27.79
N ARG C 234 -4.03 52.80 28.42
CA ARG C 234 -4.72 53.90 27.77
C ARG C 234 -4.26 55.24 28.33
N VAL C 243 -12.73 56.32 31.67
CA VAL C 243 -13.71 55.46 32.34
C VAL C 243 -14.11 54.26 31.49
N LYS C 244 -13.44 53.12 31.68
CA LYS C 244 -13.77 51.93 30.90
C LYS C 244 -15.24 51.55 31.01
N ALA C 245 -15.95 52.05 32.03
CA ALA C 245 -17.42 51.95 32.11
C ALA C 245 -18.17 52.68 31.00
N GLN C 246 -17.45 53.18 29.98
CA GLN C 246 -18.07 53.53 28.71
C GLN C 246 -18.04 52.38 27.74
N PHE C 247 -17.11 51.44 27.93
CA PHE C 247 -16.85 50.37 26.97
C PHE C 247 -17.25 48.99 27.50
N VAL C 248 -17.85 48.94 28.69
CA VAL C 248 -18.33 47.70 29.29
C VAL C 248 -19.83 47.64 29.08
N LEU C 249 -20.31 46.51 28.58
CA LEU C 249 -21.72 46.31 28.29
C LEU C 249 -22.39 45.57 29.44
N ARG C 250 -23.46 46.15 29.98
CA ARG C 250 -24.33 45.51 30.93
C ARG C 250 -25.73 45.45 30.33
N ALA C 251 -26.60 44.61 30.92
CA ALA C 251 -27.95 44.47 30.38
C ALA C 251 -28.70 45.79 30.35
N SER C 252 -28.47 46.67 31.33
CA SER C 252 -29.11 47.98 31.34
C SER C 252 -29.03 48.67 29.99
N ASP C 253 -27.87 48.58 29.34
CA ASP C 253 -27.62 49.32 28.10
C ASP C 253 -28.50 48.88 26.93
N LEU C 254 -29.20 47.74 27.02
CA LEU C 254 -29.88 47.23 25.85
C LEU C 254 -31.32 47.71 25.73
N HIS C 255 -31.72 48.71 26.52
CA HIS C 255 -33.13 49.11 26.56
C HIS C 255 -33.63 49.59 25.20
N ASN C 256 -32.78 50.31 24.46
CA ASN C 256 -33.15 50.89 23.18
C ASN C 256 -32.45 50.19 22.01
N ALA C 257 -32.06 48.93 22.19
CA ALA C 257 -31.37 48.22 21.14
C ALA C 257 -32.37 47.78 20.08
N LYS C 258 -31.91 47.70 18.83
CA LYS C 258 -32.77 47.18 17.78
C LYS C 258 -33.11 45.73 18.10
N ALA C 259 -34.32 45.32 17.73
CA ALA C 259 -34.78 43.97 18.07
C ALA C 259 -33.88 42.90 17.47
N ASN C 260 -33.34 43.15 16.28
CA ASN C 260 -32.47 42.21 15.58
C ASN C 260 -31.05 42.21 16.08
N MET C 261 -30.65 43.16 16.92
CA MET C 261 -29.24 43.32 17.29
C MET C 261 -28.66 42.08 17.98
N LYS C 262 -27.42 41.75 17.62
CA LYS C 262 -26.72 40.66 18.29
C LYS C 262 -25.40 41.19 18.87
N VAL C 263 -25.10 40.79 20.09
CA VAL C 263 -23.82 41.09 20.72
C VAL C 263 -22.89 39.93 20.41
N LEU C 264 -21.79 40.24 19.74
CA LEU C 264 -20.80 39.23 19.37
C LEU C 264 -19.52 39.45 20.17
N HIS C 265 -18.74 38.38 20.29
CA HIS C 265 -17.47 38.48 21.01
C HIS C 265 -16.59 37.30 20.62
N PRO C 266 -15.35 37.55 20.17
CA PRO C 266 -14.50 36.43 19.73
C PRO C 266 -14.18 35.47 20.86
N LEU C 267 -14.19 35.95 22.10
CA LEU C 267 -13.95 35.16 23.31
C LEU C 267 -12.48 34.78 23.46
N PRO C 268 -11.99 34.63 24.70
CA PRO C 268 -12.78 34.72 25.93
C PRO C 268 -13.06 36.16 26.32
N ARG C 269 -14.03 36.37 27.19
CA ARG C 269 -14.32 37.67 27.76
C ARG C 269 -13.81 37.73 29.18
N VAL C 270 -13.58 38.95 29.65
CA VAL C 270 -13.26 39.12 31.06
C VAL C 270 -14.41 39.88 31.69
N ASP C 271 -14.31 41.21 31.70
CA ASP C 271 -15.31 42.07 32.30
C ASP C 271 -16.13 42.84 31.28
N GLU C 272 -15.65 42.94 30.04
CA GLU C 272 -16.23 43.88 29.08
C GLU C 272 -17.68 43.56 28.74
N ILE C 273 -18.17 42.36 29.06
CA ILE C 273 -19.58 42.03 28.98
C ILE C 273 -20.01 41.43 30.31
N ALA C 274 -20.92 42.10 31.01
CA ALA C 274 -21.40 41.59 32.29
C ALA C 274 -22.30 40.38 32.07
N THR C 275 -22.35 39.50 33.08
CA THR C 275 -23.06 38.24 32.91
C THR C 275 -24.57 38.44 32.79
N ASP C 276 -25.10 39.57 33.26
CA ASP C 276 -26.52 39.81 33.08
C ASP C 276 -26.91 39.99 31.63
N VAL C 277 -25.93 40.19 30.74
CA VAL C 277 -26.24 40.24 29.32
C VAL C 277 -26.62 38.86 28.81
N ASP C 278 -26.10 37.81 29.45
CA ASP C 278 -26.18 36.45 28.91
C ASP C 278 -27.62 36.03 28.66
N LYS C 279 -28.55 36.42 29.54
CA LYS C 279 -29.94 35.98 29.45
C LYS C 279 -30.76 36.74 28.42
N THR C 280 -30.26 37.86 27.91
CA THR C 280 -31.01 38.65 26.95
C THR C 280 -30.98 37.99 25.57
N PRO C 281 -31.97 38.27 24.72
CA PRO C 281 -31.95 37.72 23.36
C PRO C 281 -30.84 38.29 22.49
N HIS C 282 -30.20 39.39 22.92
CA HIS C 282 -29.12 39.99 22.16
C HIS C 282 -27.79 39.31 22.39
N ALA C 283 -27.63 38.60 23.51
CA ALA C 283 -26.40 37.85 23.78
C ALA C 283 -26.24 36.75 22.74
N TRP C 284 -25.16 36.82 21.97
CA TRP C 284 -24.97 35.85 20.89
C TRP C 284 -23.53 35.34 20.79
N TYR C 285 -22.72 35.50 21.83
CA TYR C 285 -21.31 35.11 21.72
C TYR C 285 -21.12 33.60 21.78
N PHE C 286 -21.97 32.90 22.52
CA PHE C 286 -21.89 31.44 22.60
C PHE C 286 -22.42 30.77 21.34
N GLN C 287 -23.55 31.26 20.81
CA GLN C 287 -24.01 30.76 19.52
C GLN C 287 -22.97 31.03 18.42
N GLN C 288 -22.31 32.19 18.47
CA GLN C 288 -21.22 32.50 17.56
C GLN C 288 -20.10 31.45 17.64
N ALA C 289 -19.62 31.18 18.86
CA ALA C 289 -18.63 30.11 19.02
C ALA C 289 -19.14 28.81 18.42
N GLY C 290 -20.42 28.50 18.64
CA GLY C 290 -20.99 27.28 18.08
C GLY C 290 -20.95 27.27 16.57
N ASN C 291 -21.13 28.44 15.94
CA ASN C 291 -21.05 28.54 14.50
C ASN C 291 -19.63 28.31 13.99
N GLY C 292 -18.65 28.52 14.87
CA GLY C 292 -17.29 28.10 14.54
C GLY C 292 -17.22 26.69 13.99
N ILE C 293 -18.08 25.80 14.50
CA ILE C 293 -18.12 24.42 14.02
C ILE C 293 -18.38 24.38 12.52
N PHE C 294 -19.34 25.18 12.05
CA PHE C 294 -19.74 25.07 10.66
C PHE C 294 -18.81 25.84 9.73
N ALA C 295 -18.24 26.95 10.19
CA ALA C 295 -17.19 27.57 9.39
C ALA C 295 -16.01 26.61 9.20
N ARG C 296 -15.60 25.92 10.28
CA ARG C 296 -14.43 25.07 10.19
C ARG C 296 -14.72 23.79 9.41
N GLN C 297 -15.92 23.21 9.61
CA GLN C 297 -16.36 22.11 8.77
C GLN C 297 -16.34 22.49 7.30
N ALA C 298 -16.88 23.67 6.98
CA ALA C 298 -16.94 24.09 5.59
C ALA C 298 -15.54 24.16 4.99
N LEU C 299 -14.59 24.74 5.73
CA LEU C 299 -13.22 24.83 5.22
C LEU C 299 -12.62 23.45 4.97
N LEU C 300 -12.71 22.55 5.97
CA LEU C 300 -12.18 21.21 5.82
C LEU C 300 -12.83 20.46 4.66
N ALA C 301 -14.16 20.58 4.53
CA ALA C 301 -14.88 19.88 3.48
C ALA C 301 -14.43 20.35 2.10
N LEU C 302 -14.34 21.67 1.91
CA LEU C 302 -13.97 22.19 0.60
C LEU C 302 -12.52 21.89 0.28
N VAL C 303 -11.66 21.89 1.29
CA VAL C 303 -10.25 21.68 1.04
C VAL C 303 -9.95 20.20 0.74
N LEU C 304 -10.74 19.28 1.33
CA LEU C 304 -10.39 17.86 1.20
C LEU C 304 -11.26 17.09 0.22
N ASN C 305 -12.36 17.66 -0.25
CA ASN C 305 -13.23 16.98 -1.20
C ASN C 305 -13.44 17.88 -2.41
N ARG C 306 -13.14 17.35 -3.59
CA ARG C 306 -13.23 18.17 -4.81
C ARG C 306 -14.67 18.62 -5.08
N ASP C 307 -15.61 17.70 -5.08
CA ASP C 307 -16.98 18.00 -5.47
C ASP C 307 -17.90 18.08 -4.25
N LEU C 308 -18.90 18.97 -4.33
CA LEU C 308 -19.67 19.47 -3.18
C LEU C 308 -20.91 18.61 -2.93
N VAL C 309 -20.78 17.62 -2.05
CA VAL C 309 -21.89 16.72 -1.71
C VAL C 309 -22.63 17.23 -0.45
N ALA D 1 -1.06 -19.11 6.94
CA ALA D 1 -1.19 -18.90 8.38
C ALA D 1 -0.42 -17.67 8.83
N ASN D 2 -1.06 -16.88 9.68
CA ASN D 2 -0.45 -15.67 10.18
C ASN D 2 0.27 -15.99 11.49
N PRO D 3 1.62 -16.08 11.48
CA PRO D 3 2.33 -16.46 12.72
C PRO D 3 2.48 -15.35 13.72
N LEU D 4 2.14 -14.11 13.37
CA LEU D 4 2.32 -12.96 14.24
C LEU D 4 1.06 -12.59 15.02
N TYR D 5 -0.03 -13.35 14.86
CA TYR D 5 -1.29 -12.98 15.51
C TYR D 5 -1.13 -12.89 17.03
N GLN D 6 -1.52 -11.73 17.58
CA GLN D 6 -1.46 -11.44 19.02
C GLN D 6 -0.07 -11.67 19.61
N LYS D 7 0.95 -11.54 18.79
CA LYS D 7 2.33 -11.62 19.27
C LYS D 7 2.79 -10.24 19.70
N HIS D 8 3.60 -10.20 20.76
CA HIS D 8 4.24 -8.97 21.16
C HIS D 8 5.38 -8.65 20.21
N ILE D 9 5.55 -7.37 19.89
CA ILE D 9 6.66 -6.91 19.05
C ILE D 9 7.44 -5.91 19.88
N ILE D 10 8.41 -6.41 20.64
CA ILE D 10 9.17 -5.58 21.56
C ILE D 10 10.55 -5.33 20.95
N SER D 11 11.09 -6.33 20.27
CA SER D 11 12.41 -6.24 19.68
C SER D 11 12.38 -6.82 18.27
N ILE D 12 13.29 -6.32 17.41
CA ILE D 12 13.42 -6.86 16.07
C ILE D 12 13.72 -8.35 16.13
N ASN D 13 14.34 -8.81 17.22
CA ASN D 13 14.67 -10.23 17.38
C ASN D 13 13.43 -11.09 17.64
N ASP D 14 12.28 -10.49 17.95
CA ASP D 14 11.06 -11.28 18.04
C ASP D 14 10.56 -11.72 16.67
N LEU D 15 11.21 -11.30 15.59
CA LEU D 15 10.78 -11.62 14.24
C LEU D 15 11.80 -12.54 13.56
N SER D 16 11.33 -13.69 13.08
CA SER D 16 12.16 -14.58 12.26
C SER D 16 12.35 -13.88 10.91
N ARG D 17 13.28 -14.34 10.06
CA ARG D 17 13.31 -13.78 8.70
C ARG D 17 11.98 -13.99 7.96
N ASP D 18 11.33 -15.15 8.15
CA ASP D 18 10.00 -15.30 7.54
C ASP D 18 9.02 -14.28 8.10
N ASP D 19 8.99 -14.09 9.43
CA ASP D 19 8.17 -13.02 10.02
C ASP D 19 8.52 -11.68 9.42
N LEU D 20 9.82 -11.39 9.30
CA LEU D 20 10.26 -10.11 8.79
C LEU D 20 9.80 -9.90 7.34
N ASN D 21 9.95 -10.93 6.50
CA ASN D 21 9.47 -10.84 5.13
C ASN D 21 7.97 -10.64 5.10
N LEU D 22 7.24 -11.30 6.00
CA LEU D 22 5.79 -11.15 6.06
C LEU D 22 5.40 -9.72 6.39
N VAL D 23 6.09 -9.11 7.36
CA VAL D 23 5.80 -7.72 7.70
C VAL D 23 6.08 -6.82 6.50
N LEU D 24 7.20 -7.03 5.81
CA LEU D 24 7.53 -6.13 4.70
C LEU D 24 6.54 -6.26 3.55
N ALA D 25 6.17 -7.50 3.20
CA ALA D 25 5.17 -7.73 2.16
C ALA D 25 3.80 -7.15 2.55
N THR D 26 3.38 -7.34 3.82
CA THR D 26 2.12 -6.75 4.26
C THR D 26 2.17 -5.23 4.19
N ALA D 27 3.29 -4.63 4.58
CA ALA D 27 3.45 -3.19 4.47
C ALA D 27 3.30 -2.73 3.01
N ALA D 28 3.93 -3.46 2.08
CA ALA D 28 3.81 -3.06 0.67
C ALA D 28 2.37 -3.18 0.19
N LYS D 29 1.68 -4.25 0.61
CA LYS D 29 0.31 -4.45 0.18
C LYS D 29 -0.62 -3.37 0.75
N LEU D 30 -0.40 -2.98 2.02
CA LEU D 30 -1.26 -1.94 2.58
C LEU D 30 -0.96 -0.57 1.98
N LYS D 31 0.30 -0.31 1.59
CA LYS D 31 0.57 0.92 0.88
C LYS D 31 -0.14 0.94 -0.48
N ALA D 32 -0.15 -0.20 -1.18
CA ALA D 32 -0.76 -0.27 -2.50
C ALA D 32 -2.28 -0.33 -2.43
N ASN D 33 -2.81 -1.14 -1.51
CA ASN D 33 -4.26 -1.35 -1.39
C ASN D 33 -4.63 -1.14 0.08
N PRO D 34 -4.99 0.08 0.45
CA PRO D 34 -5.34 0.35 1.85
C PRO D 34 -6.56 -0.44 2.30
N GLN D 35 -6.57 -0.82 3.58
CA GLN D 35 -7.68 -1.54 4.20
C GLN D 35 -8.25 -0.71 5.35
N PRO D 36 -8.95 0.38 5.05
CA PRO D 36 -9.31 1.36 6.09
C PRO D 36 -10.35 0.88 7.10
N GLU D 37 -10.92 -0.31 6.93
CA GLU D 37 -11.86 -0.83 7.91
C GLU D 37 -11.38 -2.15 8.49
N LEU D 38 -10.10 -2.50 8.31
CA LEU D 38 -9.64 -3.82 8.75
C LEU D 38 -9.76 -3.97 10.25
N LEU D 39 -9.46 -2.90 11.00
CA LEU D 39 -9.48 -2.95 12.46
C LEU D 39 -10.65 -2.15 13.03
N LYS D 40 -11.75 -2.08 12.28
CA LYS D 40 -12.95 -1.45 12.81
C LYS D 40 -13.38 -2.18 14.06
N HIS D 41 -13.83 -1.41 15.05
CA HIS D 41 -14.23 -1.90 16.37
C HIS D 41 -13.06 -2.35 17.24
N LYS D 42 -11.83 -2.10 16.81
CA LYS D 42 -10.69 -2.29 17.69
C LYS D 42 -10.38 -0.96 18.34
N VAL D 43 -9.95 -1.01 19.60
CA VAL D 43 -9.51 0.15 20.34
C VAL D 43 -8.06 -0.09 20.72
N ILE D 44 -7.20 0.88 20.43
CA ILE D 44 -5.77 0.75 20.65
C ILE D 44 -5.32 1.84 21.60
N ALA D 45 -4.52 1.45 22.59
CA ALA D 45 -3.99 2.39 23.57
C ALA D 45 -2.62 2.87 23.10
N SER D 46 -2.46 4.18 22.99
CA SER D 46 -1.22 4.83 22.60
C SER D 46 -0.60 5.42 23.87
N CYS D 47 0.32 4.67 24.46
CA CYS D 47 0.87 4.93 25.78
C CYS D 47 2.27 5.46 25.63
N PHE D 48 2.41 6.78 25.52
CA PHE D 48 3.75 7.34 25.39
C PHE D 48 4.16 7.87 26.76
N PHE D 49 4.59 6.93 27.61
CA PHE D 49 5.19 7.29 28.88
C PHE D 49 6.36 8.22 28.64
N GLU D 50 7.05 8.03 27.53
CA GLU D 50 8.07 8.96 27.07
C GLU D 50 7.52 9.65 25.84
N ALA D 51 7.53 10.98 25.85
CA ALA D 51 6.99 11.73 24.73
C ALA D 51 7.80 11.47 23.47
N SER D 52 7.08 11.44 22.34
CA SER D 52 7.73 11.45 21.01
C SER D 52 6.66 11.80 19.97
N THR D 53 6.55 13.09 19.66
CA THR D 53 5.47 13.58 18.81
C THR D 53 5.52 12.92 17.44
N ARG D 54 6.69 12.91 16.79
CA ARG D 54 6.86 12.27 15.48
C ARG D 54 6.34 10.83 15.47
N THR D 55 6.88 9.99 16.37
CA THR D 55 6.56 8.57 16.35
C THR D 55 5.13 8.33 16.78
N ARG D 56 4.62 9.11 17.74
CA ARG D 56 3.23 8.94 18.14
C ARG D 56 2.29 9.31 17.00
N LEU D 57 2.57 10.43 16.32
CA LEU D 57 1.71 10.83 15.20
C LEU D 57 1.73 9.76 14.13
N SER D 58 2.90 9.18 13.87
CA SER D 58 2.97 8.11 12.89
C SER D 58 2.18 6.88 13.35
N PHE D 59 2.42 6.39 14.58
CA PHE D 59 1.75 5.17 15.03
C PHE D 59 0.23 5.35 15.07
N GLU D 60 -0.24 6.50 15.59
CA GLU D 60 -1.67 6.74 15.66
C GLU D 60 -2.28 6.90 14.27
N THR D 61 -1.53 7.49 13.32
CA THR D 61 -2.04 7.53 11.96
C THR D 61 -2.21 6.13 11.39
N SER D 62 -1.23 5.24 11.62
CA SER D 62 -1.39 3.85 11.21
C SER D 62 -2.67 3.26 11.78
N MET D 63 -2.92 3.53 13.07
CA MET D 63 -4.12 3.01 13.70
C MET D 63 -5.37 3.48 12.97
N HIS D 64 -5.48 4.78 12.72
CA HIS D 64 -6.68 5.28 12.05
C HIS D 64 -6.74 4.81 10.60
N ARG D 65 -5.58 4.66 9.94
CA ARG D 65 -5.61 4.18 8.57
C ARG D 65 -6.19 2.80 8.50
N LEU D 66 -6.10 2.03 9.59
CA LEU D 66 -6.75 0.73 9.57
C LEU D 66 -8.17 0.78 10.16
N GLY D 67 -8.66 1.96 10.51
CA GLY D 67 -10.00 2.12 11.01
C GLY D 67 -10.19 1.94 12.50
N ALA D 68 -9.12 1.77 13.27
CA ALA D 68 -9.26 1.61 14.70
C ALA D 68 -9.44 2.96 15.39
N SER D 69 -10.02 2.94 16.58
CA SER D 69 -10.06 4.12 17.44
C SER D 69 -8.93 4.07 18.46
N VAL D 70 -8.57 5.25 18.97
CA VAL D 70 -7.35 5.43 19.72
C VAL D 70 -7.64 6.16 21.03
N VAL D 71 -7.14 5.59 22.13
CA VAL D 71 -7.10 6.29 23.40
C VAL D 71 -5.66 6.27 23.84
N GLY D 72 -5.23 7.28 24.58
CA GLY D 72 -3.84 7.26 24.98
C GLY D 72 -3.44 8.52 25.71
N PHE D 73 -2.13 8.64 25.93
CA PHE D 73 -1.53 9.77 26.63
C PHE D 73 -0.13 9.94 26.07
N SER D 74 0.41 11.16 26.21
CA SER D 74 1.77 11.46 25.76
C SER D 74 2.69 11.90 26.89
N ASP D 75 2.39 11.53 28.14
CA ASP D 75 3.11 11.99 29.35
C ASP D 75 4.06 13.19 29.18
N GLY D 85 2.16 7.02 42.07
CA GLY D 85 1.86 6.04 43.09
C GLY D 85 1.45 4.67 42.56
N GLU D 86 1.44 4.52 41.24
CA GLU D 86 1.05 3.28 40.60
C GLU D 86 2.21 2.69 39.82
N THR D 87 2.26 1.37 39.80
CA THR D 87 3.34 0.65 39.13
C THR D 87 3.02 0.45 37.66
N LEU D 88 4.07 0.30 36.85
CA LEU D 88 3.86 0.00 35.44
C LEU D 88 3.07 -1.30 35.28
N ALA D 89 3.38 -2.29 36.11
CA ALA D 89 2.68 -3.57 36.05
C ALA D 89 1.18 -3.37 36.25
N ASP D 90 0.80 -2.58 37.25
CA ASP D 90 -0.61 -2.36 37.52
C ASP D 90 -1.28 -1.56 36.41
N THR D 91 -0.59 -0.55 35.88
CA THR D 91 -1.15 0.23 34.79
C THR D 91 -1.45 -0.66 33.60
N ILE D 92 -0.52 -1.56 33.28
CA ILE D 92 -0.75 -2.46 32.15
C ILE D 92 -1.86 -3.45 32.47
N SER D 93 -1.85 -3.99 33.70
CA SER D 93 -2.87 -4.94 34.11
C SER D 93 -4.26 -4.32 34.00
N VAL D 94 -4.37 -3.02 34.28
CA VAL D 94 -5.65 -2.34 34.15
C VAL D 94 -5.98 -2.07 32.69
N ILE D 95 -5.07 -1.39 31.98
CA ILE D 95 -5.35 -0.92 30.63
C ILE D 95 -5.65 -2.07 29.69
N SER D 96 -4.92 -3.18 29.85
CA SER D 96 -5.14 -4.34 29.01
C SER D 96 -6.52 -4.94 29.22
N THR D 97 -7.25 -4.50 30.24
CA THR D 97 -8.65 -4.89 30.32
C THR D 97 -9.56 -4.01 29.46
N TYR D 98 -9.10 -2.81 29.06
CA TYR D 98 -9.88 -1.90 28.23
C TYR D 98 -9.75 -2.18 26.74
N VAL D 99 -8.52 -2.39 26.27
CA VAL D 99 -8.15 -2.18 24.88
C VAL D 99 -7.77 -3.50 24.22
N ASP D 100 -7.59 -3.45 22.90
CA ASP D 100 -7.26 -4.64 22.11
C ASP D 100 -5.79 -4.76 21.77
N ALA D 101 -5.02 -3.67 21.85
CA ALA D 101 -3.59 -3.68 21.67
C ALA D 101 -3.02 -2.48 22.41
N ILE D 102 -1.77 -2.59 22.85
CA ILE D 102 -1.07 -1.54 23.58
C ILE D 102 0.19 -1.17 22.80
N VAL D 103 0.23 0.04 22.28
CA VAL D 103 1.45 0.59 21.68
C VAL D 103 2.09 1.47 22.73
N MET D 104 3.32 1.16 23.13
CA MET D 104 3.90 1.88 24.26
C MET D 104 5.34 2.27 23.98
N ARG D 105 5.70 3.48 24.44
CA ARG D 105 7.08 3.95 24.49
C ARG D 105 7.40 4.35 25.93
N HIS D 106 8.46 3.78 26.50
CA HIS D 106 8.80 3.98 27.90
C HIS D 106 10.27 4.37 28.06
N PRO D 107 10.58 5.30 28.96
CA PRO D 107 11.98 5.73 29.10
C PRO D 107 12.93 4.62 29.54
N GLN D 108 12.45 3.65 30.29
CA GLN D 108 13.35 2.60 30.78
C GLN D 108 13.44 1.45 29.79
N GLU D 109 14.67 1.02 29.50
CA GLU D 109 14.85 -0.18 28.68
C GLU D 109 14.30 -1.40 29.42
N GLY D 110 13.67 -2.29 28.65
CA GLY D 110 13.02 -3.46 29.22
C GLY D 110 11.62 -3.24 29.73
N ALA D 111 11.16 -1.98 29.81
CA ALA D 111 9.83 -1.71 30.36
C ALA D 111 8.73 -2.28 29.48
N ALA D 112 8.80 -2.08 28.16
CA ALA D 112 7.76 -2.64 27.28
C ALA D 112 7.72 -4.15 27.36
N ARG D 113 8.89 -4.79 27.35
CA ARG D 113 8.95 -6.23 27.52
C ARG D 113 8.30 -6.64 28.83
N LEU D 114 8.58 -5.89 29.91
CA LEU D 114 7.95 -6.17 31.19
C LEU D 114 6.44 -6.03 31.13
N ALA D 115 5.96 -5.04 30.37
CA ALA D 115 4.52 -4.84 30.26
C ALA D 115 3.85 -6.05 29.63
N THR D 116 4.54 -6.73 28.71
CA THR D 116 3.92 -7.93 28.15
C THR D 116 3.59 -8.97 29.23
N GLU D 117 4.24 -8.94 30.38
CA GLU D 117 3.92 -9.93 31.41
C GLU D 117 2.56 -9.69 32.06
N PHE D 118 1.97 -8.51 31.90
CA PHE D 118 0.72 -8.18 32.58
C PHE D 118 -0.41 -7.83 31.63
N SER D 119 -0.22 -7.98 30.32
CA SER D 119 -1.21 -7.59 29.34
C SER D 119 -2.14 -8.72 28.91
N GLY D 120 -1.96 -9.92 29.44
CA GLY D 120 -2.79 -11.03 29.02
C GLY D 120 -2.61 -11.30 27.55
N ASN D 121 -3.73 -11.52 26.86
CA ASN D 121 -3.74 -11.74 25.42
C ASN D 121 -3.61 -10.45 24.62
N VAL D 122 -3.49 -9.30 25.26
CA VAL D 122 -3.44 -8.03 24.55
C VAL D 122 -2.00 -7.80 24.11
N PRO D 123 -1.74 -7.73 22.80
CA PRO D 123 -0.35 -7.54 22.34
C PRO D 123 0.19 -6.16 22.67
N VAL D 124 1.48 -6.11 22.97
CA VAL D 124 2.21 -4.87 23.19
C VAL D 124 3.16 -4.67 22.01
N LEU D 125 3.16 -3.46 21.46
CA LEU D 125 4.08 -3.06 20.40
C LEU D 125 4.96 -1.92 20.95
N ASN D 126 6.27 -2.12 20.91
CA ASN D 126 7.20 -1.13 21.43
C ASN D 126 7.39 -0.03 20.38
N ALA D 127 7.16 1.23 20.79
CA ALA D 127 7.22 2.37 19.88
C ALA D 127 8.51 3.16 20.04
N ALA D 128 9.56 2.57 20.60
CA ALA D 128 10.82 3.26 20.68
C ALA D 128 11.45 3.35 19.29
N ASP D 129 12.19 4.42 19.04
CA ASP D 129 12.89 4.58 17.76
C ASP D 129 14.41 4.71 17.88
N ALA D 130 14.96 4.83 19.08
CA ALA D 130 16.40 5.04 19.22
C ALA D 130 17.01 4.35 20.43
N SER D 131 16.25 3.59 21.19
CA SER D 131 16.83 2.86 22.31
C SER D 131 17.57 1.64 21.79
N ASN D 132 17.87 0.70 22.68
CA ASN D 132 18.50 -0.53 22.22
C ASN D 132 17.47 -1.49 21.59
N GLN D 133 16.19 -1.13 21.63
CA GLN D 133 15.13 -1.93 21.02
C GLN D 133 14.22 -0.94 20.29
N HIS D 134 14.32 -0.90 18.97
CA HIS D 134 13.48 -0.01 18.15
C HIS D 134 12.99 -0.74 16.92
N PRO D 135 12.17 -1.77 17.09
CA PRO D 135 11.85 -2.62 15.95
C PRO D 135 11.19 -1.88 14.79
N THR D 136 10.27 -0.93 15.05
CA THR D 136 9.57 -0.30 13.94
C THR D 136 10.48 0.62 13.15
N GLN D 137 11.53 1.15 13.80
CA GLN D 137 12.51 1.93 13.05
C GLN D 137 13.28 1.05 12.07
N THR D 138 13.77 -0.10 12.55
CA THR D 138 14.48 -1.02 11.67
C THR D 138 13.57 -1.50 10.54
N LEU D 139 12.30 -1.76 10.85
CA LEU D 139 11.37 -2.22 9.82
C LEU D 139 11.12 -1.14 8.76
N LEU D 140 10.93 0.12 9.17
CA LEU D 140 10.71 1.15 8.16
C LEU D 140 11.99 1.45 7.37
N ASP D 141 13.15 1.39 8.02
CA ASP D 141 14.42 1.49 7.32
C ASP D 141 14.51 0.42 6.23
N LEU D 142 14.29 -0.85 6.61
CA LEU D 142 14.34 -1.95 5.65
C LEU D 142 13.31 -1.79 4.55
N PHE D 143 12.08 -1.38 4.91
CA PHE D 143 11.01 -1.25 3.92
C PHE D 143 11.37 -0.19 2.88
N THR D 144 11.97 0.92 3.33
CA THR D 144 12.41 1.96 2.42
C THR D 144 13.51 1.47 1.49
N ILE D 145 14.48 0.73 2.04
CA ILE D 145 15.55 0.19 1.20
C ILE D 145 14.95 -0.72 0.14
N GLN D 146 14.01 -1.59 0.55
CA GLN D 146 13.39 -2.54 -0.38
C GLN D 146 12.56 -1.84 -1.42
N GLU D 147 11.87 -0.79 -1.05
CA GLU D 147 11.05 -0.07 -2.02
C GLU D 147 11.90 0.69 -3.05
N THR D 148 12.97 1.35 -2.60
CA THR D 148 13.72 2.19 -3.51
C THR D 148 14.75 1.39 -4.31
N GLN D 149 15.21 0.26 -3.78
CA GLN D 149 16.19 -0.57 -4.47
C GLN D 149 15.61 -1.84 -5.07
N GLY D 150 14.40 -2.23 -4.67
CA GLY D 150 13.81 -3.42 -5.23
C GLY D 150 14.22 -4.70 -4.54
N ARG D 151 15.07 -4.64 -3.53
CA ARG D 151 15.60 -5.86 -2.92
C ARG D 151 16.31 -5.45 -1.63
N LEU D 152 16.65 -6.47 -0.84
CA LEU D 152 17.52 -6.29 0.32
C LEU D 152 18.81 -7.09 0.15
N ASP D 153 19.01 -7.68 -1.04
CA ASP D 153 20.19 -8.45 -1.42
C ASP D 153 21.07 -7.63 -2.36
N ASN D 154 22.35 -8.01 -2.40
CA ASN D 154 23.32 -7.51 -3.38
C ASN D 154 23.31 -5.99 -3.47
N LEU D 155 23.39 -5.34 -2.32
CA LEU D 155 23.38 -3.89 -2.27
C LEU D 155 24.68 -3.39 -1.67
N HIS D 156 24.99 -2.13 -1.99
CA HIS D 156 26.11 -1.40 -1.42
C HIS D 156 25.53 -0.36 -0.48
N VAL D 157 25.82 -0.52 0.80
CA VAL D 157 25.21 0.27 1.87
C VAL D 157 26.31 0.90 2.70
N ALA D 158 26.30 2.23 2.78
CA ALA D 158 27.25 2.96 3.61
C ALA D 158 26.53 3.50 4.84
N MET D 159 27.19 3.40 6.00
CA MET D 159 26.67 3.95 7.24
C MET D 159 27.61 5.08 7.64
N VAL D 160 27.06 6.27 7.81
CA VAL D 160 27.86 7.48 7.95
C VAL D 160 27.50 8.17 9.26
N GLY D 161 28.52 8.56 10.02
CA GLY D 161 28.32 9.38 11.20
C GLY D 161 28.85 8.68 12.44
N ASP D 162 28.13 8.85 13.54
CA ASP D 162 28.50 8.24 14.82
C ASP D 162 28.05 6.78 14.78
N LEU D 163 28.96 5.91 14.34
CA LEU D 163 28.65 4.49 14.24
C LEU D 163 28.90 3.73 15.55
N LYS D 164 29.53 4.35 16.54
CA LYS D 164 29.68 3.71 17.83
C LYS D 164 28.40 3.79 18.65
N TYR D 165 27.71 4.93 18.58
CA TYR D 165 26.47 5.16 19.32
C TYR D 165 25.24 5.19 18.42
N GLY D 166 25.39 5.04 17.10
CA GLY D 166 24.22 4.95 16.25
C GLY D 166 23.51 3.61 16.31
N ARG D 167 22.52 3.48 17.19
CA ARG D 167 21.93 2.17 17.45
C ARG D 167 21.07 1.70 16.29
N THR D 168 20.50 2.63 15.49
CA THR D 168 19.74 2.19 14.33
C THR D 168 20.67 1.70 13.22
N VAL D 169 21.92 2.20 13.19
CA VAL D 169 22.91 1.60 12.30
C VAL D 169 23.24 0.18 12.75
N HIS D 170 23.34 -0.05 14.07
CA HIS D 170 23.57 -1.40 14.57
C HIS D 170 22.45 -2.35 14.15
N SER D 171 21.20 -2.00 14.46
CA SER D 171 20.09 -2.86 14.11
C SER D 171 20.00 -3.06 12.59
N LEU D 172 20.17 -1.99 11.80
CA LEU D 172 20.04 -2.11 10.35
C LEU D 172 21.14 -2.96 9.76
N THR D 173 22.38 -2.79 10.23
CA THR D 173 23.47 -3.62 9.73
C THR D 173 23.24 -5.08 10.08
N GLN D 174 22.78 -5.36 11.31
CA GLN D 174 22.50 -6.75 11.66
C GLN D 174 21.35 -7.33 10.83
N ALA D 175 20.36 -6.51 10.51
CA ALA D 175 19.22 -6.99 9.75
C ALA D 175 19.62 -7.26 8.31
N LEU D 176 20.39 -6.34 7.71
CA LEU D 176 20.81 -6.52 6.34
C LEU D 176 21.79 -7.70 6.21
N ALA D 177 22.56 -7.97 7.27
CA ALA D 177 23.45 -9.12 7.21
C ALA D 177 22.70 -10.45 7.10
N LYS D 178 21.39 -10.47 7.40
CA LYS D 178 20.58 -11.67 7.24
C LYS D 178 20.20 -11.92 5.79
N PHE D 179 20.50 -10.96 4.93
CA PHE D 179 20.29 -11.10 3.51
C PHE D 179 21.63 -11.29 2.81
N ASP D 180 21.49 -11.35 1.52
CA ASP D 180 22.37 -11.99 0.58
C ASP D 180 23.30 -10.94 -0.10
N GLY D 181 24.63 -11.17 -0.12
CA GLY D 181 25.47 -10.39 -1.00
C GLY D 181 25.68 -8.92 -0.69
N ASN D 182 25.31 -8.41 0.49
CA ASN D 182 25.47 -6.97 0.77
C ASN D 182 26.90 -6.64 1.13
N ARG D 183 27.34 -5.45 0.74
CA ARG D 183 28.68 -4.95 1.06
C ARG D 183 28.53 -3.62 1.77
N PHE D 184 29.29 -3.47 2.85
CA PHE D 184 29.14 -2.34 3.76
C PHE D 184 30.35 -1.43 3.72
N TYR D 185 30.09 -0.13 3.84
CA TYR D 185 31.11 0.90 3.95
C TYR D 185 30.82 1.69 5.22
N PHE D 186 31.76 1.67 6.15
CA PHE D 186 31.58 2.32 7.45
C PHE D 186 32.41 3.59 7.49
N ILE D 187 31.72 4.73 7.55
CA ILE D 187 32.34 6.06 7.54
C ILE D 187 32.08 6.68 8.91
N ALA D 188 33.13 6.82 9.71
CA ALA D 188 33.00 7.35 11.06
C ALA D 188 34.36 7.89 11.52
N PRO D 189 34.38 8.84 12.44
CA PRO D 189 35.63 9.19 13.13
C PRO D 189 36.20 7.96 13.83
N ASP D 190 37.53 7.98 14.03
CA ASP D 190 38.21 6.83 14.61
C ASP D 190 37.68 6.51 16.00
N ALA D 191 37.28 7.51 16.77
CA ALA D 191 36.77 7.29 18.11
C ALA D 191 35.37 6.68 18.13
N LEU D 192 34.64 6.74 17.03
CA LEU D 192 33.25 6.27 17.04
C LEU D 192 33.01 5.21 15.97
N ALA D 193 33.85 4.18 15.92
CA ALA D 193 33.74 3.13 14.93
C ALA D 193 32.64 2.13 15.28
N MET D 194 32.29 1.31 14.29
CA MET D 194 31.27 0.27 14.43
C MET D 194 31.62 -0.71 15.55
N PRO D 195 30.63 -1.21 16.29
CA PRO D 195 30.92 -2.17 17.35
C PRO D 195 31.70 -3.36 16.83
N GLN D 196 32.63 -3.84 17.68
CA GLN D 196 33.51 -4.90 17.25
C GLN D 196 32.75 -6.19 17.02
N TYR D 197 31.76 -6.48 17.87
CA TYR D 197 31.05 -7.75 17.70
C TYR D 197 30.20 -7.75 16.44
N ILE D 198 29.75 -6.58 15.97
CA ILE D 198 29.01 -6.57 14.71
C ILE D 198 29.95 -6.85 13.53
N LEU D 199 31.11 -6.21 13.52
CA LEU D 199 32.11 -6.52 12.50
C LEU D 199 32.50 -8.00 12.55
N ASP D 200 32.58 -8.56 13.75
CA ASP D 200 32.93 -9.97 13.90
C ASP D 200 31.85 -10.85 13.30
N MET D 201 30.59 -10.51 13.53
CA MET D 201 29.50 -11.23 12.90
C MET D 201 29.59 -11.12 11.39
N LEU D 202 29.95 -9.95 10.87
CA LEU D 202 30.03 -9.79 9.42
C LEU D 202 31.13 -10.67 8.86
N ASP D 203 32.24 -10.78 9.58
CA ASP D 203 33.30 -11.71 9.17
C ASP D 203 32.84 -13.15 9.27
N GLU D 204 32.01 -13.48 10.29
CA GLU D 204 31.56 -14.87 10.48
C GLU D 204 30.72 -15.29 9.30
N LYS D 205 29.98 -14.37 8.72
CA LYS D 205 29.13 -14.67 7.57
C LYS D 205 29.75 -14.25 6.25
N GLY D 206 31.06 -14.40 6.08
CA GLY D 206 31.82 -13.86 4.96
C GLY D 206 31.23 -12.70 4.19
N ILE D 207 30.75 -11.66 4.92
CA ILE D 207 30.19 -10.45 4.32
C ILE D 207 31.28 -9.38 4.28
N ALA D 208 31.40 -8.71 3.14
CA ALA D 208 32.49 -7.75 2.94
C ALA D 208 32.14 -6.37 3.50
N TRP D 209 33.10 -5.76 4.17
CA TRP D 209 32.93 -4.42 4.70
C TRP D 209 34.28 -3.72 4.74
N SER D 210 34.25 -2.39 4.70
CA SER D 210 35.50 -1.62 4.76
C SER D 210 35.26 -0.33 5.52
N LEU D 211 36.35 0.23 6.04
CA LEU D 211 36.31 1.49 6.78
C LEU D 211 36.79 2.65 5.91
N HIS D 212 36.22 3.83 6.13
CA HIS D 212 36.59 5.00 5.34
C HIS D 212 36.52 6.24 6.19
N SER D 213 37.24 7.27 5.77
CA SER D 213 37.34 8.51 6.52
C SER D 213 36.46 9.60 5.92
N SER D 214 35.90 9.34 4.75
CA SER D 214 35.14 10.42 4.14
C SER D 214 34.14 9.75 3.21
N ILE D 215 33.01 10.41 2.98
CA ILE D 215 31.91 9.83 2.20
C ILE D 215 32.30 9.68 0.74
N GLU D 216 33.23 10.53 0.32
CA GLU D 216 33.58 10.75 -1.08
C GLU D 216 34.25 9.53 -1.67
N GLU D 217 35.02 8.82 -0.84
CA GLU D 217 35.72 7.61 -1.26
C GLU D 217 34.75 6.56 -1.78
N VAL D 218 33.59 6.47 -1.14
CA VAL D 218 32.61 5.43 -1.46
C VAL D 218 31.48 5.96 -2.33
N MET D 219 31.38 7.29 -2.50
CA MET D 219 30.16 7.89 -3.02
C MET D 219 29.70 7.25 -4.34
N ALA D 220 30.64 6.90 -5.21
CA ALA D 220 30.28 6.37 -6.52
C ALA D 220 29.81 4.93 -6.46
N GLU D 221 30.01 4.22 -5.35
CA GLU D 221 29.71 2.80 -5.29
C GLU D 221 28.43 2.44 -4.56
N VAL D 222 27.84 3.37 -3.77
CA VAL D 222 26.84 3.01 -2.76
C VAL D 222 25.43 3.12 -3.33
N ASP D 223 24.59 2.16 -2.95
CA ASP D 223 23.15 2.22 -3.25
C ASP D 223 22.36 2.88 -2.15
N ILE D 224 22.82 2.81 -0.92
CA ILE D 224 22.14 3.42 0.21
C ILE D 224 23.16 4.18 1.04
N LEU D 225 22.88 5.43 1.37
CA LEU D 225 23.73 6.20 2.25
C LEU D 225 22.92 6.51 3.50
N TYR D 226 23.15 5.74 4.56
CA TYR D 226 22.39 5.87 5.80
C TYR D 226 23.16 6.77 6.75
N MET D 227 22.61 7.95 7.03
CA MET D 227 23.29 8.94 7.84
C MET D 227 22.81 8.83 9.28
N THR D 228 23.68 9.18 10.23
CA THR D 228 23.30 9.20 11.63
C THR D 228 23.63 10.54 12.25
N ARG D 229 23.07 10.72 13.44
CA ARG D 229 23.23 11.92 14.27
C ARG D 229 24.66 12.46 14.29
N PHE D 247 32.26 15.06 7.25
CA PHE D 247 31.24 14.09 7.65
C PHE D 247 29.84 14.65 7.46
N VAL D 248 29.77 15.94 7.13
CA VAL D 248 28.50 16.62 6.90
C VAL D 248 28.21 16.54 5.41
N LEU D 249 27.02 16.07 5.06
CA LEU D 249 26.71 15.76 3.67
C LEU D 249 26.05 16.95 2.99
N ARG D 250 26.63 17.38 1.87
CA ARG D 250 26.09 18.46 1.07
C ARG D 250 25.76 17.95 -0.33
N ALA D 251 24.92 18.72 -1.03
CA ALA D 251 24.54 18.34 -2.39
C ALA D 251 25.76 18.22 -3.29
N SER D 252 26.74 19.11 -3.12
CA SER D 252 27.99 19.03 -3.88
C SER D 252 28.60 17.63 -3.82
N ASP D 253 28.51 16.95 -2.67
CA ASP D 253 29.09 15.63 -2.51
C ASP D 253 28.45 14.57 -3.40
N LEU D 254 27.27 14.81 -3.97
CA LEU D 254 26.55 13.78 -4.70
C LEU D 254 26.83 13.81 -6.20
N HIS D 255 27.85 14.56 -6.64
CA HIS D 255 28.05 14.79 -8.07
C HIS D 255 28.25 13.49 -8.83
N ASN D 256 28.92 12.50 -8.24
CA ASN D 256 29.23 11.25 -8.92
C ASN D 256 28.41 10.07 -8.40
N ALA D 257 27.25 10.34 -7.84
CA ALA D 257 26.44 9.30 -7.21
C ALA D 257 25.70 8.46 -8.24
N LYS D 258 25.41 7.21 -7.85
CA LYS D 258 24.56 6.37 -8.68
C LYS D 258 23.15 6.93 -8.74
N ALA D 259 22.51 6.76 -9.90
CA ALA D 259 21.17 7.31 -10.10
C ALA D 259 20.18 6.74 -9.10
N ASN D 260 20.35 5.47 -8.71
CA ASN D 260 19.44 4.83 -7.76
C ASN D 260 19.75 5.14 -6.30
N MET D 261 20.86 5.83 -6.00
CA MET D 261 21.26 6.03 -4.61
C MET D 261 20.22 6.83 -3.85
N LYS D 262 19.95 6.42 -2.61
CA LYS D 262 19.05 7.14 -1.72
C LYS D 262 19.80 7.48 -0.45
N VAL D 263 19.59 8.72 0.01
CA VAL D 263 20.10 9.18 1.31
C VAL D 263 19.00 8.94 2.34
N LEU D 264 19.31 8.15 3.37
CA LEU D 264 18.38 7.85 4.44
C LEU D 264 18.90 8.47 5.74
N HIS D 265 17.99 8.67 6.67
CA HIS D 265 18.30 9.24 7.97
C HIS D 265 17.14 8.92 8.91
N PRO D 266 17.39 8.32 10.07
CA PRO D 266 16.26 7.97 10.95
C PRO D 266 15.48 9.19 11.44
N LEU D 267 16.15 10.36 11.53
CA LEU D 267 15.58 11.65 11.93
C LEU D 267 15.37 11.69 13.45
N PRO D 268 15.45 12.87 14.07
CA PRO D 268 15.65 14.16 13.40
C PRO D 268 17.10 14.42 13.03
N ARG D 269 17.34 15.33 12.10
CA ARG D 269 18.69 15.75 11.74
C ARG D 269 18.96 17.13 12.32
N VAL D 270 20.22 17.47 12.49
CA VAL D 270 20.58 18.82 12.85
C VAL D 270 21.33 19.41 11.67
N ASP D 271 22.65 19.24 11.65
CA ASP D 271 23.50 19.75 10.58
C ASP D 271 24.07 18.67 9.68
N GLU D 272 24.00 17.39 10.08
CA GLU D 272 24.75 16.37 9.37
C GLU D 272 24.28 16.21 7.93
N ILE D 273 23.12 16.73 7.57
CA ILE D 273 22.68 16.81 6.18
C ILE D 273 22.29 18.25 5.90
N ALA D 274 22.99 18.89 4.95
CA ALA D 274 22.66 20.26 4.60
C ALA D 274 21.34 20.30 3.85
N THR D 275 20.63 21.42 3.98
CA THR D 275 19.29 21.49 3.39
C THR D 275 19.32 21.47 1.87
N ASP D 276 20.47 21.78 1.25
CA ASP D 276 20.53 21.67 -0.21
C ASP D 276 20.46 20.23 -0.69
N VAL D 277 20.63 19.25 0.19
CA VAL D 277 20.43 17.88 -0.23
C VAL D 277 18.95 17.60 -0.45
N ASP D 278 18.07 18.33 0.27
CA ASP D 278 16.65 18.00 0.30
C ASP D 278 16.04 17.99 -1.10
N LYS D 279 16.46 18.92 -1.95
CA LYS D 279 15.91 19.07 -3.28
C LYS D 279 16.54 18.13 -4.31
N THR D 280 17.57 17.37 -3.95
CA THR D 280 18.13 16.39 -4.88
C THR D 280 17.25 15.14 -4.92
N PRO D 281 17.30 14.38 -6.02
CA PRO D 281 16.49 13.13 -6.10
C PRO D 281 16.96 12.05 -5.13
N HIS D 282 18.14 12.18 -4.53
CA HIS D 282 18.66 11.17 -3.61
C HIS D 282 18.09 11.32 -2.21
N ALA D 283 17.64 12.52 -1.83
CA ALA D 283 17.05 12.75 -0.52
C ALA D 283 15.81 11.89 -0.32
N TRP D 284 15.84 10.99 0.68
CA TRP D 284 14.72 10.09 0.89
C TRP D 284 14.39 9.89 2.38
N TYR D 285 14.88 10.77 3.26
CA TYR D 285 14.63 10.55 4.68
C TYR D 285 13.18 10.91 5.06
N PHE D 286 12.58 11.85 4.32
CA PHE D 286 11.17 12.18 4.57
C PHE D 286 10.25 11.08 4.03
N GLN D 287 10.55 10.57 2.83
CA GLN D 287 9.82 9.40 2.32
C GLN D 287 9.98 8.20 3.26
N GLN D 288 11.18 8.02 3.82
CA GLN D 288 11.45 6.98 4.81
C GLN D 288 10.52 7.12 6.03
N ALA D 289 10.50 8.31 6.64
CA ALA D 289 9.58 8.56 7.74
C ALA D 289 8.14 8.24 7.33
N GLY D 290 7.76 8.62 6.12
CA GLY D 290 6.41 8.32 5.66
C GLY D 290 6.14 6.83 5.57
N ASN D 291 7.16 6.05 5.20
CA ASN D 291 7.01 4.59 5.15
C ASN D 291 6.85 3.99 6.54
N GLY D 292 7.26 4.74 7.57
CA GLY D 292 6.94 4.33 8.93
C GLY D 292 5.47 3.98 9.09
N ILE D 293 4.59 4.71 8.39
CA ILE D 293 3.16 4.44 8.42
C ILE D 293 2.88 3.00 8.00
N PHE D 294 3.53 2.54 6.94
CA PHE D 294 3.17 1.22 6.44
C PHE D 294 3.85 0.12 7.23
N ALA D 295 5.05 0.34 7.76
CA ALA D 295 5.61 -0.64 8.68
C ALA D 295 4.70 -0.81 9.91
N ARG D 296 4.22 0.30 10.47
CA ARG D 296 3.43 0.23 11.68
C ARG D 296 2.03 -0.31 11.42
N GLN D 297 1.44 0.05 10.27
CA GLN D 297 0.18 -0.57 9.83
C GLN D 297 0.35 -2.08 9.73
N ALA D 298 1.44 -2.53 9.08
CA ALA D 298 1.64 -3.96 8.91
C ALA D 298 1.69 -4.67 10.26
N LEU D 299 2.42 -4.10 11.22
CA LEU D 299 2.49 -4.73 12.54
C LEU D 299 1.11 -4.79 13.18
N LEU D 300 0.37 -3.67 13.17
CA LEU D 300 -0.96 -3.66 13.80
C LEU D 300 -1.89 -4.68 13.13
N ALA D 301 -1.88 -4.72 11.80
CA ALA D 301 -2.74 -5.63 11.06
C ALA D 301 -2.40 -7.08 11.38
N LEU D 302 -1.11 -7.42 11.37
CA LEU D 302 -0.75 -8.82 11.56
C LEU D 302 -1.02 -9.28 12.99
N VAL D 303 -0.74 -8.43 13.98
CA VAL D 303 -0.95 -8.92 15.33
C VAL D 303 -2.43 -8.91 15.71
N LEU D 304 -3.25 -8.05 15.10
CA LEU D 304 -4.63 -7.97 15.56
C LEU D 304 -5.65 -8.65 14.65
N ASN D 305 -5.24 -9.15 13.48
CA ASN D 305 -6.15 -9.80 12.55
C ASN D 305 -5.56 -11.17 12.22
N ARG D 306 -6.31 -12.23 12.52
CA ARG D 306 -5.84 -13.60 12.33
C ARG D 306 -5.67 -13.94 10.85
N ASP D 307 -6.66 -13.58 10.03
CA ASP D 307 -6.73 -14.04 8.65
C ASP D 307 -6.08 -13.04 7.72
N LEU D 308 -5.31 -13.55 6.76
CA LEU D 308 -4.40 -12.73 5.97
C LEU D 308 -5.03 -12.23 4.67
N VAL D 309 -6.33 -11.99 4.64
CA VAL D 309 -7.00 -11.47 3.44
C VAL D 309 -7.12 -9.97 3.65
N LEU D 310 -6.08 -9.24 3.27
CA LEU D 310 -5.95 -7.82 3.59
C LEU D 310 -5.18 -7.12 2.49
N ALA E 1 -12.95 -6.23 -53.38
CA ALA E 1 -11.68 -6.04 -52.70
C ALA E 1 -11.66 -6.89 -51.45
N ASN E 2 -10.74 -6.56 -50.53
CA ASN E 2 -10.86 -7.00 -49.15
C ASN E 2 -11.32 -5.80 -48.35
N PRO E 3 -12.53 -5.79 -47.78
CA PRO E 3 -13.04 -4.59 -47.13
C PRO E 3 -12.47 -4.33 -45.75
N LEU E 4 -11.78 -5.29 -45.16
CA LEU E 4 -11.24 -5.10 -43.83
C LEU E 4 -9.76 -4.78 -43.82
N TYR E 5 -9.11 -4.76 -45.00
CA TYR E 5 -7.67 -4.54 -45.04
C TYR E 5 -7.34 -3.21 -44.40
N GLN E 6 -6.52 -3.29 -43.36
CA GLN E 6 -6.07 -2.21 -42.50
C GLN E 6 -7.20 -1.38 -41.93
N LYS E 7 -8.37 -1.98 -41.74
CA LYS E 7 -9.47 -1.32 -41.07
C LYS E 7 -9.35 -1.56 -39.56
N HIS E 8 -9.75 -0.57 -38.77
CA HIS E 8 -9.88 -0.80 -37.33
C HIS E 8 -11.12 -1.65 -37.06
N ILE E 9 -11.04 -2.52 -36.06
CA ILE E 9 -12.19 -3.28 -35.57
C ILE E 9 -12.34 -2.92 -34.10
N ILE E 10 -13.13 -1.89 -33.82
CA ILE E 10 -13.32 -1.38 -32.47
C ILE E 10 -14.68 -1.81 -31.96
N SER E 11 -15.66 -1.88 -32.87
CA SER E 11 -17.03 -2.27 -32.53
C SER E 11 -17.56 -3.26 -33.55
N ILE E 12 -18.44 -4.15 -33.07
CA ILE E 12 -19.14 -5.05 -33.97
C ILE E 12 -20.03 -4.28 -34.93
N ASN E 13 -20.50 -3.10 -34.52
CA ASN E 13 -21.38 -2.31 -35.38
C ASN E 13 -20.67 -1.72 -36.59
N ASP E 14 -19.35 -1.68 -36.58
CA ASP E 14 -18.56 -1.26 -37.72
C ASP E 14 -18.51 -2.28 -38.83
N LEU E 15 -19.14 -3.44 -38.63
CA LEU E 15 -19.10 -4.50 -39.62
C LEU E 15 -20.46 -4.58 -40.28
N SER E 16 -20.48 -4.44 -41.61
CA SER E 16 -21.66 -4.76 -42.35
C SER E 16 -21.89 -6.26 -42.25
N ARG E 17 -23.07 -6.72 -42.67
CA ARG E 17 -23.14 -8.18 -42.73
C ARG E 17 -22.14 -8.76 -43.69
N ASP E 18 -22.07 -8.19 -44.87
CA ASP E 18 -21.16 -8.71 -45.87
C ASP E 18 -19.80 -8.96 -45.25
N ASP E 19 -19.37 -8.01 -44.43
CA ASP E 19 -18.19 -8.19 -43.59
C ASP E 19 -18.32 -9.41 -42.69
N LEU E 20 -19.48 -9.60 -42.03
CA LEU E 20 -19.62 -10.74 -41.10
C LEU E 20 -19.49 -12.07 -41.84
N ASN E 21 -20.15 -12.19 -42.98
CA ASN E 21 -20.02 -13.41 -43.78
C ASN E 21 -18.59 -13.60 -44.26
N LEU E 22 -17.91 -12.51 -44.61
CA LEU E 22 -16.54 -12.66 -45.06
C LEU E 22 -15.65 -13.18 -43.95
N VAL E 23 -15.78 -12.59 -42.75
CA VAL E 23 -14.99 -13.01 -41.61
C VAL E 23 -15.27 -14.48 -41.30
N LEU E 24 -16.55 -14.87 -41.37
CA LEU E 24 -16.93 -16.24 -41.03
C LEU E 24 -16.38 -17.23 -42.05
N ALA E 25 -16.43 -16.89 -43.34
CA ALA E 25 -15.87 -17.78 -44.36
C ALA E 25 -14.36 -17.94 -44.19
N THR E 26 -13.66 -16.84 -43.91
CA THR E 26 -12.23 -16.93 -43.65
C THR E 26 -11.95 -17.73 -42.38
N ALA E 27 -12.76 -17.54 -41.34
CA ALA E 27 -12.59 -18.35 -40.13
C ALA E 27 -12.74 -19.83 -40.43
N ALA E 28 -13.77 -20.19 -41.21
CA ALA E 28 -14.01 -21.59 -41.54
C ALA E 28 -12.88 -22.15 -42.41
N LYS E 29 -12.38 -21.35 -43.37
CA LYS E 29 -11.32 -21.85 -44.24
C LYS E 29 -10.02 -22.05 -43.48
N LEU E 30 -9.73 -21.15 -42.55
CA LEU E 30 -8.53 -21.30 -41.75
C LEU E 30 -8.67 -22.47 -40.79
N LYS E 31 -9.89 -22.71 -40.31
CA LYS E 31 -10.14 -23.91 -39.51
C LYS E 31 -9.91 -25.17 -40.33
N ALA E 32 -10.32 -25.17 -41.61
CA ALA E 32 -10.13 -26.36 -42.43
C ALA E 32 -8.69 -26.50 -42.90
N ASN E 33 -8.09 -25.42 -43.41
CA ASN E 33 -6.72 -25.43 -43.91
C ASN E 33 -5.93 -24.27 -43.30
N PRO E 34 -5.21 -24.53 -42.20
CA PRO E 34 -4.47 -23.46 -41.53
C PRO E 34 -3.37 -22.85 -42.41
N GLN E 35 -3.14 -21.55 -42.20
CA GLN E 35 -2.10 -20.80 -42.92
C GLN E 35 -1.08 -20.34 -41.88
N PRO E 36 -0.25 -21.26 -41.39
CA PRO E 36 0.62 -20.94 -40.24
C PRO E 36 1.74 -19.98 -40.56
N GLU E 37 1.89 -19.55 -41.81
CA GLU E 37 2.93 -18.60 -42.18
C GLU E 37 2.36 -17.34 -42.82
N LEU E 38 1.05 -17.10 -42.73
CA LEU E 38 0.43 -16.00 -43.45
C LEU E 38 0.97 -14.66 -42.98
N LEU E 39 1.21 -14.53 -41.68
CA LEU E 39 1.69 -13.31 -41.05
C LEU E 39 3.12 -13.47 -40.54
N LYS E 40 3.95 -14.21 -41.28
CA LYS E 40 5.29 -14.60 -40.82
C LYS E 40 6.16 -13.46 -40.33
N HIS E 41 6.03 -12.27 -40.91
CA HIS E 41 6.94 -11.18 -40.57
C HIS E 41 6.22 -10.02 -39.90
N LYS E 42 5.01 -10.24 -39.42
CA LYS E 42 4.27 -9.23 -38.67
C LYS E 42 4.53 -9.31 -37.17
N VAL E 43 4.52 -8.16 -36.52
CA VAL E 43 4.66 -8.06 -35.07
C VAL E 43 3.40 -7.41 -34.53
N ILE E 44 2.79 -8.06 -33.55
CA ILE E 44 1.51 -7.61 -33.00
C ILE E 44 1.71 -7.34 -31.52
N ALA E 45 1.19 -6.19 -31.07
CA ALA E 45 1.24 -5.82 -29.66
C ALA E 45 -0.05 -6.28 -29.01
N SER E 46 0.09 -7.06 -27.95
CA SER E 46 -1.00 -7.54 -27.12
C SER E 46 -0.97 -6.70 -25.85
N CYS E 47 -1.80 -5.65 -25.84
CA CYS E 47 -1.75 -4.63 -24.79
C CYS E 47 -2.99 -4.77 -23.92
N PHE E 48 -2.87 -5.57 -22.87
CA PHE E 48 -3.98 -5.78 -21.95
C PHE E 48 -3.72 -4.87 -20.75
N PHE E 49 -4.15 -3.61 -20.90
CA PHE E 49 -4.12 -2.68 -19.79
C PHE E 49 -4.91 -3.22 -18.62
N GLU E 50 -5.99 -3.94 -18.91
CA GLU E 50 -6.75 -4.68 -17.92
C GLU E 50 -6.54 -6.16 -18.19
N ALA E 51 -6.12 -6.89 -17.16
CA ALA E 51 -5.82 -8.30 -17.33
C ALA E 51 -7.06 -9.09 -17.72
N SER E 52 -6.87 -10.08 -18.59
CA SER E 52 -7.92 -11.03 -18.95
C SER E 52 -7.20 -12.20 -19.63
N THR E 53 -6.78 -13.18 -18.81
CA THR E 53 -5.88 -14.24 -19.26
C THR E 53 -6.50 -15.08 -20.38
N ARG E 54 -7.74 -15.53 -20.20
CA ARG E 54 -8.42 -16.30 -21.24
C ARG E 54 -8.36 -15.60 -22.59
N THR E 55 -8.83 -14.36 -22.63
CA THR E 55 -8.92 -13.66 -23.91
C THR E 55 -7.54 -13.39 -24.48
N ARG E 56 -6.57 -13.03 -23.64
CA ARG E 56 -5.23 -12.77 -24.14
C ARG E 56 -4.61 -14.04 -24.70
N LEU E 57 -4.74 -15.16 -23.99
CA LEU E 57 -4.18 -16.41 -24.47
C LEU E 57 -4.81 -16.82 -25.77
N SER E 58 -6.13 -16.60 -25.91
CA SER E 58 -6.79 -16.92 -27.17
C SER E 58 -6.25 -16.04 -28.31
N PHE E 59 -6.21 -14.72 -28.08
CA PHE E 59 -5.75 -13.80 -29.12
C PHE E 59 -4.32 -14.12 -29.54
N GLU E 60 -3.44 -14.33 -28.55
CA GLU E 60 -2.03 -14.57 -28.82
C GLU E 60 -1.81 -15.92 -29.49
N THR E 61 -2.61 -16.93 -29.14
CA THR E 61 -2.52 -18.18 -29.86
C THR E 61 -2.94 -17.99 -31.32
N SER E 62 -4.02 -17.23 -31.56
CA SER E 62 -4.39 -16.90 -32.95
C SER E 62 -3.24 -16.25 -33.70
N MET E 63 -2.59 -15.27 -33.08
CA MET E 63 -1.45 -14.61 -33.71
C MET E 63 -0.36 -15.62 -34.07
N HIS E 64 0.00 -16.48 -33.11
CA HIS E 64 1.07 -17.44 -33.38
C HIS E 64 0.65 -18.47 -34.42
N ARG E 65 -0.61 -18.87 -34.41
CA ARG E 65 -1.11 -19.81 -35.41
C ARG E 65 -1.04 -19.21 -36.80
N LEU E 66 -1.05 -17.87 -36.90
CA LEU E 66 -0.87 -17.26 -38.21
C LEU E 66 0.58 -16.95 -38.51
N GLY E 67 1.50 -17.29 -37.60
CA GLY E 67 2.91 -17.08 -37.82
C GLY E 67 3.43 -15.74 -37.37
N ALA E 68 2.62 -14.91 -36.73
CA ALA E 68 3.09 -13.61 -36.27
C ALA E 68 3.85 -13.73 -34.96
N SER E 69 4.67 -12.72 -34.70
CA SER E 69 5.33 -12.55 -33.40
C SER E 69 4.51 -11.60 -32.55
N VAL E 70 4.69 -11.73 -31.24
CA VAL E 70 3.86 -11.05 -30.25
C VAL E 70 4.77 -10.35 -29.26
N VAL E 71 4.49 -9.08 -29.00
CA VAL E 71 5.05 -8.37 -27.85
C VAL E 71 3.85 -7.81 -27.11
N GLY E 72 3.97 -7.62 -25.80
CA GLY E 72 2.84 -7.07 -25.09
C GLY E 72 3.04 -7.05 -23.59
N PHE E 73 1.94 -6.69 -22.91
CA PHE E 73 1.96 -6.53 -21.47
C PHE E 73 0.55 -6.72 -20.90
N SER E 74 0.49 -7.03 -19.60
CA SER E 74 -0.74 -7.02 -18.81
C SER E 74 -0.59 -6.06 -17.63
N ASP E 75 -1.58 -5.19 -17.44
CA ASP E 75 -1.55 -4.12 -16.43
C ASP E 75 -0.40 -3.13 -16.68
N GLY E 85 0.32 7.49 -14.59
CA GLY E 85 1.41 7.43 -15.55
C GLY E 85 1.27 8.39 -16.72
N GLU E 86 1.88 8.03 -17.86
CA GLU E 86 1.77 8.82 -19.07
C GLU E 86 0.44 8.54 -19.76
N THR E 87 -0.04 9.55 -20.50
CA THR E 87 -1.34 9.43 -21.15
C THR E 87 -1.41 8.21 -22.06
N LEU E 88 -2.63 7.70 -22.21
CA LEU E 88 -2.87 6.58 -23.14
C LEU E 88 -2.49 6.97 -24.55
N ALA E 89 -2.81 8.20 -24.95
CA ALA E 89 -2.48 8.67 -26.29
C ALA E 89 -0.98 8.58 -26.55
N ASP E 90 -0.15 9.00 -25.60
CA ASP E 90 1.29 8.92 -25.84
C ASP E 90 1.75 7.47 -25.94
N THR E 91 1.19 6.60 -25.09
CA THR E 91 1.55 5.18 -25.16
C THR E 91 1.23 4.60 -26.54
N ILE E 92 0.05 4.93 -27.07
CA ILE E 92 -0.34 4.42 -28.38
C ILE E 92 0.52 5.07 -29.48
N SER E 93 0.75 6.38 -29.37
CA SER E 93 1.59 7.09 -30.32
C SER E 93 2.96 6.46 -30.42
N VAL E 94 3.49 5.98 -29.29
CA VAL E 94 4.79 5.32 -29.33
C VAL E 94 4.66 3.93 -29.95
N ILE E 95 3.76 3.12 -29.40
CA ILE E 95 3.70 1.70 -29.78
C ILE E 95 3.39 1.54 -31.27
N SER E 96 2.52 2.40 -31.81
CA SER E 96 2.17 2.28 -33.22
C SER E 96 3.35 2.51 -34.17
N THR E 97 4.48 3.02 -33.67
CA THR E 97 5.70 3.08 -34.47
C THR E 97 6.48 1.77 -34.45
N TYR E 98 6.20 0.86 -33.50
CA TYR E 98 6.89 -0.42 -33.43
C TYR E 98 6.21 -1.50 -34.26
N VAL E 99 4.89 -1.62 -34.14
CA VAL E 99 4.20 -2.86 -34.44
C VAL E 99 3.28 -2.66 -35.65
N ASP E 100 2.75 -3.77 -36.15
CA ASP E 100 1.89 -3.76 -37.33
C ASP E 100 0.41 -3.79 -36.98
N ALA E 101 0.05 -4.13 -35.75
CA ALA E 101 -1.33 -4.08 -35.29
C ALA E 101 -1.31 -3.96 -33.77
N ILE E 102 -2.37 -3.40 -33.21
CA ILE E 102 -2.49 -3.26 -31.75
C ILE E 102 -3.78 -3.95 -31.30
N VAL E 103 -3.64 -5.05 -30.57
CA VAL E 103 -4.78 -5.70 -29.92
C VAL E 103 -4.81 -5.27 -28.46
N MET E 104 -5.88 -4.59 -28.05
CA MET E 104 -5.87 -3.92 -26.76
C MET E 104 -7.17 -4.13 -26.01
N ARG E 105 -7.04 -4.32 -24.69
CA ARG E 105 -8.16 -4.31 -23.76
C ARG E 105 -7.88 -3.27 -22.70
N HIS E 106 -8.81 -2.34 -22.52
CA HIS E 106 -8.62 -1.24 -21.59
C HIS E 106 -9.87 -1.08 -20.75
N PRO E 107 -9.72 -0.82 -19.44
CA PRO E 107 -10.90 -0.74 -18.57
C PRO E 107 -11.86 0.38 -18.94
N GLN E 108 -11.37 1.46 -19.57
CA GLN E 108 -12.22 2.59 -19.90
C GLN E 108 -12.86 2.40 -21.26
N GLU E 109 -14.19 2.55 -21.31
CA GLU E 109 -14.89 2.52 -22.59
C GLU E 109 -14.46 3.73 -23.41
N GLY E 110 -14.31 3.53 -24.71
CA GLY E 110 -13.80 4.57 -25.57
C GLY E 110 -12.30 4.58 -25.74
N ALA E 111 -11.57 3.78 -24.95
CA ALA E 111 -10.11 3.78 -25.05
C ALA E 111 -9.64 3.28 -26.41
N ALA E 112 -10.29 2.23 -26.93
CA ALA E 112 -9.89 1.68 -28.23
C ALA E 112 -10.06 2.70 -29.36
N ARG E 113 -11.20 3.39 -29.41
CA ARG E 113 -11.37 4.45 -30.41
C ARG E 113 -10.33 5.56 -30.20
N LEU E 114 -10.07 5.91 -28.94
CA LEU E 114 -9.05 6.91 -28.67
C LEU E 114 -7.70 6.45 -29.22
N ALA E 115 -7.38 5.17 -29.06
CA ALA E 115 -6.14 4.65 -29.61
C ALA E 115 -6.12 4.77 -31.13
N THR E 116 -7.28 4.56 -31.77
CA THR E 116 -7.36 4.73 -33.22
C THR E 116 -7.07 6.17 -33.61
N GLU E 117 -7.31 7.11 -32.69
CA GLU E 117 -7.00 8.50 -33.04
C GLU E 117 -5.50 8.75 -33.09
N PHE E 118 -4.67 7.91 -32.48
CA PHE E 118 -3.24 8.13 -32.39
C PHE E 118 -2.41 6.99 -32.96
N SER E 119 -3.05 5.98 -33.55
CA SER E 119 -2.33 4.81 -34.02
C SER E 119 -1.85 4.93 -35.46
N GLY E 120 -2.22 6.01 -36.16
CA GLY E 120 -1.84 6.15 -37.54
C GLY E 120 -2.47 5.07 -38.39
N ASN E 121 -1.67 4.48 -39.26
CA ASN E 121 -2.11 3.41 -40.16
C ASN E 121 -2.15 2.05 -39.48
N VAL E 122 -1.78 1.95 -38.21
CA VAL E 122 -1.70 0.68 -37.50
C VAL E 122 -3.08 0.35 -36.94
N PRO E 123 -3.70 -0.75 -37.35
CA PRO E 123 -5.06 -1.07 -36.87
C PRO E 123 -5.10 -1.43 -35.40
N VAL E 124 -6.22 -1.06 -34.78
CA VAL E 124 -6.54 -1.42 -33.41
C VAL E 124 -7.68 -2.43 -33.46
N LEU E 125 -7.53 -3.52 -32.72
CA LEU E 125 -8.58 -4.52 -32.55
C LEU E 125 -8.94 -4.52 -31.07
N ASN E 126 -10.21 -4.27 -30.77
CA ASN E 126 -10.64 -4.16 -29.38
C ASN E 126 -10.93 -5.54 -28.81
N ALA E 127 -10.27 -5.88 -27.70
CA ALA E 127 -10.48 -7.14 -27.00
C ALA E 127 -11.22 -6.92 -25.68
N ALA E 128 -11.89 -5.78 -25.54
CA ALA E 128 -12.63 -5.44 -24.34
C ALA E 128 -13.88 -6.29 -24.23
N ASP E 129 -14.46 -6.28 -23.03
CA ASP E 129 -15.72 -6.96 -22.75
C ASP E 129 -16.84 -5.97 -22.51
N ALA E 130 -16.52 -4.67 -22.51
CA ALA E 130 -17.44 -3.56 -22.21
C ALA E 130 -18.70 -3.51 -23.05
N SER E 131 -19.43 -2.42 -22.92
CA SER E 131 -20.73 -2.28 -23.59
C SER E 131 -20.55 -2.04 -25.08
N ASN E 132 -19.76 -1.03 -25.44
CA ASN E 132 -19.52 -0.68 -26.84
C ASN E 132 -19.42 -1.93 -27.70
N GLN E 133 -18.39 -2.74 -27.48
CA GLN E 133 -18.28 -3.94 -28.28
C GLN E 133 -17.17 -4.85 -27.77
N HIS E 134 -17.33 -6.11 -28.13
CA HIS E 134 -16.36 -7.17 -27.93
C HIS E 134 -16.40 -7.94 -29.24
N PRO E 135 -16.04 -7.27 -30.35
CA PRO E 135 -16.41 -7.81 -31.67
C PRO E 135 -15.94 -9.23 -31.92
N THR E 136 -14.77 -9.61 -31.41
CA THR E 136 -14.29 -10.96 -31.64
C THR E 136 -15.09 -11.98 -30.82
N GLN E 137 -15.64 -11.60 -29.67
CA GLN E 137 -16.52 -12.52 -28.94
C GLN E 137 -17.81 -12.76 -29.69
N THR E 138 -18.44 -11.69 -30.20
CA THR E 138 -19.63 -11.83 -31.02
C THR E 138 -19.34 -12.63 -32.28
N LEU E 139 -18.17 -12.42 -32.88
CA LEU E 139 -17.80 -13.15 -34.08
C LEU E 139 -17.66 -14.64 -33.77
N LEU E 140 -17.03 -14.99 -32.64
CA LEU E 140 -16.88 -16.40 -32.31
C LEU E 140 -18.22 -17.03 -31.94
N ASP E 141 -19.10 -16.28 -31.28
CA ASP E 141 -20.45 -16.76 -31.02
C ASP E 141 -21.19 -17.10 -32.31
N LEU E 142 -21.27 -16.13 -33.22
CA LEU E 142 -21.94 -16.35 -34.50
C LEU E 142 -21.31 -17.50 -35.26
N PHE E 143 -19.97 -17.58 -35.24
CA PHE E 143 -19.29 -18.66 -35.94
C PHE E 143 -19.68 -20.01 -35.38
N THR E 144 -19.76 -20.12 -34.03
CA THR E 144 -20.15 -21.39 -33.44
C THR E 144 -21.58 -21.76 -33.83
N ILE E 145 -22.47 -20.77 -33.83
CA ILE E 145 -23.85 -21.00 -34.24
C ILE E 145 -23.93 -21.47 -35.68
N GLN E 146 -23.19 -20.81 -36.58
CA GLN E 146 -23.22 -21.18 -37.99
C GLN E 146 -22.60 -22.56 -38.20
N GLU E 147 -21.55 -22.89 -37.45
CA GLU E 147 -20.90 -24.17 -37.60
C GLU E 147 -21.81 -25.30 -37.15
N THR E 148 -22.53 -25.12 -36.05
CA THR E 148 -23.34 -26.21 -35.52
C THR E 148 -24.72 -26.32 -36.15
N GLN E 149 -25.30 -25.22 -36.67
CA GLN E 149 -26.64 -25.25 -37.24
C GLN E 149 -26.65 -25.22 -38.76
N GLY E 150 -25.51 -24.91 -39.39
CA GLY E 150 -25.39 -24.81 -40.83
C GLY E 150 -25.74 -23.48 -41.44
N ARG E 151 -26.19 -22.51 -40.65
CA ARG E 151 -26.64 -21.21 -41.16
C ARG E 151 -26.93 -20.29 -39.99
N LEU E 152 -27.13 -19.02 -40.30
CA LEU E 152 -27.53 -18.03 -39.31
C LEU E 152 -28.93 -17.47 -39.54
N ASP E 153 -29.66 -18.00 -40.51
CA ASP E 153 -31.03 -17.61 -40.74
C ASP E 153 -31.94 -18.73 -40.25
N ASN E 154 -33.21 -18.38 -39.98
CA ASN E 154 -34.25 -19.35 -39.63
C ASN E 154 -33.82 -20.24 -38.45
N LEU E 155 -33.43 -19.59 -37.36
CA LEU E 155 -33.00 -20.30 -36.16
C LEU E 155 -33.89 -19.96 -34.97
N HIS E 156 -33.86 -20.84 -33.98
CA HIS E 156 -34.52 -20.66 -32.70
C HIS E 156 -33.46 -20.50 -31.61
N VAL E 157 -33.38 -19.32 -31.03
CA VAL E 157 -32.32 -18.93 -30.10
C VAL E 157 -32.94 -18.44 -28.79
N ALA E 158 -32.58 -19.08 -27.68
CA ALA E 158 -32.99 -18.66 -26.35
C ALA E 158 -31.79 -18.11 -25.61
N MET E 159 -32.00 -17.02 -24.88
CA MET E 159 -30.96 -16.42 -24.04
C MET E 159 -31.41 -16.40 -22.58
N VAL E 160 -30.56 -16.95 -21.70
CA VAL E 160 -30.93 -17.19 -20.30
C VAL E 160 -29.95 -16.47 -19.39
N GLY E 161 -30.49 -15.79 -18.37
CA GLY E 161 -29.72 -15.19 -17.30
C GLY E 161 -29.95 -13.69 -17.20
N ASP E 162 -28.90 -12.96 -16.81
CA ASP E 162 -28.93 -11.51 -16.63
C ASP E 162 -28.83 -10.85 -18.00
N LEU E 163 -29.98 -10.54 -18.59
CA LEU E 163 -30.03 -9.96 -19.93
C LEU E 163 -29.93 -8.44 -19.94
N LYS E 164 -29.98 -7.76 -18.79
CA LYS E 164 -29.77 -6.31 -18.81
C LYS E 164 -28.28 -5.97 -18.87
N TYR E 165 -27.42 -6.74 -18.19
CA TYR E 165 -26.00 -6.45 -18.15
C TYR E 165 -25.16 -7.40 -19.00
N GLY E 166 -25.78 -8.43 -19.58
CA GLY E 166 -25.09 -9.32 -20.50
C GLY E 166 -24.84 -8.72 -21.86
N ARG E 167 -23.66 -8.15 -22.09
CA ARG E 167 -23.42 -7.40 -23.32
C ARG E 167 -23.30 -8.30 -24.54
N THR E 168 -22.88 -9.56 -24.36
CA THR E 168 -22.76 -10.45 -25.51
C THR E 168 -24.10 -10.90 -26.05
N VAL E 169 -25.12 -11.01 -25.20
CA VAL E 169 -26.46 -11.28 -25.75
C VAL E 169 -26.94 -10.08 -26.56
N HIS E 170 -26.63 -8.87 -26.11
CA HIS E 170 -27.00 -7.67 -26.87
C HIS E 170 -26.36 -7.69 -28.26
N SER E 171 -25.04 -7.78 -28.32
CA SER E 171 -24.35 -7.78 -29.60
C SER E 171 -24.80 -8.96 -30.47
N LEU E 172 -24.90 -10.16 -29.89
CA LEU E 172 -25.28 -11.34 -30.66
C LEU E 172 -26.71 -11.24 -31.19
N THR E 173 -27.65 -10.72 -30.39
CA THR E 173 -29.01 -10.52 -30.87
C THR E 173 -29.03 -9.53 -32.02
N GLN E 174 -28.28 -8.43 -31.90
CA GLN E 174 -28.27 -7.45 -32.97
C GLN E 174 -27.67 -8.01 -34.25
N ALA E 175 -26.62 -8.85 -34.13
CA ALA E 175 -25.99 -9.43 -35.31
C ALA E 175 -26.90 -10.48 -35.95
N LEU E 176 -27.56 -11.29 -35.12
CA LEU E 176 -28.47 -12.30 -35.65
C LEU E 176 -29.69 -11.65 -36.30
N ALA E 177 -30.10 -10.47 -35.83
CA ALA E 177 -31.21 -9.77 -36.45
C ALA E 177 -30.91 -9.34 -37.88
N LYS E 178 -29.63 -9.31 -38.28
CA LYS E 178 -29.26 -9.01 -39.65
C LYS E 178 -29.51 -10.18 -40.59
N PHE E 179 -29.87 -11.35 -40.07
CA PHE E 179 -30.28 -12.47 -40.89
C PHE E 179 -31.78 -12.67 -40.74
N ASP E 180 -32.37 -13.44 -41.65
CA ASP E 180 -33.81 -13.53 -41.81
C ASP E 180 -34.41 -14.72 -41.06
N GLY E 181 -35.61 -14.52 -40.52
CA GLY E 181 -36.45 -15.62 -40.06
C GLY E 181 -36.10 -16.22 -38.71
N ASN E 182 -35.26 -15.56 -37.92
CA ASN E 182 -34.90 -16.05 -36.60
C ASN E 182 -36.00 -15.74 -35.58
N ARG E 183 -36.15 -16.61 -34.55
CA ARG E 183 -37.12 -16.42 -33.48
C ARG E 183 -36.38 -16.44 -32.16
N PHE E 184 -36.65 -15.46 -31.29
CA PHE E 184 -35.91 -15.36 -30.04
C PHE E 184 -36.79 -15.68 -28.84
N TYR E 185 -36.19 -16.31 -27.83
CA TYR E 185 -36.84 -16.57 -26.55
C TYR E 185 -35.98 -16.01 -25.41
N PHE E 186 -36.53 -15.07 -24.64
CA PHE E 186 -35.77 -14.40 -23.56
C PHE E 186 -36.27 -14.85 -22.18
N ILE E 187 -35.43 -15.59 -21.46
CA ILE E 187 -35.76 -16.17 -20.16
C ILE E 187 -34.89 -15.50 -19.10
N ALA E 188 -35.49 -14.69 -18.24
CA ALA E 188 -34.76 -13.93 -17.24
C ALA E 188 -35.70 -13.56 -16.10
N PRO E 189 -35.16 -13.28 -14.90
CA PRO E 189 -35.97 -12.61 -13.88
C PRO E 189 -36.48 -11.28 -14.39
N ASP E 190 -37.63 -10.86 -13.85
CA ASP E 190 -38.29 -9.65 -14.34
C ASP E 190 -37.42 -8.40 -14.15
N ALA E 191 -36.58 -8.38 -13.12
CA ALA E 191 -35.76 -7.20 -12.86
C ALA E 191 -34.64 -7.02 -13.88
N LEU E 192 -34.29 -8.05 -14.65
CA LEU E 192 -33.15 -7.96 -15.56
C LEU E 192 -33.56 -8.28 -17.00
N ALA E 193 -34.64 -7.68 -17.51
CA ALA E 193 -35.07 -8.03 -18.84
C ALA E 193 -34.16 -7.42 -19.89
N MET E 194 -34.26 -7.94 -21.11
CA MET E 194 -33.51 -7.41 -22.24
C MET E 194 -33.90 -5.95 -22.45
N PRO E 195 -32.96 -5.06 -22.77
CA PRO E 195 -33.30 -3.62 -22.92
C PRO E 195 -34.37 -3.33 -23.95
N GLN E 196 -35.19 -2.29 -23.74
CA GLN E 196 -36.14 -2.08 -24.83
C GLN E 196 -35.54 -1.68 -26.15
N TYR E 197 -34.42 -1.00 -26.19
CA TYR E 197 -33.98 -0.59 -27.51
C TYR E 197 -33.70 -1.79 -28.41
N ILE E 198 -33.28 -2.93 -27.84
CA ILE E 198 -33.06 -4.14 -28.63
C ILE E 198 -34.40 -4.77 -29.05
N LEU E 199 -35.34 -4.87 -28.11
CA LEU E 199 -36.66 -5.40 -28.44
C LEU E 199 -37.35 -4.55 -29.51
N ASP E 200 -37.18 -3.24 -29.45
CA ASP E 200 -37.74 -2.36 -30.48
C ASP E 200 -37.02 -2.55 -31.82
N MET E 201 -35.69 -2.73 -31.77
CA MET E 201 -34.96 -3.05 -32.98
C MET E 201 -35.58 -4.27 -33.65
N LEU E 202 -35.91 -5.28 -32.86
CA LEU E 202 -36.55 -6.48 -33.40
C LEU E 202 -37.99 -6.22 -33.85
N ASP E 203 -38.72 -5.36 -33.12
CA ASP E 203 -40.12 -5.09 -33.43
C ASP E 203 -40.25 -4.43 -34.80
N GLU E 204 -39.26 -3.59 -35.13
CA GLU E 204 -39.37 -2.78 -36.32
C GLU E 204 -39.16 -3.65 -37.55
N LYS E 205 -38.43 -4.77 -37.40
CA LYS E 205 -38.33 -5.87 -38.35
C LYS E 205 -39.40 -6.89 -37.97
N GLY E 206 -39.64 -7.83 -38.86
CA GLY E 206 -40.71 -8.78 -38.60
C GLY E 206 -40.16 -9.97 -37.86
N ILE E 207 -39.31 -9.73 -36.86
CA ILE E 207 -38.68 -10.79 -36.09
C ILE E 207 -39.48 -11.04 -34.82
N ALA E 208 -39.79 -12.31 -34.58
CA ALA E 208 -40.62 -12.73 -33.46
C ALA E 208 -39.77 -12.94 -32.21
N TRP E 209 -40.29 -12.50 -31.07
CA TRP E 209 -39.60 -12.70 -29.80
C TRP E 209 -40.64 -12.86 -28.69
N SER E 210 -40.24 -13.53 -27.62
CA SER E 210 -41.11 -13.74 -26.47
C SER E 210 -40.29 -13.80 -25.18
N LEU E 211 -40.96 -13.50 -24.08
CA LEU E 211 -40.39 -13.61 -22.74
C LEU E 211 -40.90 -14.89 -22.09
N HIS E 212 -40.06 -15.46 -21.23
CA HIS E 212 -40.40 -16.67 -20.49
C HIS E 212 -39.74 -16.61 -19.12
N SER E 213 -40.33 -17.34 -18.18
CA SER E 213 -39.85 -17.34 -16.80
C SER E 213 -39.09 -18.61 -16.46
N SER E 214 -39.06 -19.58 -17.37
CA SER E 214 -38.38 -20.83 -17.16
C SER E 214 -37.94 -21.37 -18.51
N ILE E 215 -36.83 -22.12 -18.51
CA ILE E 215 -36.35 -22.71 -19.75
C ILE E 215 -37.25 -23.85 -20.19
N GLU E 216 -37.97 -24.48 -19.26
CA GLU E 216 -38.81 -25.62 -19.59
C GLU E 216 -39.85 -25.25 -20.64
N GLU E 217 -40.27 -23.98 -20.64
CA GLU E 217 -41.28 -23.52 -21.60
C GLU E 217 -40.78 -23.68 -23.04
N VAL E 218 -39.51 -23.37 -23.30
CA VAL E 218 -38.99 -23.32 -24.66
C VAL E 218 -38.10 -24.51 -25.02
N MET E 219 -37.78 -25.38 -24.05
CA MET E 219 -36.69 -26.33 -24.21
C MET E 219 -36.82 -27.17 -25.48
N ALA E 220 -38.04 -27.52 -25.89
CA ALA E 220 -38.17 -28.44 -27.01
C ALA E 220 -37.96 -27.79 -28.38
N GLU E 221 -38.01 -26.46 -28.49
CA GLU E 221 -37.99 -25.78 -29.78
C GLU E 221 -36.67 -25.09 -30.11
N VAL E 222 -35.73 -24.99 -29.17
CA VAL E 222 -34.57 -24.11 -29.32
C VAL E 222 -33.44 -24.84 -30.08
N ASP E 223 -32.77 -24.11 -30.97
CA ASP E 223 -31.54 -24.62 -31.57
C ASP E 223 -30.30 -24.15 -30.83
N ILE E 224 -30.36 -23.00 -30.16
CA ILE E 224 -29.22 -22.45 -29.41
C ILE E 224 -29.71 -21.98 -28.05
N LEU E 225 -28.98 -22.33 -27.00
CA LEU E 225 -29.25 -21.87 -25.64
C LEU E 225 -28.02 -21.11 -25.11
N TYR E 226 -28.07 -19.77 -25.14
CA TYR E 226 -26.96 -18.93 -24.73
C TYR E 226 -27.14 -18.51 -23.26
N MET E 227 -26.25 -18.98 -22.40
CA MET E 227 -26.29 -18.78 -20.96
C MET E 227 -25.49 -17.55 -20.54
N THR E 228 -25.80 -17.04 -19.34
CA THR E 228 -25.10 -15.88 -18.78
C THR E 228 -24.57 -16.11 -17.36
N PHE E 247 -31.95 -19.17 -14.05
CA PHE E 247 -31.92 -20.43 -13.31
C PHE E 247 -30.74 -21.29 -13.73
N VAL E 248 -30.09 -21.94 -12.75
CA VAL E 248 -28.96 -22.81 -13.04
C VAL E 248 -29.43 -24.03 -13.84
N LEU E 249 -28.71 -24.31 -14.93
CA LEU E 249 -29.10 -25.35 -15.88
C LEU E 249 -28.42 -26.66 -15.53
N ARG E 250 -29.22 -27.72 -15.44
CA ARG E 250 -28.74 -29.06 -15.17
C ARG E 250 -29.06 -29.98 -16.35
N ALA E 251 -28.39 -31.14 -16.36
CA ALA E 251 -28.59 -32.10 -17.43
C ALA E 251 -30.04 -32.59 -17.51
N SER E 252 -30.68 -32.78 -16.34
CA SER E 252 -32.08 -33.20 -16.30
C SER E 252 -32.97 -32.30 -17.17
N ASP E 253 -32.71 -31.00 -17.17
CA ASP E 253 -33.55 -30.07 -17.91
C ASP E 253 -33.51 -30.29 -19.42
N LEU E 254 -32.55 -31.07 -19.92
CA LEU E 254 -32.36 -31.22 -21.35
C LEU E 254 -33.08 -32.42 -21.95
N HIS E 255 -34.05 -32.98 -21.21
CA HIS E 255 -34.64 -34.27 -21.62
C HIS E 255 -35.30 -34.20 -23.00
N ASN E 256 -35.93 -33.09 -23.35
CA ASN E 256 -36.67 -33.00 -24.62
C ASN E 256 -36.01 -32.07 -25.64
N ALA E 257 -34.70 -31.88 -25.55
CA ALA E 257 -34.01 -30.97 -26.45
C ALA E 257 -33.82 -31.59 -27.83
N LYS E 258 -33.72 -30.73 -28.83
CA LYS E 258 -33.37 -31.20 -30.17
C LYS E 258 -31.96 -31.79 -30.16
N ALA E 259 -31.73 -32.78 -31.02
CA ALA E 259 -30.42 -33.41 -31.06
C ALA E 259 -29.33 -32.39 -31.40
N ASN E 260 -29.65 -31.42 -32.26
CA ASN E 260 -28.70 -30.40 -32.68
C ASN E 260 -28.53 -29.27 -31.67
N MET E 261 -29.34 -29.23 -30.62
CA MET E 261 -29.29 -28.11 -29.67
C MET E 261 -27.91 -28.01 -29.05
N LYS E 262 -27.41 -26.78 -28.91
CA LYS E 262 -26.13 -26.51 -28.29
C LYS E 262 -26.32 -25.50 -27.16
N VAL E 263 -25.69 -25.77 -26.03
CA VAL E 263 -25.62 -24.82 -24.93
C VAL E 263 -24.33 -24.03 -25.12
N LEU E 264 -24.46 -22.72 -25.23
CA LEU E 264 -23.35 -21.81 -25.39
C LEU E 264 -23.20 -20.98 -24.14
N HIS E 265 -21.98 -20.45 -23.94
CA HIS E 265 -21.67 -19.61 -22.80
C HIS E 265 -20.38 -18.83 -23.08
N PRO E 266 -20.40 -17.50 -22.96
CA PRO E 266 -19.20 -16.71 -23.29
C PRO E 266 -18.02 -17.00 -22.39
N LEU E 267 -18.28 -17.42 -21.14
CA LEU E 267 -17.32 -17.78 -20.12
C LEU E 267 -16.67 -16.53 -19.52
N PRO E 268 -16.28 -16.58 -18.24
CA PRO E 268 -16.36 -17.77 -17.39
C PRO E 268 -17.75 -18.01 -16.82
N ARG E 269 -18.01 -19.23 -16.38
CA ARG E 269 -19.24 -19.59 -15.70
C ARG E 269 -18.97 -19.79 -14.21
N VAL E 270 -20.03 -19.65 -13.41
CA VAL E 270 -19.96 -19.98 -11.99
C VAL E 270 -20.91 -21.15 -11.74
N ASP E 271 -22.16 -20.84 -11.42
CA ASP E 271 -23.15 -21.86 -11.11
C ASP E 271 -24.23 -22.03 -12.16
N GLU E 272 -24.37 -21.08 -13.09
CA GLU E 272 -25.51 -21.07 -13.99
C GLU E 272 -25.58 -22.28 -14.91
N ILE E 273 -24.48 -23.04 -15.05
CA ILE E 273 -24.45 -24.31 -15.73
C ILE E 273 -23.82 -25.33 -14.79
N ALA E 274 -24.57 -26.34 -14.38
CA ALA E 274 -24.06 -27.38 -13.49
C ALA E 274 -23.10 -28.31 -14.23
N THR E 275 -22.16 -28.92 -13.49
CA THR E 275 -21.11 -29.69 -14.14
C THR E 275 -21.62 -30.95 -14.83
N ASP E 276 -22.79 -31.47 -14.43
CA ASP E 276 -23.34 -32.62 -15.12
C ASP E 276 -23.78 -32.30 -16.54
N VAL E 277 -23.86 -31.01 -16.89
CA VAL E 277 -24.13 -30.65 -18.27
C VAL E 277 -22.92 -30.95 -19.14
N ASP E 278 -21.72 -30.93 -18.55
CA ASP E 278 -20.49 -31.01 -19.32
C ASP E 278 -20.42 -32.28 -20.15
N LYS E 279 -20.88 -33.40 -19.60
CA LYS E 279 -20.78 -34.68 -20.29
C LYS E 279 -21.88 -34.90 -21.32
N THR E 280 -22.92 -34.04 -21.35
CA THR E 280 -23.97 -34.20 -22.35
C THR E 280 -23.50 -33.69 -23.72
N PRO E 281 -24.11 -34.18 -24.80
CA PRO E 281 -23.74 -33.69 -26.13
C PRO E 281 -24.12 -32.23 -26.39
N HIS E 282 -25.00 -31.65 -25.57
CA HIS E 282 -25.42 -30.28 -25.83
C HIS E 282 -24.42 -29.26 -25.33
N ALA E 283 -23.59 -29.62 -24.36
CA ALA E 283 -22.59 -28.71 -23.84
C ALA E 283 -21.63 -28.33 -24.95
N TRP E 284 -21.55 -27.02 -25.24
CA TRP E 284 -20.72 -26.54 -26.32
C TRP E 284 -19.97 -25.26 -25.97
N TYR E 285 -19.87 -24.92 -24.68
CA TYR E 285 -19.23 -23.66 -24.33
C TYR E 285 -17.71 -23.71 -24.51
N PHE E 286 -17.08 -24.86 -24.25
CA PHE E 286 -15.63 -24.97 -24.43
C PHE E 286 -15.26 -25.05 -25.91
N GLN E 287 -16.03 -25.80 -26.69
CA GLN E 287 -15.82 -25.78 -28.14
C GLN E 287 -16.01 -24.38 -28.71
N GLN E 288 -17.00 -23.64 -28.21
CA GLN E 288 -17.19 -22.25 -28.59
C GLN E 288 -15.93 -21.42 -28.30
N ALA E 289 -15.42 -21.51 -27.06
CA ALA E 289 -14.17 -20.84 -26.73
C ALA E 289 -13.08 -21.22 -27.72
N GLY E 290 -12.99 -22.50 -28.07
CA GLY E 290 -11.99 -22.94 -29.03
C GLY E 290 -12.15 -22.28 -30.39
N ASN E 291 -13.40 -22.04 -30.79
CA ASN E 291 -13.67 -21.32 -32.05
C ASN E 291 -13.24 -19.86 -31.97
N GLY E 292 -13.09 -19.35 -30.74
CA GLY E 292 -12.48 -18.03 -30.59
C GLY E 292 -11.18 -17.89 -31.36
N ILE E 293 -10.41 -18.97 -31.42
CA ILE E 293 -9.15 -18.97 -32.18
C ILE E 293 -9.40 -18.65 -33.65
N PHE E 294 -10.42 -19.26 -34.24
CA PHE E 294 -10.59 -19.11 -35.68
C PHE E 294 -11.27 -17.78 -36.03
N ALA E 295 -12.13 -17.28 -35.14
CA ALA E 295 -12.63 -15.92 -35.33
C ALA E 295 -11.50 -14.89 -35.29
N ARG E 296 -10.61 -14.99 -34.30
CA ARG E 296 -9.58 -13.97 -34.17
C ARG E 296 -8.48 -14.15 -35.22
N GLN E 297 -8.15 -15.39 -35.58
CA GLN E 297 -7.28 -15.63 -36.73
C GLN E 297 -7.84 -14.96 -37.97
N ALA E 298 -9.14 -15.13 -38.22
CA ALA E 298 -9.76 -14.53 -39.40
C ALA E 298 -9.65 -13.01 -39.36
N LEU E 299 -9.95 -12.42 -38.19
CA LEU E 299 -9.85 -10.96 -38.09
C LEU E 299 -8.42 -10.48 -38.37
N LEU E 300 -7.43 -11.09 -37.71
CA LEU E 300 -6.04 -10.66 -37.91
C LEU E 300 -5.62 -10.84 -39.36
N ALA E 301 -5.97 -11.99 -39.94
CA ALA E 301 -5.58 -12.27 -41.32
C ALA E 301 -6.18 -11.26 -42.28
N LEU E 302 -7.47 -10.96 -42.11
CA LEU E 302 -8.14 -10.05 -43.02
C LEU E 302 -7.61 -8.63 -42.85
N VAL E 303 -7.29 -8.24 -41.62
CA VAL E 303 -6.85 -6.87 -41.39
C VAL E 303 -5.41 -6.65 -41.87
N LEU E 304 -4.55 -7.66 -41.82
CA LEU E 304 -3.13 -7.47 -42.13
C LEU E 304 -2.70 -8.06 -43.47
N ASN E 305 -3.60 -8.77 -44.15
CA ASN E 305 -3.29 -9.42 -45.42
C ASN E 305 -4.27 -8.95 -46.48
N ARG E 306 -3.69 -8.40 -47.57
CA ARG E 306 -4.44 -7.87 -48.71
C ARG E 306 -5.21 -8.95 -49.45
N ASP E 307 -4.49 -9.98 -49.84
CA ASP E 307 -4.91 -10.94 -50.84
C ASP E 307 -5.52 -12.16 -50.18
N LEU E 308 -6.61 -12.66 -50.75
CA LEU E 308 -7.30 -13.72 -50.02
C LEU E 308 -6.79 -15.06 -50.57
N VAL E 309 -5.56 -15.35 -50.12
CA VAL E 309 -4.77 -16.54 -50.43
C VAL E 309 -4.99 -17.51 -49.29
N LEU E 310 -6.23 -17.60 -48.84
CA LEU E 310 -6.59 -18.35 -47.66
C LEU E 310 -7.11 -19.73 -48.03
N ASN F 2 -37.25 5.40 28.63
CA ASN F 2 -35.96 5.45 29.32
C ASN F 2 -35.93 6.70 30.22
N PRO F 3 -35.83 6.49 31.53
CA PRO F 3 -35.91 7.63 32.47
C PRO F 3 -34.64 8.47 32.56
N LEU F 4 -33.50 7.98 32.04
CA LEU F 4 -32.24 8.69 32.15
C LEU F 4 -31.89 9.49 30.90
N TYR F 5 -32.73 9.44 29.88
CA TYR F 5 -32.42 10.12 28.62
C TYR F 5 -32.20 11.61 28.85
N GLN F 6 -31.06 12.11 28.38
CA GLN F 6 -30.66 13.52 28.50
C GLN F 6 -30.63 14.01 29.94
N LYS F 7 -30.44 13.11 30.90
CA LYS F 7 -30.28 13.49 32.30
C LYS F 7 -28.81 13.65 32.66
N HIS F 8 -28.53 14.57 33.57
CA HIS F 8 -27.20 14.66 34.15
C HIS F 8 -26.96 13.53 35.14
N ILE F 9 -25.72 13.06 35.19
CA ILE F 9 -25.28 12.07 36.17
C ILE F 9 -24.16 12.71 36.97
N ILE F 10 -24.49 13.38 38.06
CA ILE F 10 -23.52 14.05 38.89
C ILE F 10 -23.25 13.30 40.18
N SER F 11 -24.29 12.69 40.73
CA SER F 11 -24.21 11.99 41.99
C SER F 11 -24.95 10.67 41.85
N ILE F 12 -24.46 9.64 42.55
CA ILE F 12 -25.14 8.36 42.56
C ILE F 12 -26.55 8.50 43.14
N ASN F 13 -26.73 9.49 44.03
CA ASN F 13 -28.02 9.72 44.67
C ASN F 13 -29.06 10.31 43.74
N ASP F 14 -28.66 10.81 42.58
CA ASP F 14 -29.64 11.26 41.59
C ASP F 14 -30.38 10.11 40.94
N LEU F 15 -30.04 8.86 41.29
CA LEU F 15 -30.63 7.68 40.69
C LEU F 15 -31.56 7.02 41.69
N SER F 16 -32.80 6.80 41.29
CA SER F 16 -33.70 6.02 42.12
C SER F 16 -33.22 4.56 42.12
N ARG F 17 -33.82 3.75 42.99
CA ARG F 17 -33.53 2.31 42.97
C ARG F 17 -33.74 1.72 41.58
N ASP F 18 -34.86 2.09 40.93
CA ASP F 18 -35.14 1.58 39.59
C ASP F 18 -34.09 2.04 38.58
N ASP F 19 -33.71 3.32 38.63
CA ASP F 19 -32.61 3.79 37.78
C ASP F 19 -31.34 2.99 38.01
N LEU F 20 -31.01 2.71 39.27
CA LEU F 20 -29.79 1.97 39.57
C LEU F 20 -29.83 0.59 38.95
N ASN F 21 -30.96 -0.10 39.12
CA ASN F 21 -31.11 -1.41 38.51
C ASN F 21 -31.04 -1.32 36.99
N LEU F 22 -31.60 -0.24 36.42
CA LEU F 22 -31.55 -0.12 34.97
C LEU F 22 -30.12 0.05 34.48
N VAL F 23 -29.33 0.90 35.15
CA VAL F 23 -27.94 1.09 34.77
C VAL F 23 -27.18 -0.22 34.87
N LEU F 24 -27.40 -0.99 35.95
CA LEU F 24 -26.67 -2.25 36.13
C LEU F 24 -27.07 -3.27 35.06
N ALA F 25 -28.38 -3.37 34.76
CA ALA F 25 -28.84 -4.28 33.73
C ALA F 25 -28.29 -3.89 32.35
N THR F 26 -28.28 -2.59 32.03
CA THR F 26 -27.71 -2.15 30.76
C THR F 26 -26.22 -2.48 30.69
N ALA F 27 -25.52 -2.29 31.80
CA ALA F 27 -24.10 -2.63 31.86
C ALA F 27 -23.90 -4.11 31.55
N ALA F 28 -24.71 -4.98 32.16
CA ALA F 28 -24.58 -6.41 31.92
C ALA F 28 -24.89 -6.75 30.47
N LYS F 29 -25.92 -6.11 29.91
CA LYS F 29 -26.34 -6.39 28.53
C LYS F 29 -25.27 -5.97 27.53
N LEU F 30 -24.64 -4.81 27.74
CA LEU F 30 -23.59 -4.37 26.83
C LEU F 30 -22.32 -5.17 27.02
N LYS F 31 -22.04 -5.65 28.24
CA LYS F 31 -20.91 -6.55 28.39
C LYS F 31 -21.13 -7.83 27.60
N ALA F 32 -22.36 -8.37 27.64
CA ALA F 32 -22.65 -9.61 26.93
C ALA F 32 -22.74 -9.38 25.41
N ASN F 33 -23.41 -8.31 25.00
CA ASN F 33 -23.63 -8.00 23.59
C ASN F 33 -23.22 -6.57 23.29
N PRO F 34 -22.00 -6.35 22.80
CA PRO F 34 -21.58 -4.99 22.47
C PRO F 34 -22.49 -4.37 21.42
N GLN F 35 -22.68 -3.05 21.53
CA GLN F 35 -23.46 -2.26 20.57
C GLN F 35 -22.52 -1.23 19.96
N PRO F 36 -21.63 -1.67 19.06
CA PRO F 36 -20.56 -0.76 18.60
C PRO F 36 -21.04 0.38 17.71
N GLU F 37 -22.32 0.47 17.38
CA GLU F 37 -22.80 1.58 16.57
C GLU F 37 -23.91 2.37 17.26
N LEU F 38 -24.13 2.14 18.55
CA LEU F 38 -25.26 2.76 19.22
C LEU F 38 -25.12 4.28 19.23
N LEU F 39 -23.92 4.80 19.47
CA LEU F 39 -23.73 6.24 19.51
C LEU F 39 -22.91 6.74 18.35
N LYS F 40 -22.94 6.05 17.22
CA LYS F 40 -22.27 6.56 16.04
C LYS F 40 -22.86 7.91 15.69
N HIS F 41 -22.01 8.84 15.27
CA HIS F 41 -22.33 10.25 14.97
C HIS F 41 -22.54 11.08 16.22
N LYS F 42 -22.27 10.56 17.39
CA LYS F 42 -22.24 11.39 18.58
C LYS F 42 -20.80 11.85 18.81
N VAL F 43 -20.66 13.08 19.31
CA VAL F 43 -19.37 13.61 19.71
C VAL F 43 -19.43 13.93 21.19
N ILE F 44 -18.48 13.41 21.96
CA ILE F 44 -18.45 13.53 23.40
C ILE F 44 -17.18 14.24 23.82
N ALA F 45 -17.33 15.20 24.73
CA ALA F 45 -16.21 15.96 25.27
C ALA F 45 -15.71 15.27 26.53
N SER F 46 -14.43 14.95 26.54
CA SER F 46 -13.72 14.36 27.66
C SER F 46 -12.94 15.50 28.31
N CYS F 47 -13.49 16.06 29.37
CA CYS F 47 -12.95 17.28 29.97
C CYS F 47 -12.32 16.94 31.32
N PHE F 48 -11.01 16.64 31.33
CA PHE F 48 -10.30 16.32 32.56
C PHE F 48 -9.51 17.54 32.98
N PHE F 49 -10.19 18.44 33.71
CA PHE F 49 -9.54 19.59 34.32
C PHE F 49 -8.40 19.17 35.22
N GLU F 50 -8.52 18.03 35.88
CA GLU F 50 -7.42 17.40 36.60
C GLU F 50 -7.13 16.08 35.91
N ALA F 51 -5.84 15.81 35.68
CA ALA F 51 -5.48 14.58 35.01
C ALA F 51 -5.92 13.37 35.81
N SER F 52 -6.39 12.34 35.10
CA SER F 52 -6.65 11.04 35.73
C SER F 52 -6.67 10.04 34.57
N THR F 53 -5.48 9.54 34.23
CA THR F 53 -5.30 8.74 33.03
C THR F 53 -6.12 7.46 33.05
N ARG F 54 -6.06 6.71 34.15
CA ARG F 54 -6.86 5.49 34.29
C ARG F 54 -8.32 5.77 33.97
N THR F 55 -8.92 6.74 34.66
CA THR F 55 -10.35 6.98 34.49
C THR F 55 -10.67 7.54 33.11
N ARG F 56 -9.81 8.43 32.59
CA ARG F 56 -10.04 8.98 31.26
C ARG F 56 -9.94 7.91 30.19
N LEU F 57 -8.93 7.04 30.27
CA LEU F 57 -8.81 5.98 29.28
C LEU F 57 -10.00 5.04 29.34
N SER F 58 -10.49 4.76 30.56
CA SER F 58 -11.68 3.93 30.70
C SER F 58 -12.92 4.60 30.08
N PHE F 59 -13.16 5.87 30.41
CA PHE F 59 -14.31 6.59 29.87
C PHE F 59 -14.24 6.70 28.34
N GLU F 60 -13.08 7.07 27.81
CA GLU F 60 -12.94 7.26 26.37
C GLU F 60 -13.08 5.94 25.64
N THR F 61 -12.57 4.87 26.23
CA THR F 61 -12.79 3.57 25.64
C THR F 61 -14.27 3.23 25.63
N SER F 62 -15.00 3.53 26.70
CA SER F 62 -16.45 3.36 26.72
C SER F 62 -17.11 4.09 25.54
N MET F 63 -16.73 5.36 25.33
CA MET F 63 -17.28 6.11 24.20
C MET F 63 -16.99 5.41 22.89
N HIS F 64 -15.73 5.00 22.67
CA HIS F 64 -15.41 4.36 21.40
C HIS F 64 -16.11 3.02 21.26
N ARG F 65 -16.28 2.28 22.35
CA ARG F 65 -16.99 1.01 22.26
C ARG F 65 -18.43 1.23 21.82
N LEU F 66 -19.00 2.42 22.06
CA LEU F 66 -20.34 2.68 21.55
C LEU F 66 -20.36 3.37 20.17
N GLY F 67 -19.19 3.64 19.59
CA GLY F 67 -19.11 4.25 18.28
C GLY F 67 -19.09 5.76 18.24
N ALA F 68 -19.02 6.42 19.40
CA ALA F 68 -18.97 7.88 19.43
C ALA F 68 -17.55 8.38 19.19
N SER F 69 -17.46 9.65 18.77
CA SER F 69 -16.19 10.36 18.62
C SER F 69 -15.86 11.12 19.89
N VAL F 70 -14.58 11.40 20.09
CA VAL F 70 -14.10 11.96 21.35
C VAL F 70 -13.22 13.16 21.05
N VAL F 71 -13.53 14.29 21.68
CA VAL F 71 -12.64 15.43 21.75
C VAL F 71 -12.51 15.74 23.22
N GLY F 72 -11.41 16.35 23.62
CA GLY F 72 -11.27 16.66 25.03
C GLY F 72 -9.87 17.15 25.36
N PHE F 73 -9.62 17.21 26.66
CA PHE F 73 -8.36 17.68 27.18
C PHE F 73 -8.12 17.04 28.54
N SER F 74 -6.86 17.02 28.93
CA SER F 74 -6.41 16.73 30.27
C SER F 74 -5.67 17.97 30.78
N ASP F 75 -5.26 17.95 32.04
CA ASP F 75 -4.66 19.15 32.61
C ASP F 75 -3.91 18.83 33.91
N GLU F 86 -10.28 32.61 31.59
CA GLU F 86 -11.72 32.39 31.38
C GLU F 86 -12.42 31.65 32.52
N THR F 87 -13.71 31.93 32.73
CA THR F 87 -14.43 31.29 33.81
C THR F 87 -14.91 29.91 33.37
N LEU F 88 -15.11 29.03 34.36
CA LEU F 88 -15.62 27.69 34.09
C LEU F 88 -16.99 27.75 33.43
N ALA F 89 -17.83 28.69 33.86
CA ALA F 89 -19.14 28.87 33.24
C ALA F 89 -19.01 29.15 31.74
N ASP F 90 -18.09 30.05 31.36
CA ASP F 90 -17.92 30.32 29.94
C ASP F 90 -17.38 29.11 29.19
N THR F 91 -16.42 28.40 29.79
CA THR F 91 -15.87 27.22 29.11
C THR F 91 -16.97 26.21 28.83
N ILE F 92 -17.86 25.99 29.81
CA ILE F 92 -18.95 25.04 29.61
C ILE F 92 -19.97 25.60 28.62
N SER F 93 -20.29 26.89 28.75
CA SER F 93 -21.25 27.53 27.86
C SER F 93 -20.81 27.38 26.41
N VAL F 94 -19.50 27.44 26.17
CA VAL F 94 -18.97 27.28 24.83
C VAL F 94 -19.00 25.81 24.42
N ILE F 95 -18.41 24.94 25.24
CA ILE F 95 -18.23 23.55 24.84
C ILE F 95 -19.58 22.91 24.57
N SER F 96 -20.60 23.25 25.37
CA SER F 96 -21.92 22.67 25.20
C SER F 96 -22.58 23.06 23.88
N THR F 97 -21.99 24.00 23.14
CA THR F 97 -22.45 24.25 21.78
C THR F 97 -21.79 23.34 20.75
N TYR F 98 -20.69 22.67 21.12
CA TYR F 98 -19.96 21.74 20.24
C TYR F 98 -20.47 20.30 20.30
N VAL F 99 -20.72 19.78 21.50
CA VAL F 99 -20.75 18.34 21.79
C VAL F 99 -22.15 17.90 22.22
N ASP F 100 -22.33 16.58 22.29
CA ASP F 100 -23.62 16.00 22.64
C ASP F 100 -23.70 15.54 24.08
N ALA F 101 -22.56 15.36 24.75
CA ALA F 101 -22.51 15.05 26.16
C ALA F 101 -21.13 15.49 26.63
N ILE F 102 -21.04 15.84 27.92
CA ILE F 102 -19.80 16.31 28.52
C ILE F 102 -19.44 15.37 29.66
N VAL F 103 -18.32 14.67 29.52
CA VAL F 103 -17.75 13.87 30.58
C VAL F 103 -16.70 14.73 31.25
N MET F 104 -16.87 14.96 32.55
CA MET F 104 -16.10 16.00 33.23
C MET F 104 -15.51 15.47 34.51
N ARG F 105 -14.21 15.71 34.67
CA ARG F 105 -13.52 15.46 35.93
C ARG F 105 -12.84 16.75 36.36
N HIS F 106 -13.16 17.19 37.58
CA HIS F 106 -12.68 18.44 38.12
C HIS F 106 -12.17 18.18 39.53
N PRO F 107 -11.08 18.83 39.94
CA PRO F 107 -10.57 18.61 41.32
C PRO F 107 -11.57 19.00 42.41
N GLN F 108 -12.48 19.94 42.13
CA GLN F 108 -13.44 20.42 43.12
C GLN F 108 -14.74 19.61 43.10
N GLU F 109 -15.18 19.22 44.30
CA GLU F 109 -16.52 18.68 44.46
C GLU F 109 -17.51 19.81 44.16
N GLY F 110 -18.60 19.49 43.46
CA GLY F 110 -19.56 20.49 43.04
C GLY F 110 -19.30 21.16 41.69
N ALA F 111 -18.13 20.96 41.08
CA ALA F 111 -17.84 21.63 39.80
C ALA F 111 -18.74 21.11 38.68
N ALA F 112 -18.92 19.78 38.59
CA ALA F 112 -19.78 19.22 37.54
C ALA F 112 -21.23 19.67 37.69
N ARG F 113 -21.75 19.68 38.92
CA ARG F 113 -23.10 20.17 39.14
C ARG F 113 -23.23 21.62 38.72
N LEU F 114 -22.22 22.43 39.06
CA LEU F 114 -22.21 23.82 38.60
C LEU F 114 -22.20 23.88 37.08
N ALA F 115 -21.47 22.96 36.43
CA ALA F 115 -21.42 22.94 34.97
C ALA F 115 -22.80 22.69 34.38
N THR F 116 -23.62 21.88 35.04
CA THR F 116 -24.97 21.65 34.52
C THR F 116 -25.78 22.94 34.44
N GLU F 117 -25.41 23.98 35.19
CA GLU F 117 -26.15 25.23 35.09
C GLU F 117 -25.90 25.93 33.76
N PHE F 118 -24.83 25.58 33.06
CA PHE F 118 -24.44 26.25 31.84
C PHE F 118 -24.38 25.35 30.63
N SER F 119 -24.76 24.08 30.77
CA SER F 119 -24.65 23.14 29.65
C SER F 119 -25.94 23.01 28.85
N GLY F 120 -27.03 23.63 29.28
CA GLY F 120 -28.26 23.54 28.52
C GLY F 120 -28.78 22.12 28.41
N ASN F 121 -29.10 21.74 27.18
CA ASN F 121 -29.62 20.43 26.83
C ASN F 121 -28.55 19.34 26.80
N VAL F 122 -27.29 19.69 26.95
CA VAL F 122 -26.19 18.74 26.84
C VAL F 122 -25.99 18.11 28.23
N PRO F 123 -26.15 16.80 28.38
CA PRO F 123 -25.97 16.19 29.68
C PRO F 123 -24.51 16.19 30.12
N VAL F 124 -24.31 16.30 31.43
CA VAL F 124 -23.01 16.25 32.08
C VAL F 124 -22.92 14.95 32.87
N LEU F 125 -21.80 14.25 32.73
CA LEU F 125 -21.55 13.04 33.51
C LEU F 125 -20.30 13.29 34.34
N ASN F 126 -20.44 13.14 35.65
CA ASN F 126 -19.34 13.41 36.58
C ASN F 126 -18.38 12.23 36.56
N ALA F 127 -17.12 12.49 36.23
CA ALA F 127 -16.12 11.46 36.08
C ALA F 127 -15.19 11.35 37.27
N ALA F 128 -15.60 11.87 38.43
CA ALA F 128 -14.77 11.76 39.61
C ALA F 128 -14.67 10.32 40.06
N ASP F 129 -13.54 9.99 40.70
CA ASP F 129 -13.37 8.66 41.26
C ASP F 129 -13.10 8.65 42.75
N ALA F 130 -12.89 9.82 43.38
CA ALA F 130 -12.57 9.83 44.81
C ALA F 130 -13.12 11.01 45.62
N SER F 131 -13.90 11.91 45.03
CA SER F 131 -14.44 13.05 45.79
C SER F 131 -15.60 12.57 46.66
N ASN F 132 -16.47 13.48 47.13
CA ASN F 132 -17.62 13.00 47.90
C ASN F 132 -18.64 12.30 47.01
N GLN F 133 -18.54 12.50 45.71
CA GLN F 133 -19.45 11.94 44.73
C GLN F 133 -18.58 11.47 43.58
N HIS F 134 -18.60 10.17 43.34
CA HIS F 134 -17.83 9.53 42.27
C HIS F 134 -18.72 8.48 41.61
N PRO F 135 -19.81 8.90 40.96
CA PRO F 135 -20.87 7.96 40.60
C PRO F 135 -20.43 6.75 39.77
N THR F 136 -19.54 6.90 38.78
CA THR F 136 -19.17 5.73 37.99
C THR F 136 -18.32 4.77 38.80
N GLN F 137 -17.59 5.26 39.81
CA GLN F 137 -16.84 4.37 40.69
C GLN F 137 -17.76 3.52 41.55
N THR F 138 -18.77 4.16 42.16
CA THR F 138 -19.73 3.39 42.92
C THR F 138 -20.49 2.41 42.03
N LEU F 139 -20.80 2.84 40.79
CA LEU F 139 -21.53 1.96 39.89
C LEU F 139 -20.70 0.75 39.48
N LEU F 140 -19.42 0.96 39.15
CA LEU F 140 -18.61 -0.19 38.78
C LEU F 140 -18.33 -1.10 39.98
N ASP F 141 -18.18 -0.53 41.18
CA ASP F 141 -18.08 -1.36 42.38
C ASP F 141 -19.32 -2.25 42.54
N LEU F 142 -20.52 -1.64 42.51
CA LEU F 142 -21.77 -2.40 42.65
C LEU F 142 -21.92 -3.43 41.54
N PHE F 143 -21.60 -3.05 40.30
CA PHE F 143 -21.72 -3.98 39.20
C PHE F 143 -20.81 -5.18 39.40
N THR F 144 -19.57 -4.94 39.86
CA THR F 144 -18.64 -6.04 40.08
C THR F 144 -19.14 -6.96 41.19
N ILE F 145 -19.67 -6.38 42.27
CA ILE F 145 -20.23 -7.20 43.34
C ILE F 145 -21.39 -8.04 42.81
N GLN F 146 -22.28 -7.43 42.04
CA GLN F 146 -23.45 -8.15 41.55
C GLN F 146 -23.04 -9.24 40.57
N GLU F 147 -22.04 -8.96 39.74
CA GLU F 147 -21.62 -9.94 38.75
C GLU F 147 -20.97 -11.15 39.40
N THR F 148 -20.10 -10.94 40.40
CA THR F 148 -19.40 -12.07 40.99
C THR F 148 -20.18 -12.75 42.10
N GLN F 149 -21.11 -12.05 42.75
CA GLN F 149 -21.90 -12.64 43.83
C GLN F 149 -23.31 -13.01 43.39
N GLY F 150 -23.77 -12.50 42.25
CA GLY F 150 -25.11 -12.84 41.80
C GLY F 150 -26.22 -12.01 42.40
N ARG F 151 -25.90 -11.08 43.29
CA ARG F 151 -26.91 -10.30 44.01
C ARG F 151 -26.19 -9.16 44.71
N LEU F 152 -26.97 -8.20 45.22
CA LEU F 152 -26.45 -7.14 46.07
C LEU F 152 -27.05 -7.17 47.47
N ASP F 153 -27.86 -8.17 47.79
CA ASP F 153 -28.44 -8.35 49.11
C ASP F 153 -27.84 -9.57 49.78
N ASN F 154 -27.98 -9.61 51.11
CA ASN F 154 -27.59 -10.79 51.90
C ASN F 154 -26.15 -11.18 51.60
N LEU F 155 -25.27 -10.19 51.70
CA LEU F 155 -23.84 -10.35 51.47
C LEU F 155 -23.06 -10.04 52.74
N HIS F 156 -21.86 -10.59 52.81
CA HIS F 156 -20.89 -10.28 53.87
C HIS F 156 -19.76 -9.49 53.22
N VAL F 157 -19.66 -8.22 53.61
CA VAL F 157 -18.78 -7.26 52.97
C VAL F 157 -17.88 -6.65 54.04
N ALA F 158 -16.57 -6.80 53.86
CA ALA F 158 -15.58 -6.21 54.75
C ALA F 158 -14.92 -5.04 54.04
N MET F 159 -14.76 -3.93 54.76
CA MET F 159 -14.11 -2.74 54.26
C MET F 159 -12.84 -2.54 55.08
N VAL F 160 -11.69 -2.39 54.40
CA VAL F 160 -10.40 -2.40 55.07
C VAL F 160 -9.64 -1.13 54.71
N GLY F 161 -9.04 -0.48 55.72
CA GLY F 161 -8.12 0.62 55.51
C GLY F 161 -8.57 1.89 56.21
N ASP F 162 -8.28 3.02 55.59
CA ASP F 162 -8.66 4.33 56.15
C ASP F 162 -10.14 4.52 55.82
N LEU F 163 -11.00 4.15 56.76
CA LEU F 163 -12.43 4.23 56.53
C LEU F 163 -13.00 5.62 56.83
N LYS F 164 -12.19 6.50 57.43
CA LYS F 164 -12.64 7.87 57.66
C LYS F 164 -12.55 8.68 56.37
N TYR F 165 -11.50 8.48 55.60
CA TYR F 165 -11.29 9.26 54.40
C TYR F 165 -11.41 8.45 53.12
N GLY F 166 -11.63 7.14 53.23
CA GLY F 166 -11.93 6.34 52.05
C GLY F 166 -13.35 6.58 51.58
N ARG F 167 -13.54 7.53 50.67
CA ARG F 167 -14.88 7.94 50.29
C ARG F 167 -15.60 6.93 49.39
N THR F 168 -14.85 6.08 48.67
CA THR F 168 -15.56 5.07 47.89
C THR F 168 -16.17 4.03 48.81
N VAL F 169 -15.59 3.85 50.01
CA VAL F 169 -16.20 3.01 51.03
C VAL F 169 -17.49 3.65 51.54
N HIS F 170 -17.50 4.97 51.75
CA HIS F 170 -18.72 5.65 52.15
C HIS F 170 -19.82 5.44 51.11
N SER F 171 -19.53 5.78 49.85
CA SER F 171 -20.55 5.61 48.81
C SER F 171 -20.99 4.14 48.70
N LEU F 172 -20.04 3.21 48.68
CA LEU F 172 -20.38 1.81 48.47
C LEU F 172 -21.23 1.27 49.62
N THR F 173 -20.87 1.61 50.88
CA THR F 173 -21.68 1.20 52.02
C THR F 173 -23.08 1.79 51.95
N GLN F 174 -23.19 3.07 51.58
CA GLN F 174 -24.52 3.68 51.51
C GLN F 174 -25.37 3.03 50.42
N ALA F 175 -24.74 2.64 49.30
CA ALA F 175 -25.49 2.01 48.22
C ALA F 175 -25.91 0.59 48.60
N LEU F 176 -25.00 -0.18 49.20
CA LEU F 176 -25.35 -1.54 49.61
C LEU F 176 -26.39 -1.56 50.72
N ALA F 177 -26.38 -0.54 51.59
CA ALA F 177 -27.37 -0.46 52.66
C ALA F 177 -28.79 -0.27 52.14
N LYS F 178 -28.95 0.14 50.88
CA LYS F 178 -30.29 0.22 50.32
C LYS F 178 -30.85 -1.15 49.94
N PHE F 179 -30.05 -2.21 50.01
CA PHE F 179 -30.53 -3.56 49.78
C PHE F 179 -30.63 -4.28 51.12
N ASP F 180 -31.28 -5.43 51.11
CA ASP F 180 -31.65 -6.12 52.34
C ASP F 180 -30.62 -7.16 52.75
N GLY F 181 -30.47 -7.32 54.06
CA GLY F 181 -29.77 -8.46 54.62
C GLY F 181 -28.26 -8.42 54.54
N ASN F 182 -27.68 -7.26 54.20
CA ASN F 182 -26.24 -7.18 54.08
C ASN F 182 -25.61 -7.05 55.46
N ARG F 183 -24.39 -7.58 55.59
CA ARG F 183 -23.63 -7.57 56.83
C ARG F 183 -22.25 -6.96 56.58
N PHE F 184 -21.86 -6.00 57.42
CA PHE F 184 -20.65 -5.22 57.19
C PHE F 184 -19.60 -5.46 58.27
N TYR F 185 -18.34 -5.52 57.85
CA TYR F 185 -17.20 -5.63 58.74
C TYR F 185 -16.28 -4.47 58.42
N PHE F 186 -16.04 -3.62 59.40
CA PHE F 186 -15.24 -2.41 59.22
C PHE F 186 -13.90 -2.63 59.92
N ILE F 187 -12.83 -2.75 59.13
CA ILE F 187 -11.49 -3.02 59.60
C ILE F 187 -10.66 -1.78 59.33
N ALA F 188 -10.28 -1.05 60.38
CA ALA F 188 -9.63 0.24 60.22
C ALA F 188 -8.83 0.54 61.47
N PRO F 189 -7.80 1.39 61.37
CA PRO F 189 -7.22 1.96 62.58
C PRO F 189 -8.28 2.67 63.40
N ASP F 190 -8.08 2.71 64.71
CA ASP F 190 -9.10 3.28 65.60
C ASP F 190 -9.32 4.76 65.31
N ALA F 191 -8.28 5.47 64.91
CA ALA F 191 -8.41 6.90 64.58
C ALA F 191 -9.10 7.14 63.25
N LEU F 192 -9.22 6.13 62.39
CA LEU F 192 -9.77 6.29 61.04
C LEU F 192 -10.99 5.39 60.79
N ALA F 193 -11.95 5.42 61.71
CA ALA F 193 -13.17 4.62 61.68
C ALA F 193 -14.19 5.19 60.69
N MET F 194 -15.21 4.39 60.41
CA MET F 194 -16.28 4.80 59.52
C MET F 194 -16.95 6.06 60.05
N PRO F 195 -17.35 6.99 59.19
CA PRO F 195 -18.00 8.22 59.69
C PRO F 195 -19.23 7.83 60.50
N GLN F 196 -19.46 8.58 61.58
CA GLN F 196 -20.50 8.20 62.51
C GLN F 196 -21.88 8.27 61.87
N TYR F 197 -22.10 9.20 60.94
CA TYR F 197 -23.44 9.30 60.35
C TYR F 197 -23.79 8.07 59.53
N ILE F 198 -22.80 7.41 58.93
CA ILE F 198 -23.07 6.19 58.17
C ILE F 198 -23.39 5.04 59.12
N LEU F 199 -22.59 4.89 60.19
CA LEU F 199 -22.90 3.89 61.20
C LEU F 199 -24.30 4.11 61.79
N ASP F 200 -24.68 5.37 61.97
CA ASP F 200 -26.02 5.65 62.49
C ASP F 200 -27.09 5.27 61.49
N MET F 201 -26.86 5.55 60.21
CA MET F 201 -27.79 5.12 59.17
C MET F 201 -27.95 3.61 59.19
N LEU F 202 -26.84 2.89 59.38
CA LEU F 202 -26.90 1.44 59.39
C LEU F 202 -27.68 0.95 60.61
N ASP F 203 -27.51 1.63 61.75
CA ASP F 203 -28.28 1.27 62.94
C ASP F 203 -29.77 1.54 62.74
N GLU F 204 -30.12 2.64 62.07
CA GLU F 204 -31.53 2.97 61.88
C GLU F 204 -32.21 2.02 60.88
N LYS F 205 -31.46 1.44 59.95
CA LYS F 205 -32.02 0.38 59.12
C LYS F 205 -31.64 -0.99 59.65
N GLY F 206 -31.67 -1.17 60.98
CA GLY F 206 -31.14 -2.36 61.63
C GLY F 206 -30.18 -3.26 60.85
N ILE F 207 -29.18 -2.69 60.21
CA ILE F 207 -28.21 -3.49 59.47
C ILE F 207 -27.05 -3.82 60.40
N ALA F 208 -26.61 -5.08 60.38
CA ALA F 208 -25.59 -5.54 61.31
C ALA F 208 -24.20 -5.19 60.81
N TRP F 209 -23.36 -4.70 61.72
CA TRP F 209 -21.98 -4.38 61.39
C TRP F 209 -21.13 -4.53 62.64
N SER F 210 -19.82 -4.76 62.43
CA SER F 210 -18.89 -4.91 63.54
C SER F 210 -17.55 -4.29 63.18
N LEU F 211 -16.79 -3.95 64.22
CA LEU F 211 -15.45 -3.39 64.08
C LEU F 211 -14.41 -4.49 64.32
N HIS F 212 -13.28 -4.38 63.61
CA HIS F 212 -12.23 -5.37 63.73
C HIS F 212 -10.88 -4.71 63.53
N SER F 213 -9.85 -5.35 64.08
CA SER F 213 -8.49 -4.86 64.04
C SER F 213 -7.62 -5.66 63.08
N SER F 214 -8.14 -6.74 62.49
CA SER F 214 -7.38 -7.63 61.62
C SER F 214 -8.31 -8.16 60.54
N ILE F 215 -7.75 -8.37 59.35
CA ILE F 215 -8.55 -8.83 58.23
C ILE F 215 -8.90 -10.25 58.42
N GLU F 216 -7.98 -10.95 59.04
CA GLU F 216 -8.00 -12.39 59.00
C GLU F 216 -9.04 -12.89 59.98
N GLU F 217 -9.38 -12.09 61.01
CA GLU F 217 -10.49 -12.33 61.94
C GLU F 217 -11.84 -12.55 61.22
N VAL F 218 -12.08 -11.83 60.12
CA VAL F 218 -13.36 -11.90 59.42
C VAL F 218 -13.28 -12.80 58.19
N MET F 219 -12.07 -13.23 57.81
CA MET F 219 -11.85 -13.78 56.46
C MET F 219 -12.81 -14.92 56.11
N ALA F 220 -13.21 -15.72 57.10
CA ALA F 220 -14.00 -16.91 56.81
C ALA F 220 -15.46 -16.61 56.45
N GLU F 221 -15.95 -15.41 56.71
CA GLU F 221 -17.36 -15.15 56.47
C GLU F 221 -17.63 -14.28 55.23
N VAL F 222 -16.63 -13.62 54.67
CA VAL F 222 -16.89 -12.49 53.77
C VAL F 222 -17.01 -12.97 52.32
N ASP F 223 -17.95 -12.37 51.61
CA ASP F 223 -18.10 -12.55 50.17
C ASP F 223 -17.36 -11.49 49.38
N ILE F 224 -17.18 -10.31 49.96
CA ILE F 224 -16.44 -9.23 49.31
C ILE F 224 -15.46 -8.66 50.32
N LEU F 225 -14.20 -8.52 49.91
CA LEU F 225 -13.17 -7.87 50.72
C LEU F 225 -12.74 -6.63 49.95
N TYR F 226 -13.25 -5.46 50.34
CA TYR F 226 -12.97 -4.21 49.65
C TYR F 226 -11.84 -3.48 50.38
N MET F 227 -10.67 -3.40 49.73
CA MET F 227 -9.47 -2.82 50.32
C MET F 227 -9.30 -1.36 49.89
N THR F 228 -8.73 -0.56 50.81
CA THR F 228 -8.31 0.81 50.55
C THR F 228 -6.98 1.04 51.27
N ARG F 229 -6.40 2.23 51.10
CA ARG F 229 -5.10 2.52 51.68
C ARG F 229 -5.20 3.26 53.01
N VAL F 230 -4.14 3.15 53.81
CA VAL F 230 -3.96 3.96 55.00
C VAL F 230 -2.71 4.80 54.76
N GLN F 231 -2.89 6.11 54.56
CA GLN F 231 -1.75 7.01 54.35
C GLN F 231 -1.15 7.43 55.69
N LYS F 232 0.18 7.38 55.78
CA LYS F 232 0.87 7.70 57.03
C LYS F 232 0.47 9.05 57.60
N GLU F 233 0.30 10.06 56.74
CA GLU F 233 0.07 11.42 57.23
C GLU F 233 -1.28 11.61 57.91
N ARG F 234 -2.14 10.58 57.96
CA ARG F 234 -3.42 10.67 58.64
C ARG F 234 -3.35 10.20 60.09
N LEU F 235 -2.25 9.56 60.49
CA LEU F 235 -2.02 9.14 61.86
C LEU F 235 -0.75 9.78 62.37
N ASP F 236 -0.54 9.69 63.66
CA ASP F 236 0.79 10.08 64.11
C ASP F 236 1.75 8.92 63.91
N PRO F 237 3.01 9.19 63.55
CA PRO F 237 3.96 8.08 63.32
C PRO F 237 3.99 7.11 64.49
N SER F 238 3.61 7.59 65.67
CA SER F 238 3.22 6.80 66.83
C SER F 238 2.56 5.49 66.44
N GLU F 239 1.36 5.56 65.89
CA GLU F 239 0.52 4.40 65.67
C GLU F 239 0.72 3.73 64.31
N TYR F 240 1.29 4.44 63.34
CA TYR F 240 1.45 3.90 62.01
C TYR F 240 2.34 2.66 62.03
N ALA F 241 3.62 2.83 62.38
CA ALA F 241 4.52 1.67 62.47
C ALA F 241 3.97 0.63 63.45
N ASN F 242 3.14 1.06 64.40
CA ASN F 242 2.56 0.15 65.36
C ASN F 242 1.59 -0.83 64.71
N VAL F 243 0.68 -0.34 63.86
CA VAL F 243 -0.49 -1.12 63.48
C VAL F 243 -0.69 -1.27 61.98
N LYS F 244 0.14 -0.67 61.13
CA LYS F 244 -0.13 -0.70 59.69
C LYS F 244 -0.18 -2.11 59.14
N ALA F 245 0.61 -3.03 59.71
CA ALA F 245 0.72 -4.38 59.15
C ALA F 245 -0.60 -5.14 59.22
N GLN F 246 -1.54 -4.72 60.08
CA GLN F 246 -2.82 -5.41 60.18
C GLN F 246 -3.76 -5.11 59.01
N PHE F 247 -3.43 -4.14 58.15
CA PHE F 247 -4.29 -3.83 57.02
C PHE F 247 -3.61 -4.13 55.68
N VAL F 248 -2.62 -5.01 55.68
CA VAL F 248 -1.97 -5.47 54.47
C VAL F 248 -2.44 -6.88 54.19
N LEU F 249 -2.92 -7.10 52.97
CA LEU F 249 -3.44 -8.41 52.57
C LEU F 249 -2.34 -9.17 51.83
N ARG F 250 -2.04 -10.38 52.32
CA ARG F 250 -1.14 -11.28 51.63
C ARG F 250 -1.90 -12.56 51.29
N ALA F 251 -1.35 -13.33 50.35
CA ALA F 251 -2.04 -14.55 49.91
C ALA F 251 -2.25 -15.52 51.06
N SER F 252 -1.28 -15.62 51.96
CA SER F 252 -1.42 -16.47 53.14
C SER F 252 -2.75 -16.24 53.88
N ASP F 253 -3.20 -14.96 53.95
CA ASP F 253 -4.41 -14.60 54.66
C ASP F 253 -5.68 -15.18 54.06
N LEU F 254 -5.62 -15.71 52.83
CA LEU F 254 -6.81 -16.17 52.14
C LEU F 254 -7.03 -17.66 52.32
N HIS F 255 -6.29 -18.30 53.23
CA HIS F 255 -6.36 -19.74 53.36
C HIS F 255 -7.76 -20.21 53.74
N ASN F 256 -8.51 -19.40 54.51
CA ASN F 256 -9.83 -19.81 54.95
C ASN F 256 -10.95 -19.05 54.25
N ALA F 257 -10.70 -18.50 53.06
CA ALA F 257 -11.70 -17.69 52.37
C ALA F 257 -12.78 -18.54 51.71
N LYS F 258 -13.96 -17.95 51.60
CA LYS F 258 -15.06 -18.58 50.87
C LYS F 258 -14.73 -18.70 49.39
N ALA F 259 -15.29 -19.72 48.75
CA ALA F 259 -14.98 -19.95 47.35
C ALA F 259 -15.37 -18.77 46.47
N ASN F 260 -16.50 -18.13 46.77
CA ASN F 260 -17.01 -17.02 45.96
C ASN F 260 -16.34 -15.68 46.26
N MET F 261 -15.55 -15.59 47.34
CA MET F 261 -15.03 -14.32 47.81
C MET F 261 -14.21 -13.64 46.73
N LYS F 262 -14.38 -12.33 46.62
CA LYS F 262 -13.60 -11.50 45.69
C LYS F 262 -12.96 -10.36 46.46
N VAL F 263 -11.69 -10.11 46.16
CA VAL F 263 -10.96 -8.96 46.69
C VAL F 263 -11.08 -7.82 45.70
N LEU F 264 -11.62 -6.69 46.16
CA LEU F 264 -11.75 -5.49 45.35
C LEU F 264 -10.86 -4.39 45.92
N HIS F 265 -10.55 -3.42 45.07
CA HIS F 265 -9.75 -2.26 45.44
C HIS F 265 -9.98 -1.19 44.37
N PRO F 266 -10.39 0.01 44.76
CA PRO F 266 -10.70 1.04 43.73
C PRO F 266 -9.50 1.42 42.88
N LEU F 267 -8.27 1.24 43.39
CA LEU F 267 -7.00 1.51 42.74
C LEU F 267 -6.75 3.01 42.69
N PRO F 268 -5.49 3.46 42.75
CA PRO F 268 -4.28 2.62 42.79
C PRO F 268 -4.00 2.02 44.15
N ARG F 269 -3.20 0.94 44.17
CA ARG F 269 -2.73 0.33 45.41
C ARG F 269 -1.27 0.67 45.61
N VAL F 270 -0.81 0.58 46.86
CA VAL F 270 0.61 0.70 47.14
C VAL F 270 1.08 -0.62 47.71
N ASP F 271 1.03 -0.74 49.04
CA ASP F 271 1.45 -1.94 49.74
C ASP F 271 0.29 -2.75 50.31
N GLU F 272 -0.90 -2.18 50.41
CA GLU F 272 -1.98 -2.81 51.16
C GLU F 272 -2.41 -4.16 50.58
N ILE F 273 -2.04 -4.47 49.33
CA ILE F 273 -2.24 -5.79 48.75
C ILE F 273 -0.92 -6.29 48.17
N ALA F 274 -0.41 -7.39 48.71
CA ALA F 274 0.81 -7.98 48.18
C ALA F 274 0.53 -8.68 46.85
N THR F 275 1.54 -8.72 45.99
CA THR F 275 1.34 -9.24 44.64
C THR F 275 1.05 -10.74 44.61
N ASP F 276 1.40 -11.48 45.67
CA ASP F 276 1.07 -12.90 45.66
C ASP F 276 -0.43 -13.15 45.72
N VAL F 277 -1.24 -12.13 46.00
CA VAL F 277 -2.69 -12.26 45.92
C VAL F 277 -3.16 -12.31 44.47
N ASP F 278 -2.42 -11.65 43.56
CA ASP F 278 -2.91 -11.42 42.19
C ASP F 278 -3.23 -12.73 41.47
N LYS F 279 -2.44 -13.77 41.69
CA LYS F 279 -2.67 -15.02 40.98
C LYS F 279 -3.77 -15.88 41.61
N THR F 280 -4.22 -15.55 42.83
CA THR F 280 -5.28 -16.32 43.47
C THR F 280 -6.60 -16.03 42.78
N PRO F 281 -7.58 -16.93 42.89
CA PRO F 281 -8.88 -16.68 42.24
C PRO F 281 -9.65 -15.52 42.86
N HIS F 282 -9.27 -15.09 44.07
CA HIS F 282 -10.01 -14.03 44.74
C HIS F 282 -9.61 -12.64 44.25
N ALA F 283 -8.42 -12.51 43.68
CA ALA F 283 -7.97 -11.23 43.15
C ALA F 283 -8.93 -10.78 42.06
N TRP F 284 -9.58 -9.64 42.28
CA TRP F 284 -10.58 -9.17 41.31
C TRP F 284 -10.51 -7.67 41.09
N TYR F 285 -9.43 -7.00 41.49
CA TYR F 285 -9.38 -5.54 41.34
C TYR F 285 -9.19 -5.14 39.88
N PHE F 286 -8.49 -5.96 39.09
CA PHE F 286 -8.31 -5.63 37.69
C PHE F 286 -9.59 -5.88 36.90
N GLN F 287 -10.27 -7.00 37.17
CA GLN F 287 -11.57 -7.23 36.56
C GLN F 287 -12.57 -6.15 36.96
N GLN F 288 -12.50 -5.70 38.22
CA GLN F 288 -13.31 -4.56 38.67
C GLN F 288 -13.05 -3.32 37.81
N ALA F 289 -11.77 -2.93 37.69
CA ALA F 289 -11.43 -1.80 36.82
C ALA F 289 -11.98 -2.00 35.41
N GLY F 290 -11.84 -3.22 34.86
CA GLY F 290 -12.35 -3.50 33.53
C GLY F 290 -13.86 -3.36 33.42
N ASN F 291 -14.59 -3.70 34.47
CA ASN F 291 -16.03 -3.50 34.50
C ASN F 291 -16.41 -2.03 34.50
N GLY F 292 -15.46 -1.17 34.91
CA GLY F 292 -15.66 0.26 34.69
C GLY F 292 -16.10 0.60 33.27
N ILE F 293 -15.60 -0.17 32.29
CA ILE F 293 -15.99 0.01 30.88
C ILE F 293 -17.49 -0.12 30.72
N PHE F 294 -18.09 -1.13 31.34
CA PHE F 294 -19.50 -1.39 31.10
C PHE F 294 -20.40 -0.51 31.95
N ALA F 295 -19.96 -0.12 33.16
CA ALA F 295 -20.70 0.88 33.91
C ALA F 295 -20.77 2.20 33.14
N ARG F 296 -19.64 2.63 32.56
CA ARG F 296 -19.60 3.91 31.85
C ARG F 296 -20.31 3.84 30.49
N GLN F 297 -20.17 2.71 29.79
CA GLN F 297 -20.98 2.49 28.59
C GLN F 297 -22.47 2.60 28.91
N ALA F 298 -22.90 1.96 30.00
CA ALA F 298 -24.32 1.96 30.34
C ALA F 298 -24.82 3.39 30.55
N LEU F 299 -24.04 4.20 31.27
CA LEU F 299 -24.45 5.59 31.47
C LEU F 299 -24.52 6.35 30.16
N LEU F 300 -23.46 6.27 29.32
CA LEU F 300 -23.50 7.02 28.06
C LEU F 300 -24.65 6.56 27.17
N ALA F 301 -24.88 5.25 27.09
CA ALA F 301 -25.94 4.71 26.25
C ALA F 301 -27.31 5.20 26.71
N LEU F 302 -27.56 5.13 28.03
CA LEU F 302 -28.88 5.54 28.52
C LEU F 302 -29.06 7.05 28.41
N VAL F 303 -28.00 7.82 28.65
CA VAL F 303 -28.15 9.27 28.66
C VAL F 303 -28.30 9.81 27.23
N LEU F 304 -27.68 9.17 26.24
CA LEU F 304 -27.66 9.70 24.89
C LEU F 304 -28.56 8.96 23.90
N ASN F 305 -29.15 7.84 24.29
CA ASN F 305 -30.00 7.07 23.39
C ASN F 305 -31.38 6.92 24.06
N ARG F 306 -32.44 7.45 23.42
CA ARG F 306 -33.82 7.25 23.92
C ARG F 306 -34.29 5.80 23.81
N ASP F 307 -34.06 5.12 22.70
CA ASP F 307 -34.56 3.76 22.52
C ASP F 307 -33.70 2.67 23.11
N LEU F 308 -34.34 1.72 23.79
CA LEU F 308 -33.65 0.66 24.52
C LEU F 308 -33.60 -0.60 23.64
N VAL F 309 -32.54 -0.72 22.86
CA VAL F 309 -32.29 -1.91 22.02
C VAL F 309 -31.31 -2.84 22.74
#